data_4I9Q
#
_entry.id   4I9Q
#
_cell.length_a   73.781
_cell.length_b   119.412
_cell.length_c   146.016
_cell.angle_alpha   90.00
_cell.angle_beta   90.26
_cell.angle_gamma   90.00
#
_symmetry.space_group_name_H-M   'P 1 21 1'
#
loop_
_entity.id
_entity.type
_entity.pdbx_description
1 polymer 'DNA polymerase'
2 polymer "DNA (5'-D(*TP*CP*AP*CP*GP*TP*AP*AP*GP*CP*AP*GP*TP*CP*CP*GP*CP*G)-3')"
3 polymer "DNA (5'-D(*GP*CP*GP*GP*AP*CP*TP*GP*CP*TP*TP*AP*C)-3')"
4 non-polymer "2'-deoxy-5'-O-[(R)-hydroxy{[(R)-hydroxy(phosphonooxy)phosphoryl]amino}phosphoryl]guanosine"
5 non-polymer 'CALCIUM ION'
6 non-polymer 'SODIUM ION'
7 water water
#
loop_
_entity_poly.entity_id
_entity_poly.type
_entity_poly.pdbx_seq_one_letter_code
_entity_poly.pdbx_strand_id
1 'polypeptide(L)'
;MKEFYLTVEQIGDSIFERYIDSNGRERTREVEYKPSLFAHCPESQATKYFDIYGKPCTRKLFANMRDASQWIKRMEDIGL
EALGMDDFKLAYLSDTYNYEIKYDHTKIRVANFDIEVTSPDGFPEPSQAKHPIDAITHYDSIDDRFYVFDLLNSPYGNVE
EWSIEIAAKLQEQGGDEVPSEIIDKIIYMPFDNEKELLMEYLNFWQQKTPVILTGWNVESFAIPYVYNRIKNIFGESTAK
RLSPHRKTRVKVIENMYGSREIITLFGISVLDYIDLYKKFSFTNQPSYSLDYISEFELNVGKLKYDGPISKLRESNHQRY
ISYNIIAVYRVLQIDAKRQFINLSLDMGYYAKIQIQSVFSPIKTWDAIIFNSLKEQNKVIPQGRSHPVQPYPGAFVKEPI
PNRYKYVMSFDLTSLYPSIIRQVNISPETIAGTFKVAPLHDYINAVAERPSDVYSCSPNGMMYYKDRDGVVPTEITKVFN
QRKEHKGYMLAAQRNGEIIKEALHNPNLSVDEPLDVDYRFDFSDEIKEKIKKLSAKSLNEMLFRAQRTEVAGMTAQINRK
LLINSLAGALGNVWFRYYDLRNATAITTFGQMALQWIERKVNEYLNEVCGTEGEAFVLYGDTDSIYVSADKIIDKVGESK
FRDTNHWVDFLDKFARERMEPAIDRGFREMCEYMNNKQHLMFMDREAIAGPPLGSKGIGGFWTGKKRYALNVWAMEGTRY
AEPKLKIMGLETQKSSTPKAVQKALKECIRRMLQEGEESLQEYFKEFEKEFRQLNYISIASVSSANNIAKYDVGGFPGPK
CPFHIRGILTYNRAIKGNIDAPQVVEGEKVYVLPLREGNPFGDKCIAWPSGTEITDLIKDDVLHWMDYTVLLEKTFIKPL
EGFTSAAKLDYEKKASLFDMFDF
;
A,B
2 'polydeoxyribonucleotide' (DT)(DC)(DA)(DC)(DG)(DT)(DA)(DA)(DG)(DC)(DA)(DG)(DT)(DC)(DC)(DG)(DC)(DG) T,D
3 'polydeoxyribonucleotide' (DG)(DC)(DG)(DG)(DA)(DC)(DT)(DG)(DC)(DT)(DT)(DA)(DC) P,C
#
loop_
_chem_comp.id
_chem_comp.type
_chem_comp.name
_chem_comp.formula
CA non-polymer 'CALCIUM ION' 'Ca 2'
DA DNA linking 2'-DEOXYADENOSINE-5'-MONOPHOSPHATE 'C10 H14 N5 O6 P'
DC DNA linking 2'-DEOXYCYTIDINE-5'-MONOPHOSPHATE 'C9 H14 N3 O7 P'
DG DNA linking 2'-DEOXYGUANOSINE-5'-MONOPHOSPHATE 'C10 H14 N5 O7 P'
DT DNA linking THYMIDINE-5'-MONOPHOSPHATE 'C10 H15 N2 O8 P'
NA non-polymer 'SODIUM ION' 'Na 1'
XG4 non-polymer 2'-deoxy-5'-O-[(R)-hydroxy{[(R)-hydroxy(phosphonooxy)phosphoryl]amino}phosphoryl]guanosine 'C10 H17 N6 O12 P3'
#
# COMPACT_ATOMS: atom_id res chain seq x y z
N MET A 1 0.05 7.37 6.71
CA MET A 1 1.09 8.17 6.08
C MET A 1 2.03 7.30 5.27
N LYS A 2 2.63 7.87 4.23
CA LYS A 2 3.56 7.15 3.36
C LYS A 2 4.80 6.74 4.15
N GLU A 3 5.25 5.51 3.95
CA GLU A 3 6.44 5.00 4.64
C GLU A 3 7.72 5.38 3.91
N PHE A 4 8.76 5.67 4.68
CA PHE A 4 10.08 5.96 4.12
C PHE A 4 11.19 5.46 5.03
N TYR A 5 12.29 5.02 4.42
CA TYR A 5 13.42 4.47 5.17
C TYR A 5 14.25 5.56 5.82
N LEU A 6 15.01 5.17 6.84
CA LEU A 6 15.97 6.09 7.48
C LEU A 6 17.38 5.66 7.13
N THR A 7 17.73 4.43 7.49
CA THR A 7 19.03 3.86 7.13
C THR A 7 18.85 2.42 6.67
N VAL A 8 19.80 1.93 5.90
CA VAL A 8 19.76 0.55 5.41
C VAL A 8 21.17 -0.04 5.37
N GLU A 9 21.30 -1.28 5.81
CA GLU A 9 22.59 -1.96 5.83
C GLU A 9 22.49 -3.39 5.34
N GLN A 10 23.62 -3.97 4.94
CA GLN A 10 23.68 -5.38 4.61
C GLN A 10 24.67 -6.10 5.52
N ILE A 11 24.14 -6.95 6.39
CA ILE A 11 24.97 -7.75 7.28
C ILE A 11 24.69 -9.23 7.05
N GLY A 12 25.59 -9.90 6.34
CA GLY A 12 25.39 -11.29 5.97
C GLY A 12 24.25 -11.41 4.98
N ASP A 13 23.37 -12.37 5.21
CA ASP A 13 22.21 -12.58 4.34
C ASP A 13 20.98 -11.83 4.86
N SER A 14 21.21 -10.79 5.65
CA SER A 14 20.12 -10.02 6.24
C SER A 14 20.24 -8.53 5.94
N ILE A 15 19.09 -7.91 5.67
CA ILE A 15 19.03 -6.46 5.47
C ILE A 15 18.52 -5.78 6.73
N PHE A 16 19.32 -4.87 7.27
CA PHE A 16 18.94 -4.12 8.47
C PHE A 16 18.43 -2.74 8.09
N GLU A 17 17.19 -2.45 8.44
CA GLU A 17 16.55 -1.19 8.04
C GLU A 17 15.90 -0.46 9.20
N ARG A 18 16.27 0.80 9.38
CA ARG A 18 15.53 1.70 10.27
C ARG A 18 14.60 2.54 9.39
N TYR A 19 13.37 2.72 9.82
CA TYR A 19 12.38 3.41 9.00
C TYR A 19 11.26 4.03 9.80
N ILE A 20 10.44 4.83 9.12
CA ILE A 20 9.23 5.41 9.69
C ILE A 20 8.03 4.73 9.08
N ASP A 21 7.17 4.15 9.92
CA ASP A 21 6.00 3.41 9.43
C ASP A 21 4.87 4.34 9.01
N SER A 22 3.68 3.75 8.82
CA SER A 22 2.52 4.51 8.39
C SER A 22 1.92 5.32 9.54
N ASN A 23 2.33 5.01 10.76
CA ASN A 23 1.86 5.71 11.95
C ASN A 23 2.82 6.82 12.37
N GLY A 24 3.88 7.00 11.60
CA GLY A 24 4.86 8.04 11.89
C GLY A 24 5.85 7.64 12.97
N ARG A 25 5.89 6.34 13.26
CA ARG A 25 6.76 5.83 14.32
C ARG A 25 8.03 5.23 13.73
N GLU A 26 9.16 5.47 14.41
CA GLU A 26 10.43 4.89 13.98
C GLU A 26 10.52 3.42 14.39
N ARG A 27 10.69 2.55 13.40
CA ARG A 27 10.77 1.12 13.65
C ARG A 27 12.09 0.55 13.12
N THR A 28 12.41 -0.66 13.54
CA THR A 28 13.60 -1.35 13.04
C THR A 28 13.24 -2.80 12.72
N ARG A 29 13.74 -3.30 11.60
CA ARG A 29 13.46 -4.67 11.18
C ARG A 29 14.62 -5.31 10.44
N GLU A 30 14.81 -6.61 10.67
CA GLU A 30 15.83 -7.38 9.97
C GLU A 30 15.15 -8.27 8.94
N VAL A 31 15.53 -8.12 7.68
CA VAL A 31 14.87 -8.83 6.59
C VAL A 31 15.80 -9.77 5.83
N GLU A 32 15.39 -11.03 5.71
CA GLU A 32 16.11 -12.00 4.89
C GLU A 32 15.78 -11.78 3.42
N TYR A 33 16.34 -10.71 2.86
CA TYR A 33 16.05 -10.30 1.49
C TYR A 33 16.52 -11.33 0.47
N LYS A 34 15.60 -11.79 -0.37
CA LYS A 34 15.92 -12.69 -1.46
C LYS A 34 16.03 -11.90 -2.76
N PRO A 35 17.26 -11.56 -3.16
CA PRO A 35 17.48 -10.69 -4.33
C PRO A 35 17.29 -11.45 -5.62
N SER A 36 17.42 -10.76 -6.74
CA SER A 36 17.32 -11.38 -8.05
C SER A 36 18.24 -10.72 -9.06
N LEU A 37 18.97 -11.53 -9.81
CA LEU A 37 19.82 -11.05 -10.89
C LEU A 37 19.34 -11.64 -12.21
N PHE A 38 19.96 -11.23 -13.30
CA PHE A 38 19.46 -11.60 -14.62
C PHE A 38 20.54 -12.14 -15.55
N ALA A 39 20.14 -13.04 -16.44
CA ALA A 39 21.02 -13.58 -17.47
C ALA A 39 20.29 -13.57 -18.82
N HIS A 40 21.03 -13.35 -19.89
CA HIS A 40 20.45 -13.35 -21.23
C HIS A 40 19.85 -14.72 -21.57
N CYS A 41 18.75 -14.70 -22.32
CA CYS A 41 18.07 -15.93 -22.68
C CYS A 41 17.60 -15.88 -24.13
N PRO A 42 17.35 -17.05 -24.74
CA PRO A 42 16.81 -17.10 -26.11
C PRO A 42 15.47 -16.38 -26.20
N GLU A 43 15.14 -15.85 -27.38
CA GLU A 43 13.86 -15.18 -27.60
C GLU A 43 12.70 -16.13 -27.36
N SER A 44 12.90 -17.41 -27.65
CA SER A 44 11.88 -18.43 -27.48
C SER A 44 11.47 -18.60 -26.00
N GLN A 45 12.34 -18.15 -25.10
CA GLN A 45 12.04 -18.20 -23.68
C GLN A 45 11.34 -16.91 -23.25
N ALA A 46 10.01 -16.95 -23.28
CA ALA A 46 9.19 -15.77 -23.00
C ALA A 46 9.44 -15.16 -21.63
N THR A 47 9.50 -13.83 -21.59
CA THR A 47 9.77 -13.11 -20.36
C THR A 47 9.30 -11.65 -20.48
N LYS A 48 9.28 -10.93 -19.37
CA LYS A 48 8.93 -9.52 -19.38
C LYS A 48 10.15 -8.66 -19.05
N TYR A 49 11.31 -9.31 -18.93
CA TYR A 49 12.54 -8.62 -18.61
C TYR A 49 13.48 -8.53 -19.81
N PHE A 50 13.83 -7.31 -20.19
CA PHE A 50 14.78 -7.07 -21.27
C PHE A 50 15.85 -6.11 -20.76
N ASP A 51 17.01 -6.11 -21.40
CA ASP A 51 18.04 -5.14 -21.05
C ASP A 51 17.79 -3.80 -21.73
N ILE A 52 18.80 -2.94 -21.78
CA ILE A 52 18.64 -1.64 -22.41
C ILE A 52 18.76 -1.72 -23.93
N TYR A 53 19.23 -2.86 -24.42
CA TYR A 53 19.40 -3.07 -25.85
C TYR A 53 18.29 -3.91 -26.47
N GLY A 54 17.28 -4.23 -25.65
CA GLY A 54 16.12 -4.96 -26.13
C GLY A 54 16.31 -6.46 -26.16
N LYS A 55 17.38 -6.94 -25.54
CA LYS A 55 17.65 -8.37 -25.48
C LYS A 55 16.97 -9.00 -24.27
N PRO A 56 16.29 -10.14 -24.48
CA PRO A 56 15.54 -10.84 -23.43
C PRO A 56 16.43 -11.36 -22.29
N CYS A 57 15.91 -11.27 -21.07
CA CYS A 57 16.64 -11.74 -19.89
C CYS A 57 15.74 -12.60 -19.01
N THR A 58 16.35 -13.55 -18.30
CA THR A 58 15.61 -14.39 -17.35
C THR A 58 15.92 -13.95 -15.93
N ARG A 59 14.89 -13.93 -15.08
CA ARG A 59 15.07 -13.53 -13.69
C ARG A 59 15.43 -14.72 -12.81
N LYS A 60 16.60 -14.65 -12.19
CA LYS A 60 17.03 -15.68 -11.24
C LYS A 60 16.76 -15.24 -9.80
N LEU A 61 15.76 -15.86 -9.18
CA LEU A 61 15.46 -15.59 -7.78
C LEU A 61 16.36 -16.45 -6.89
N PHE A 62 17.13 -15.79 -6.04
CA PHE A 62 18.06 -16.50 -5.16
C PHE A 62 17.50 -16.62 -3.75
N ALA A 63 17.83 -17.72 -3.08
CA ALA A 63 17.37 -17.96 -1.71
C ALA A 63 17.93 -16.94 -0.74
N ASN A 64 19.14 -16.46 -1.03
CA ASN A 64 19.77 -15.43 -0.21
C ASN A 64 20.78 -14.60 -1.01
N MET A 65 21.23 -13.50 -0.42
CA MET A 65 22.17 -12.59 -1.07
C MET A 65 23.54 -13.23 -1.27
N ARG A 66 23.80 -14.29 -0.50
CA ARG A 66 25.05 -15.05 -0.62
C ARG A 66 25.10 -15.81 -1.94
N ASP A 67 24.02 -16.54 -2.24
CA ASP A 67 23.94 -17.31 -3.47
C ASP A 67 24.01 -16.41 -4.70
N ALA A 68 23.44 -15.22 -4.58
CA ALA A 68 23.44 -14.26 -5.67
C ALA A 68 24.85 -13.74 -5.93
N SER A 69 25.59 -13.48 -4.85
CA SER A 69 26.94 -12.97 -4.96
C SER A 69 27.88 -14.03 -5.53
N GLN A 70 27.62 -15.29 -5.20
CA GLN A 70 28.42 -16.39 -5.72
C GLN A 70 28.10 -16.69 -7.17
N TRP A 71 26.86 -16.45 -7.57
CA TRP A 71 26.43 -16.65 -8.95
C TRP A 71 27.17 -15.69 -9.87
N ILE A 72 27.38 -14.46 -9.41
CA ILE A 72 28.15 -13.47 -10.16
C ILE A 72 29.55 -13.98 -10.44
N LYS A 73 30.13 -14.67 -9.46
CA LYS A 73 31.46 -15.26 -9.61
C LYS A 73 31.49 -16.34 -10.69
N ARG A 74 30.55 -17.28 -10.61
CA ARG A 74 30.50 -18.38 -11.58
C ARG A 74 30.28 -17.87 -13.01
N MET A 75 29.41 -16.88 -13.16
CA MET A 75 29.16 -16.27 -14.46
C MET A 75 30.42 -15.58 -14.98
N GLU A 76 31.22 -15.02 -14.07
CA GLU A 76 32.49 -14.43 -14.43
C GLU A 76 33.49 -15.50 -14.84
N ASP A 77 33.46 -16.63 -14.13
CA ASP A 77 34.31 -17.76 -14.47
C ASP A 77 33.96 -18.28 -15.86
N ILE A 78 32.68 -18.44 -16.13
CA ILE A 78 32.22 -18.87 -17.45
C ILE A 78 32.50 -17.78 -18.49
N GLY A 79 32.32 -16.53 -18.09
CA GLY A 79 32.59 -15.42 -18.97
C GLY A 79 31.34 -14.88 -19.64
N LEU A 80 30.22 -14.98 -18.94
CA LEU A 80 28.95 -14.42 -19.41
C LEU A 80 28.51 -13.28 -18.50
N GLU A 81 27.76 -12.34 -19.05
CA GLU A 81 27.33 -11.17 -18.30
C GLU A 81 26.32 -11.52 -17.21
N ALA A 82 26.52 -10.97 -16.02
CA ALA A 82 25.58 -11.12 -14.92
C ALA A 82 24.88 -9.79 -14.69
N LEU A 83 23.69 -9.65 -15.24
CA LEU A 83 22.97 -8.38 -15.22
C LEU A 83 22.18 -8.19 -13.93
N GLY A 84 21.83 -6.94 -13.64
CA GLY A 84 21.08 -6.62 -12.45
C GLY A 84 21.88 -5.84 -11.42
N MET A 85 21.17 -5.23 -10.48
CA MET A 85 21.79 -4.42 -9.43
C MET A 85 22.52 -5.30 -8.41
N ASP A 86 23.84 -5.32 -8.50
CA ASP A 86 24.66 -6.13 -7.61
C ASP A 86 24.73 -5.56 -6.19
N ASP A 87 24.42 -4.28 -6.05
CA ASP A 87 24.29 -3.67 -4.74
C ASP A 87 22.91 -4.01 -4.19
N PHE A 88 22.84 -5.10 -3.43
CA PHE A 88 21.58 -5.68 -2.99
C PHE A 88 20.72 -4.77 -2.11
N LYS A 89 21.37 -3.87 -1.36
CA LYS A 89 20.63 -2.98 -0.48
C LYS A 89 19.89 -1.90 -1.27
N LEU A 90 20.41 -1.55 -2.45
CA LEU A 90 19.74 -0.59 -3.31
C LEU A 90 18.49 -1.22 -3.93
N ALA A 91 18.59 -2.49 -4.29
CA ALA A 91 17.46 -3.21 -4.87
C ALA A 91 16.36 -3.40 -3.84
N TYR A 92 16.76 -3.62 -2.59
CA TYR A 92 15.80 -3.76 -1.50
C TYR A 92 14.99 -2.47 -1.32
N LEU A 93 15.69 -1.35 -1.38
CA LEU A 93 15.04 -0.04 -1.28
C LEU A 93 14.08 0.19 -2.44
N SER A 94 14.45 -0.32 -3.61
CA SER A 94 13.64 -0.14 -4.81
C SER A 94 12.35 -0.94 -4.73
N ASP A 95 12.44 -2.15 -4.18
CA ASP A 95 11.27 -3.01 -4.03
C ASP A 95 10.38 -2.54 -2.88
N THR A 96 11.00 -2.19 -1.76
CA THR A 96 10.26 -1.79 -0.57
C THR A 96 9.54 -0.47 -0.78
N TYR A 97 10.19 0.45 -1.49
CA TYR A 97 9.62 1.77 -1.75
C TYR A 97 9.49 2.03 -3.24
N ASN A 98 8.63 1.27 -3.90
CA ASN A 98 8.43 1.40 -5.34
C ASN A 98 7.51 2.57 -5.68
N TYR A 99 7.93 3.77 -5.28
CA TYR A 99 7.16 4.98 -5.51
C TYR A 99 8.02 6.19 -5.15
N GLU A 100 7.63 7.37 -5.63
CA GLU A 100 8.36 8.59 -5.28
C GLU A 100 8.24 8.86 -3.78
N ILE A 101 9.38 8.92 -3.11
CA ILE A 101 9.40 9.10 -1.67
C ILE A 101 9.16 10.54 -1.24
N LYS A 102 8.05 10.77 -0.55
CA LYS A 102 7.74 12.07 0.02
C LYS A 102 7.95 11.99 1.54
N TYR A 103 9.14 12.34 1.99
CA TYR A 103 9.51 12.15 3.38
C TYR A 103 9.18 13.33 4.27
N ASP A 104 9.06 13.06 5.57
CA ASP A 104 8.87 14.12 6.57
C ASP A 104 10.15 14.26 7.38
N HIS A 105 10.82 15.40 7.22
CA HIS A 105 12.12 15.62 7.85
C HIS A 105 12.03 15.72 9.37
N THR A 106 10.86 16.05 9.88
CA THR A 106 10.67 16.21 11.33
C THR A 106 10.71 14.87 12.06
N LYS A 107 10.55 13.78 11.32
CA LYS A 107 10.61 12.44 11.89
C LYS A 107 12.03 11.90 11.80
N ILE A 108 12.90 12.63 11.13
CA ILE A 108 14.29 12.21 10.95
C ILE A 108 15.17 12.82 12.03
N ARG A 109 15.76 11.97 12.87
CA ARG A 109 16.58 12.45 13.97
C ARG A 109 17.97 12.83 13.49
N VAL A 110 18.18 14.13 13.31
CA VAL A 110 19.48 14.66 12.91
C VAL A 110 20.27 15.08 14.15
N ALA A 111 21.45 14.51 14.31
CA ALA A 111 22.27 14.77 15.50
C ALA A 111 23.51 15.60 15.18
N ASN A 112 23.64 16.74 15.84
N ASN A 112 23.66 16.72 15.86
CA ASN A 112 24.83 17.58 15.70
CA ASN A 112 24.83 17.58 15.70
C ASN A 112 25.59 17.64 17.02
C ASN A 112 25.61 17.67 17.00
N PHE A 113 26.76 17.01 17.07
CA PHE A 113 27.54 16.96 18.30
C PHE A 113 29.01 17.30 18.14
N ASP A 114 29.61 17.78 19.22
CA ASP A 114 31.03 18.07 19.28
C ASP A 114 31.55 17.81 20.70
N ILE A 115 32.81 17.40 20.81
CA ILE A 115 33.37 17.09 22.12
C ILE A 115 34.60 17.95 22.41
N GLU A 116 35.01 17.97 23.67
CA GLU A 116 36.24 18.64 24.07
C GLU A 116 37.13 17.67 24.84
N VAL A 117 38.43 17.70 24.55
CA VAL A 117 39.39 16.83 25.23
C VAL A 117 40.64 17.60 25.63
N THR A 118 40.89 17.70 26.93
CA THR A 118 42.08 18.38 27.43
C THR A 118 43.31 17.51 27.22
N SER A 119 44.31 18.06 26.55
CA SER A 119 45.54 17.32 26.26
C SER A 119 46.77 18.21 26.41
N PRO A 120 47.62 17.90 27.41
CA PRO A 120 48.84 18.67 27.68
C PRO A 120 50.01 18.23 26.81
N ASP A 121 49.88 17.09 26.14
CA ASP A 121 50.97 16.55 25.34
C ASP A 121 50.61 16.39 23.86
N GLY A 122 50.15 17.46 23.24
CA GLY A 122 49.86 17.45 21.81
C GLY A 122 48.44 17.08 21.47
N PHE A 123 48.16 16.92 20.18
CA PHE A 123 46.83 16.59 19.71
C PHE A 123 46.42 15.19 20.17
N PRO A 124 45.24 15.09 20.80
CA PRO A 124 44.72 13.82 21.30
C PRO A 124 44.26 12.91 20.16
N GLU A 125 45.13 12.00 19.73
CA GLU A 125 44.83 11.09 18.64
C GLU A 125 43.68 10.16 18.99
N PRO A 126 42.62 10.16 18.16
CA PRO A 126 41.43 9.34 18.35
C PRO A 126 41.73 7.85 18.34
N SER A 127 42.82 7.45 17.70
CA SER A 127 43.20 6.03 17.65
CA SER A 127 43.19 6.03 17.64
C SER A 127 43.64 5.52 19.01
N GLN A 128 44.19 6.42 19.83
CA GLN A 128 44.67 6.05 21.15
C GLN A 128 43.67 6.43 22.24
N ALA A 129 43.11 7.64 22.12
CA ALA A 129 42.21 8.19 23.13
C ALA A 129 42.83 8.14 24.53
N LYS A 130 44.02 8.72 24.64
CA LYS A 130 44.78 8.70 25.89
C LYS A 130 44.10 9.51 27.00
N HIS A 131 43.47 10.61 26.61
CA HIS A 131 42.96 11.57 27.58
C HIS A 131 41.44 11.53 27.70
N PRO A 132 40.93 11.81 28.91
CA PRO A 132 39.47 11.78 29.19
C PRO A 132 38.67 12.76 28.34
N ILE A 133 37.43 12.39 28.04
CA ILE A 133 36.50 13.29 27.39
C ILE A 133 35.81 14.12 28.48
N ASP A 134 36.08 15.42 28.49
CA ASP A 134 35.59 16.27 29.57
C ASP A 134 34.40 17.15 29.19
N ALA A 135 33.95 17.04 27.94
CA ALA A 135 32.78 17.79 27.49
C ALA A 135 32.17 17.19 26.23
N ILE A 136 30.84 17.09 26.22
CA ILE A 136 30.08 16.66 25.05
C ILE A 136 28.81 17.46 24.92
N THR A 137 28.65 18.18 23.81
CA THR A 137 27.39 18.84 23.50
C THR A 137 26.71 18.12 22.36
N HIS A 138 25.45 17.73 22.57
CA HIS A 138 24.74 16.92 21.61
C HIS A 138 23.36 17.52 21.30
N TYR A 139 23.25 18.16 20.14
CA TYR A 139 21.97 18.72 19.72
C TYR A 139 21.11 17.68 19.02
N ASP A 140 19.85 17.59 19.44
CA ASP A 140 18.90 16.66 18.85
C ASP A 140 17.84 17.42 18.06
N SER A 141 17.72 17.12 16.77
CA SER A 141 16.80 17.85 15.89
C SER A 141 15.33 17.60 16.22
N ILE A 142 15.05 16.43 16.78
CA ILE A 142 13.68 16.08 17.14
C ILE A 142 13.26 16.78 18.45
N ASP A 143 14.15 16.78 19.42
CA ASP A 143 13.88 17.43 20.70
C ASP A 143 14.13 18.93 20.65
N ASP A 144 14.94 19.36 19.67
CA ASP A 144 15.36 20.76 19.57
C ASP A 144 16.01 21.22 20.87
N ARG A 145 16.92 20.39 21.39
CA ARG A 145 17.60 20.68 22.65
C ARG A 145 19.10 20.42 22.56
N PHE A 146 19.87 21.22 23.30
CA PHE A 146 21.31 21.03 23.37
C PHE A 146 21.66 20.29 24.67
N TYR A 147 21.85 18.98 24.56
CA TYR A 147 22.22 18.17 25.72
C TYR A 147 23.72 18.28 25.99
N VAL A 148 24.07 18.87 27.13
CA VAL A 148 25.47 19.13 27.46
C VAL A 148 25.97 18.20 28.56
N PHE A 149 27.03 17.45 28.25
CA PHE A 149 27.65 16.55 29.19
C PHE A 149 28.94 17.15 29.71
N ASP A 150 28.98 17.47 31.01
CA ASP A 150 30.09 18.21 31.59
C ASP A 150 30.79 17.43 32.70
N LEU A 151 32.05 17.08 32.46
CA LEU A 151 32.86 16.37 33.44
C LEU A 151 33.45 17.31 34.47
N LEU A 152 33.11 17.10 35.74
CA LEU A 152 33.59 17.96 36.81
C LEU A 152 34.94 17.52 37.37
N ASN A 153 35.17 16.21 37.40
CA ASN A 153 36.41 15.68 37.97
C ASN A 153 37.22 14.82 36.98
N SER A 154 38.45 15.25 36.71
CA SER A 154 39.36 14.52 35.86
C SER A 154 40.77 14.70 36.41
N PRO A 155 41.73 13.86 35.97
CA PRO A 155 43.12 14.02 36.44
C PRO A 155 43.75 15.36 36.05
N TYR A 156 43.06 16.14 35.22
CA TYR A 156 43.57 17.45 34.81
C TYR A 156 42.90 18.58 35.57
N GLY A 157 42.26 18.25 36.68
CA GLY A 157 41.68 19.25 37.55
C GLY A 157 40.21 19.08 37.82
N ASN A 158 39.77 19.46 39.02
CA ASN A 158 38.37 19.45 39.38
C ASN A 158 37.79 20.86 39.26
N VAL A 159 36.58 20.95 38.70
CA VAL A 159 35.96 22.25 38.47
C VAL A 159 34.54 22.32 39.02
N GLU A 160 34.01 23.53 39.10
CA GLU A 160 32.62 23.74 39.54
C GLU A 160 31.69 23.63 38.34
N GLU A 161 30.39 23.54 38.60
CA GLU A 161 29.41 23.44 37.53
C GLU A 161 29.36 24.69 36.66
N TRP A 162 29.07 24.49 35.38
CA TRP A 162 28.89 25.59 34.45
C TRP A 162 27.63 26.38 34.80
N SER A 163 27.69 27.70 34.66
CA SER A 163 26.56 28.56 34.99
C SER A 163 25.84 29.04 33.74
N ILE A 164 24.54 28.73 33.66
CA ILE A 164 23.74 29.13 32.52
C ILE A 164 23.43 30.63 32.59
N GLU A 165 23.42 31.18 33.80
CA GLU A 165 23.19 32.60 33.99
C GLU A 165 24.38 33.42 33.49
N ILE A 166 25.59 32.95 33.81
CA ILE A 166 26.81 33.61 33.37
C ILE A 166 26.97 33.51 31.86
N ALA A 167 26.62 32.36 31.30
CA ALA A 167 26.71 32.14 29.86
C ALA A 167 25.75 33.05 29.09
N ALA A 168 24.67 33.46 29.77
CA ALA A 168 23.68 34.34 29.15
C ALA A 168 24.10 35.80 29.22
N LYS A 169 24.99 36.11 30.16
CA LYS A 169 25.50 37.46 30.33
C LYS A 169 26.26 37.91 29.08
N LEU A 170 26.22 39.21 28.81
CA LEU A 170 26.96 39.77 27.68
C LEU A 170 28.46 39.66 27.91
N GLN A 171 29.23 39.80 26.83
CA GLN A 171 30.69 39.74 26.91
C GLN A 171 31.23 40.87 27.78
N GLU A 172 30.53 42.01 27.75
CA GLU A 172 30.94 43.19 28.51
C GLU A 172 30.52 43.06 29.97
N GLN A 173 29.82 41.99 30.29
CA GLN A 173 29.46 41.68 31.67
C GLN A 173 30.37 40.58 32.20
N GLY A 174 31.28 40.11 31.35
CA GLY A 174 32.16 39.01 31.70
C GLY A 174 31.56 37.68 31.33
N GLY A 175 30.38 37.73 30.70
CA GLY A 175 29.67 36.53 30.31
C GLY A 175 30.13 35.96 28.98
N ASP A 176 29.38 35.01 28.47
CA ASP A 176 29.75 34.31 27.25
C ASP A 176 28.82 34.68 26.08
N GLU A 177 27.75 35.38 26.40
CA GLU A 177 26.77 35.85 25.41
C GLU A 177 26.27 34.73 24.50
N VAL A 178 25.81 33.65 25.11
CA VAL A 178 25.22 32.54 24.37
C VAL A 178 23.81 32.95 23.96
N PRO A 179 23.53 32.90 22.65
CA PRO A 179 22.28 33.35 22.02
C PRO A 179 21.01 33.00 22.81
N SER A 180 20.13 33.98 22.97
CA SER A 180 18.91 33.81 23.75
CA SER A 180 18.91 33.81 23.75
C SER A 180 17.98 32.75 23.17
N GLU A 181 18.11 32.49 21.87
CA GLU A 181 17.24 31.52 21.21
C GLU A 181 17.67 30.07 21.42
N ILE A 182 18.77 29.86 22.14
CA ILE A 182 19.22 28.50 22.43
C ILE A 182 19.47 28.28 23.92
N ILE A 183 19.51 29.36 24.69
CA ILE A 183 19.81 29.26 26.12
C ILE A 183 18.70 28.54 26.89
N ASP A 184 17.46 28.64 26.39
CA ASP A 184 16.33 27.94 26.98
C ASP A 184 16.22 26.53 26.44
N LYS A 185 17.06 26.20 25.47
CA LYS A 185 17.07 24.88 24.85
C LYS A 185 18.24 24.04 25.33
N ILE A 186 18.94 24.52 26.36
CA ILE A 186 20.07 23.80 26.92
C ILE A 186 19.67 22.88 28.07
N ILE A 187 20.03 21.61 27.97
CA ILE A 187 19.85 20.66 29.05
C ILE A 187 21.21 20.31 29.66
N TYR A 188 21.46 20.82 30.85
CA TYR A 188 22.78 20.68 31.47
C TYR A 188 22.87 19.50 32.43
N MET A 189 23.86 18.64 32.20
CA MET A 189 24.06 17.45 33.01
C MET A 189 25.50 17.34 33.51
N PRO A 190 25.71 17.64 34.81
CA PRO A 190 27.03 17.51 35.45
C PRO A 190 27.33 16.06 35.80
N PHE A 191 28.60 15.69 35.81
CA PHE A 191 29.00 14.32 36.15
C PHE A 191 30.25 14.30 37.04
N ASP A 192 30.21 13.46 38.07
CA ASP A 192 31.31 13.40 39.04
CA ASP A 192 31.29 13.38 39.05
C ASP A 192 32.54 12.71 38.49
N ASN A 193 32.36 11.83 37.51
CA ASN A 193 33.48 11.14 36.88
C ASN A 193 33.21 10.74 35.44
N GLU A 194 34.27 10.36 34.73
CA GLU A 194 34.17 10.10 33.29
C GLU A 194 33.32 8.87 32.95
N LYS A 195 33.46 7.82 33.76
CA LYS A 195 32.69 6.60 33.54
C LYS A 195 31.18 6.87 33.57
N GLU A 196 30.73 7.65 34.53
N GLU A 196 30.74 7.64 34.55
CA GLU A 196 29.32 7.97 34.66
CA GLU A 196 29.33 7.99 34.67
C GLU A 196 28.83 8.88 33.53
C GLU A 196 28.86 8.82 33.49
N LEU A 197 29.73 9.73 33.03
CA LEU A 197 29.42 10.60 31.90
C LEU A 197 29.19 9.77 30.64
N LEU A 198 30.11 8.85 30.38
CA LEU A 198 30.06 8.02 29.18
C LEU A 198 28.92 7.02 29.23
N MET A 199 28.69 6.43 30.40
CA MET A 199 27.59 5.49 30.60
C MET A 199 26.25 6.14 30.31
N GLU A 200 26.06 7.36 30.83
CA GLU A 200 24.82 8.09 30.61
CA GLU A 200 24.82 8.09 30.62
C GLU A 200 24.67 8.53 29.17
N TYR A 201 25.78 8.86 28.52
CA TYR A 201 25.75 9.27 27.12
C TYR A 201 25.29 8.14 26.22
N LEU A 202 25.68 6.92 26.56
CA LEU A 202 25.26 5.75 25.80
C LEU A 202 23.77 5.45 26.00
N ASN A 203 23.32 5.59 27.25
CA ASN A 203 21.89 5.49 27.55
C ASN A 203 21.11 6.56 26.81
N PHE A 204 21.72 7.73 26.70
CA PHE A 204 21.16 8.83 25.93
C PHE A 204 21.20 8.52 24.44
N TRP A 205 22.28 7.89 24.01
CA TRP A 205 22.47 7.54 22.60
C TRP A 205 21.48 6.49 22.13
N GLN A 206 21.20 5.51 22.98
CA GLN A 206 20.30 4.42 22.63
C GLN A 206 18.84 4.84 22.63
N GLN A 207 18.51 5.83 23.46
CA GLN A 207 17.15 6.34 23.54
C GLN A 207 16.85 7.27 22.37
N LYS A 208 17.86 8.02 21.94
CA LYS A 208 17.71 8.96 20.84
C LYS A 208 18.75 8.69 19.76
N THR A 209 18.69 7.50 19.16
CA THR A 209 19.67 7.09 18.17
C THR A 209 19.63 7.96 16.92
N PRO A 210 20.78 8.57 16.57
CA PRO A 210 20.90 9.44 15.40
C PRO A 210 20.68 8.69 14.09
N VAL A 211 19.90 9.29 13.19
CA VAL A 211 19.77 8.78 11.84
C VAL A 211 20.82 9.48 10.99
N ILE A 212 20.84 10.80 11.09
CA ILE A 212 21.87 11.61 10.46
C ILE A 212 22.80 12.15 11.53
N LEU A 213 24.06 11.74 11.49
CA LEU A 213 25.05 12.18 12.47
C LEU A 213 26.02 13.17 11.84
N THR A 214 26.04 14.39 12.35
CA THR A 214 26.85 15.44 11.74
C THR A 214 27.56 16.31 12.77
N GLY A 215 28.29 17.30 12.27
CA GLY A 215 29.10 18.18 13.10
C GLY A 215 30.31 18.62 12.32
N TRP A 216 31.34 19.09 13.01
CA TRP A 216 32.56 19.53 12.33
C TRP A 216 33.73 18.62 12.68
N ASN A 217 34.27 17.95 11.67
CA ASN A 217 35.32 16.95 11.84
C ASN A 217 34.93 15.81 12.77
N VAL A 218 33.64 15.48 12.79
CA VAL A 218 33.14 14.41 13.66
C VAL A 218 33.60 13.03 13.18
N GLU A 219 33.79 12.88 11.88
CA GLU A 219 34.17 11.57 11.32
C GLU A 219 35.65 11.26 11.57
N SER A 220 36.48 12.30 11.54
CA SER A 220 37.92 12.11 11.70
C SER A 220 38.39 12.29 13.13
N PHE A 221 37.52 12.82 13.99
CA PHE A 221 37.90 13.05 15.38
C PHE A 221 36.86 12.59 16.40
N ALA A 222 35.72 13.28 16.45
CA ALA A 222 34.72 13.07 17.49
C ALA A 222 34.19 11.64 17.58
N ILE A 223 33.82 11.06 16.44
CA ILE A 223 33.33 9.69 16.42
C ILE A 223 34.37 8.63 16.78
N PRO A 224 35.56 8.66 16.13
CA PRO A 224 36.54 7.63 16.51
C PRO A 224 37.08 7.80 17.92
N TYR A 225 37.11 9.03 18.44
CA TYR A 225 37.62 9.25 19.79
C TYR A 225 36.66 8.67 20.83
N VAL A 226 35.37 8.97 20.68
CA VAL A 226 34.35 8.45 21.58
C VAL A 226 34.31 6.92 21.53
N TYR A 227 34.42 6.37 20.33
CA TYR A 227 34.40 4.92 20.15
C TYR A 227 35.59 4.25 20.83
N ASN A 228 36.78 4.81 20.62
CA ASN A 228 38.00 4.24 21.19
C ASN A 228 38.12 4.46 22.69
N ARG A 229 37.69 5.63 23.15
CA ARG A 229 37.74 5.95 24.58
C ARG A 229 36.83 5.03 25.38
N ILE A 230 35.65 4.76 24.84
CA ILE A 230 34.71 3.85 25.47
C ILE A 230 35.22 2.41 25.39
N LYS A 231 35.87 2.09 24.27
CA LYS A 231 36.45 0.76 24.08
C LYS A 231 37.54 0.46 25.12
N ASN A 232 38.41 1.43 25.35
CA ASN A 232 39.52 1.25 26.29
C ASN A 232 39.05 1.10 27.73
N ILE A 233 37.94 1.75 28.06
CA ILE A 233 37.44 1.77 29.43
C ILE A 233 36.44 0.65 29.72
N PHE A 234 35.59 0.34 28.75
CA PHE A 234 34.51 -0.64 28.96
C PHE A 234 34.62 -1.88 28.09
N GLY A 235 35.35 -1.79 26.99
CA GLY A 235 35.47 -2.90 26.06
C GLY A 235 34.65 -2.66 24.80
N GLU A 236 34.96 -3.42 23.74
CA GLU A 236 34.28 -3.26 22.47
C GLU A 236 32.79 -3.58 22.54
N SER A 237 32.42 -4.49 23.44
CA SER A 237 31.02 -4.87 23.61
C SER A 237 30.17 -3.66 23.98
N THR A 238 30.76 -2.72 24.69
CA THR A 238 30.08 -1.49 25.09
C THR A 238 30.18 -0.44 23.99
N ALA A 239 31.31 -0.43 23.28
CA ALA A 239 31.53 0.52 22.19
C ALA A 239 30.64 0.20 21.00
N LYS A 240 30.23 -1.06 20.88
CA LYS A 240 29.35 -1.48 19.79
CA LYS A 240 29.35 -1.49 19.80
C LYS A 240 27.95 -0.90 19.95
N ARG A 241 27.65 -0.40 21.15
CA ARG A 241 26.34 0.18 21.45
C ARG A 241 26.08 1.46 20.67
N LEU A 242 27.15 2.05 20.11
CA LEU A 242 27.02 3.25 19.29
C LEU A 242 26.28 2.95 17.99
N SER A 243 26.18 1.67 17.65
CA SER A 243 25.39 1.23 16.51
C SER A 243 24.05 0.68 16.99
N PRO A 244 22.96 1.00 16.28
CA PRO A 244 21.63 0.47 16.61
C PRO A 244 21.50 -1.00 16.25
N HIS A 245 22.46 -1.53 15.51
CA HIS A 245 22.48 -2.94 15.16
C HIS A 245 23.62 -3.65 15.88
N ARG A 246 24.27 -2.91 16.79
CA ARG A 246 25.37 -3.42 17.60
C ARG A 246 26.48 -3.99 16.73
N LYS A 247 26.79 -3.31 15.63
CA LYS A 247 27.81 -3.77 14.69
C LYS A 247 28.58 -2.60 14.10
N THR A 248 29.90 -2.61 14.28
CA THR A 248 30.77 -1.58 13.72
C THR A 248 31.91 -2.23 12.96
N ARG A 249 32.75 -1.40 12.35
CA ARG A 249 33.94 -1.88 11.64
C ARG A 249 34.93 -0.75 11.41
N VAL A 250 36.22 -1.08 11.48
CA VAL A 250 37.26 -0.09 11.23
C VAL A 250 37.52 0.03 9.73
N LYS A 251 37.19 1.20 9.18
CA LYS A 251 37.29 1.43 7.75
C LYS A 251 38.57 2.19 7.38
N VAL A 252 39.30 1.68 6.41
CA VAL A 252 40.52 2.33 5.95
C VAL A 252 40.30 3.07 4.64
N ILE A 253 40.53 4.37 4.66
CA ILE A 253 40.32 5.23 3.48
C ILE A 253 41.60 5.37 2.67
N GLU A 254 41.50 5.15 1.36
CA GLU A 254 42.66 5.21 0.48
C GLU A 254 42.66 6.47 -0.38
N ASN A 255 43.87 6.96 -0.67
CA ASN A 255 44.05 8.10 -1.57
C ASN A 255 45.49 8.18 -2.07
N MET A 256 45.82 9.29 -2.74
CA MET A 256 47.15 9.46 -3.33
C MET A 256 48.17 10.00 -2.34
N TYR A 257 47.86 9.92 -1.05
CA TYR A 257 48.76 10.45 -0.03
C TYR A 257 48.93 9.50 1.16
N GLY A 258 48.14 8.43 1.19
CA GLY A 258 48.23 7.45 2.26
C GLY A 258 46.90 6.89 2.70
N SER A 259 46.90 6.20 3.84
CA SER A 259 45.70 5.57 4.36
C SER A 259 45.15 6.34 5.57
N ARG A 260 43.85 6.15 5.82
CA ARG A 260 43.19 6.81 6.95
C ARG A 260 42.48 5.79 7.83
N GLU A 261 42.00 6.22 8.99
CA GLU A 261 41.35 5.33 9.93
C GLU A 261 40.09 5.93 10.55
N ILE A 262 38.93 5.60 9.96
CA ILE A 262 37.66 6.03 10.52
C ILE A 262 36.85 4.83 11.00
N ILE A 263 35.78 5.10 11.75
CA ILE A 263 34.93 4.03 12.27
C ILE A 263 33.57 4.02 11.59
N THR A 264 33.19 2.86 11.05
CA THR A 264 31.89 2.71 10.40
C THR A 264 30.84 2.22 11.38
N LEU A 265 29.83 3.05 11.63
CA LEU A 265 28.73 2.69 12.51
C LEU A 265 27.51 2.24 11.70
N PHE A 266 27.29 0.93 11.62
CA PHE A 266 26.15 0.38 10.88
C PHE A 266 24.82 0.85 11.46
N GLY A 267 23.93 1.30 10.58
CA GLY A 267 22.63 1.76 10.99
C GLY A 267 22.61 3.28 11.16
N ILE A 268 23.77 3.90 10.98
CA ILE A 268 23.89 5.34 11.12
C ILE A 268 24.52 5.96 9.87
N SER A 269 23.96 7.08 9.42
CA SER A 269 24.48 7.80 8.27
C SER A 269 25.24 9.04 8.73
N VAL A 270 26.56 9.00 8.59
CA VAL A 270 27.42 10.09 9.02
C VAL A 270 27.64 11.10 7.89
N LEU A 271 27.22 12.34 8.12
CA LEU A 271 27.44 13.42 7.16
C LEU A 271 28.24 14.52 7.81
N ASP A 272 29.55 14.32 7.90
CA ASP A 272 30.45 15.32 8.47
C ASP A 272 30.33 16.61 7.67
N TYR A 273 29.92 17.68 8.34
CA TYR A 273 29.60 18.93 7.63
C TYR A 273 30.81 19.57 6.96
N ILE A 274 32.00 19.23 7.43
CA ILE A 274 33.22 19.73 6.78
C ILE A 274 33.39 19.07 5.41
N ASP A 275 32.85 17.86 5.26
CA ASP A 275 32.87 17.17 3.98
C ASP A 275 31.73 17.65 3.10
N LEU A 276 30.60 17.99 3.73
CA LEU A 276 29.46 18.53 3.01
C LEU A 276 29.76 19.95 2.54
N TYR A 277 30.57 20.67 3.30
CA TYR A 277 30.92 22.05 2.96
C TYR A 277 31.93 22.09 1.81
N LYS A 278 32.94 21.22 1.87
CA LYS A 278 33.99 21.21 0.86
C LYS A 278 33.48 20.85 -0.54
N LYS A 279 32.41 20.08 -0.60
CA LYS A 279 31.90 19.58 -1.88
C LYS A 279 30.77 20.44 -2.46
N PHE A 280 29.97 21.04 -1.59
CA PHE A 280 28.73 21.69 -2.02
C PHE A 280 28.72 23.22 -1.95
N SER A 281 29.80 23.82 -1.43
CA SER A 281 29.82 25.26 -1.22
C SER A 281 30.36 26.07 -2.40
N PHE A 282 31.08 25.40 -3.31
CA PHE A 282 31.68 26.04 -4.48
C PHE A 282 32.71 27.12 -4.11
N THR A 283 33.39 26.93 -2.98
CA THR A 283 34.45 27.85 -2.58
C THR A 283 35.71 27.11 -2.18
N ASN A 284 36.86 27.71 -2.45
CA ASN A 284 38.12 27.20 -1.93
C ASN A 284 38.67 28.13 -0.87
N GLN A 285 38.58 27.69 0.38
CA GLN A 285 38.97 28.53 1.51
C GLN A 285 40.41 28.28 1.95
N PRO A 286 41.10 29.35 2.39
CA PRO A 286 42.44 29.24 2.95
C PRO A 286 42.48 28.28 4.14
N SER A 287 41.43 28.30 4.95
CA SER A 287 41.32 27.40 6.09
C SER A 287 39.92 26.81 6.20
N TYR A 288 39.84 25.55 6.61
CA TYR A 288 38.56 24.88 6.74
C TYR A 288 38.21 24.53 8.18
N SER A 289 38.88 25.18 9.12
CA SER A 289 38.52 25.05 10.52
C SER A 289 37.15 25.68 10.75
N LEU A 290 36.45 25.25 11.80
CA LEU A 290 35.10 25.73 12.05
C LEU A 290 35.06 27.24 12.31
N ASP A 291 36.10 27.76 12.92
CA ASP A 291 36.15 29.19 13.25
C ASP A 291 36.29 30.06 12.01
N TYR A 292 37.09 29.61 11.05
CA TYR A 292 37.31 30.37 9.84
C TYR A 292 36.05 30.36 8.96
N ILE A 293 35.44 29.19 8.84
CA ILE A 293 34.23 29.04 8.04
C ILE A 293 33.07 29.82 8.65
N SER A 294 32.95 29.77 9.98
CA SER A 294 31.90 30.51 10.67
CA SER A 294 31.90 30.51 10.67
C SER A 294 32.06 32.00 10.46
N GLU A 295 33.31 32.46 10.36
CA GLU A 295 33.59 33.87 10.13
C GLU A 295 33.14 34.27 8.72
N PHE A 296 33.40 33.39 7.76
CA PHE A 296 33.03 33.65 6.37
C PHE A 296 31.52 33.63 6.19
N GLU A 297 30.87 32.64 6.79
CA GLU A 297 29.44 32.40 6.58
C GLU A 297 28.54 33.24 7.48
N LEU A 298 29.03 33.63 8.65
CA LEU A 298 28.17 34.25 9.66
C LEU A 298 28.72 35.56 10.22
N ASN A 299 29.90 35.96 9.75
CA ASN A 299 30.59 37.13 10.28
CA ASN A 299 30.59 37.13 10.28
C ASN A 299 30.85 37.05 11.78
N VAL A 300 31.02 35.83 12.28
CA VAL A 300 31.32 35.58 13.68
C VAL A 300 31.86 34.16 13.85
N GLY A 301 32.98 34.02 14.57
CA GLY A 301 33.61 32.73 14.73
C GLY A 301 33.24 32.04 16.03
N LYS A 302 34.11 31.12 16.47
CA LYS A 302 33.92 30.46 17.75
C LYS A 302 34.13 31.45 18.90
N LEU A 303 33.75 31.04 20.10
CA LEU A 303 33.93 31.87 21.29
C LEU A 303 35.41 32.05 21.58
N LYS A 304 35.85 33.30 21.62
CA LYS A 304 37.26 33.61 21.90
C LYS A 304 37.64 33.33 23.34
N TYR A 305 38.91 33.02 23.57
CA TYR A 305 39.39 32.69 24.91
C TYR A 305 40.86 33.07 25.07
N ASP A 306 41.34 33.06 26.30
CA ASP A 306 42.74 33.39 26.59
C ASP A 306 43.54 32.15 26.94
N GLY A 307 44.80 32.12 26.49
CA GLY A 307 45.67 30.99 26.72
C GLY A 307 45.34 29.84 25.78
N PRO A 308 46.20 28.81 25.77
CA PRO A 308 45.98 27.63 24.93
C PRO A 308 44.75 26.84 25.38
N ILE A 309 44.12 26.12 24.45
CA ILE A 309 42.91 25.37 24.76
C ILE A 309 43.19 24.21 25.73
N SER A 310 44.45 23.81 25.83
CA SER A 310 44.85 22.73 26.71
C SER A 310 44.72 23.13 28.19
N LYS A 311 44.66 24.43 28.44
CA LYS A 311 44.58 24.93 29.81
C LYS A 311 43.30 25.74 30.04
N LEU A 312 42.42 25.73 29.04
CA LEU A 312 41.19 26.51 29.10
C LEU A 312 40.21 25.98 30.13
N ARG A 313 40.11 24.66 30.24
CA ARG A 313 39.18 24.03 31.18
C ARG A 313 39.53 24.35 32.63
N GLU A 314 40.81 24.33 32.96
CA GLU A 314 41.24 24.60 34.34
C GLU A 314 41.17 26.09 34.68
N SER A 315 41.55 26.93 33.72
CA SER A 315 41.61 28.37 33.96
C SER A 315 40.23 29.04 33.89
N ASN A 316 39.41 28.60 32.94
CA ASN A 316 38.09 29.18 32.75
C ASN A 316 37.09 28.12 32.30
N HIS A 317 36.71 27.25 33.22
CA HIS A 317 35.79 26.15 32.91
C HIS A 317 34.43 26.66 32.44
N GLN A 318 34.05 27.84 32.91
CA GLN A 318 32.81 28.48 32.49
C GLN A 318 32.81 28.74 31.00
N ARG A 319 33.88 29.37 30.52
CA ARG A 319 34.01 29.66 29.09
C ARG A 319 34.21 28.38 28.29
N TYR A 320 34.94 27.43 28.87
CA TYR A 320 35.25 26.15 28.24
C TYR A 320 33.99 25.40 27.81
N ILE A 321 32.98 25.39 28.68
CA ILE A 321 31.72 24.71 28.40
C ILE A 321 30.87 25.50 27.39
N SER A 322 30.83 26.82 27.57
CA SER A 322 30.09 27.68 26.65
C SER A 322 30.70 27.68 25.26
N TYR A 323 32.03 27.58 25.21
CA TYR A 323 32.75 27.44 23.94
C TYR A 323 32.29 26.19 23.22
N ASN A 324 32.12 25.11 23.97
CA ASN A 324 31.73 23.82 23.42
C ASN A 324 30.30 23.82 22.86
N ILE A 325 29.41 24.52 23.54
CA ILE A 325 28.03 24.63 23.10
C ILE A 325 27.92 25.46 21.83
N ILE A 326 28.65 26.57 21.80
CA ILE A 326 28.65 27.46 20.64
C ILE A 326 29.19 26.78 19.39
N ALA A 327 30.19 25.92 19.57
CA ALA A 327 30.77 25.17 18.45
C ALA A 327 29.71 24.37 17.71
N VAL A 328 28.86 23.68 18.46
CA VAL A 328 27.75 22.92 17.89
C VAL A 328 26.76 23.84 17.18
N TYR A 329 26.42 24.94 17.84
CA TYR A 329 25.44 25.88 17.31
C TYR A 329 25.90 26.55 16.01
N ARG A 330 27.19 26.85 15.92
CA ARG A 330 27.76 27.45 14.72
C ARG A 330 27.50 26.59 13.49
N VAL A 331 27.57 25.28 13.66
CA VAL A 331 27.29 24.35 12.57
C VAL A 331 25.80 24.40 12.19
N LEU A 332 24.94 24.57 13.19
CA LEU A 332 23.51 24.67 12.95
C LEU A 332 23.14 25.97 12.24
N GLN A 333 23.92 27.02 12.48
CA GLN A 333 23.70 28.31 11.83
C GLN A 333 24.17 28.26 10.38
N ILE A 334 25.35 27.67 10.17
CA ILE A 334 25.90 27.48 8.83
C ILE A 334 24.95 26.64 7.99
N ASP A 335 24.35 25.62 8.61
CA ASP A 335 23.44 24.72 7.91
C ASP A 335 22.09 25.36 7.61
N ALA A 336 21.64 26.23 8.50
CA ALA A 336 20.39 26.95 8.30
C ALA A 336 20.48 27.85 7.06
N LYS A 337 21.71 28.19 6.70
CA LYS A 337 21.98 29.05 5.55
C LYS A 337 22.33 28.24 4.30
N ARG A 338 23.07 27.16 4.50
CA ARG A 338 23.57 26.36 3.38
C ARG A 338 22.62 25.22 2.98
N GLN A 339 21.92 24.65 3.97
CA GLN A 339 20.95 23.59 3.72
C GLN A 339 21.56 22.35 3.05
N PHE A 340 22.80 22.04 3.40
CA PHE A 340 23.49 20.88 2.83
C PHE A 340 22.88 19.57 3.33
N ILE A 341 22.36 19.58 4.55
CA ILE A 341 21.69 18.42 5.12
C ILE A 341 20.41 18.12 4.37
N ASN A 342 19.57 19.13 4.20
CA ASN A 342 18.31 18.99 3.48
C ASN A 342 18.51 18.63 2.01
N LEU A 343 19.63 19.08 1.45
CA LEU A 343 20.00 18.71 0.09
C LEU A 343 20.32 17.23 0.02
N SER A 344 21.07 16.74 1.01
CA SER A 344 21.47 15.34 1.07
C SER A 344 20.24 14.44 1.23
N LEU A 345 19.28 14.90 2.01
CA LEU A 345 18.04 14.14 2.21
C LEU A 345 17.21 14.13 0.93
N ASP A 346 17.21 15.24 0.21
CA ASP A 346 16.50 15.31 -1.06
C ASP A 346 17.12 14.37 -2.08
N MET A 347 18.43 14.45 -2.24
CA MET A 347 19.14 13.61 -3.22
C MET A 347 19.04 12.13 -2.87
N GLY A 348 19.28 11.80 -1.61
CA GLY A 348 19.27 10.42 -1.17
C GLY A 348 17.93 9.73 -1.37
N TYR A 349 16.85 10.44 -1.06
CA TYR A 349 15.51 9.88 -1.19
C TYR A 349 15.00 9.90 -2.63
N TYR A 350 15.52 10.83 -3.43
CA TYR A 350 15.19 10.88 -4.85
C TYR A 350 15.82 9.72 -5.58
N ALA A 351 17.08 9.43 -5.24
CA ALA A 351 17.84 8.35 -5.87
C ALA A 351 17.59 7.01 -5.20
N LYS A 352 16.97 7.06 -4.01
CA LYS A 352 16.75 5.87 -3.19
C LYS A 352 18.05 5.16 -2.83
N ILE A 353 18.92 5.90 -2.16
CA ILE A 353 20.21 5.38 -1.71
C ILE A 353 20.41 5.66 -0.24
N GLN A 354 21.49 5.16 0.32
CA GLN A 354 21.90 5.58 1.65
C GLN A 354 22.23 7.06 1.57
N ILE A 355 21.81 7.83 2.57
CA ILE A 355 21.96 9.28 2.55
C ILE A 355 23.43 9.70 2.41
N GLN A 356 24.35 8.89 2.91
CA GLN A 356 25.77 9.22 2.85
C GLN A 356 26.38 8.99 1.47
N SER A 357 25.58 8.45 0.54
CA SER A 357 26.06 8.21 -0.82
C SER A 357 25.96 9.45 -1.68
N VAL A 358 25.39 10.53 -1.13
CA VAL A 358 25.27 11.78 -1.86
C VAL A 358 26.64 12.39 -2.15
N PHE A 359 27.64 11.96 -1.39
CA PHE A 359 29.02 12.36 -1.65
C PHE A 359 29.49 11.79 -2.99
N SER A 360 28.86 10.70 -3.42
CA SER A 360 29.24 10.01 -4.64
C SER A 360 28.20 10.17 -5.76
N PRO A 361 28.51 11.02 -6.75
CA PRO A 361 27.62 11.21 -7.90
C PRO A 361 27.44 9.92 -8.71
N ILE A 362 28.46 9.07 -8.74
CA ILE A 362 28.38 7.81 -9.47
C ILE A 362 27.30 6.90 -8.89
N LYS A 363 27.39 6.64 -7.59
CA LYS A 363 26.40 5.81 -6.90
C LYS A 363 25.01 6.41 -7.00
N THR A 364 24.94 7.74 -6.88
CA THR A 364 23.67 8.45 -6.97
C THR A 364 23.01 8.26 -8.34
N TRP A 365 23.78 8.51 -9.40
CA TRP A 365 23.27 8.39 -10.76
C TRP A 365 22.98 6.94 -11.14
N ASP A 366 23.76 6.01 -10.59
CA ASP A 366 23.57 4.59 -10.88
C ASP A 366 22.23 4.10 -10.37
N ALA A 367 21.80 4.62 -9.23
CA ALA A 367 20.56 4.20 -8.61
C ALA A 367 19.34 4.93 -9.18
N ILE A 368 19.55 6.16 -9.64
CA ILE A 368 18.49 6.89 -10.34
C ILE A 368 18.16 6.18 -11.64
N ILE A 369 19.20 5.83 -12.38
CA ILE A 369 19.04 5.14 -13.66
C ILE A 369 18.49 3.73 -13.48
N PHE A 370 18.96 3.04 -12.43
CA PHE A 370 18.47 1.70 -12.13
C PHE A 370 16.97 1.69 -11.84
N ASN A 371 16.53 2.55 -10.93
CA ASN A 371 15.13 2.65 -10.58
C ASN A 371 14.27 3.03 -11.77
N SER A 372 14.80 3.93 -12.61
CA SER A 372 14.08 4.37 -13.81
C SER A 372 13.89 3.21 -14.79
N LEU A 373 14.95 2.44 -14.98
CA LEU A 373 14.91 1.30 -15.89
C LEU A 373 14.04 0.16 -15.34
N LYS A 374 14.13 -0.08 -14.04
CA LYS A 374 13.32 -1.12 -13.39
C LYS A 374 11.83 -0.83 -13.52
N GLU A 375 11.47 0.45 -13.50
CA GLU A 375 10.09 0.88 -13.64
C GLU A 375 9.47 0.38 -14.95
N GLN A 376 10.30 0.31 -15.99
CA GLN A 376 9.86 -0.20 -17.29
C GLN A 376 10.23 -1.67 -17.44
N ASN A 377 10.49 -2.33 -16.30
CA ASN A 377 10.90 -3.73 -16.26
C ASN A 377 12.17 -4.02 -17.07
N LYS A 378 13.03 -3.01 -17.18
CA LYS A 378 14.29 -3.16 -17.89
C LYS A 378 15.42 -3.48 -16.93
N VAL A 379 16.40 -4.24 -17.41
CA VAL A 379 17.51 -4.71 -16.55
C VAL A 379 18.82 -4.01 -16.88
N ILE A 380 19.46 -3.46 -15.85
CA ILE A 380 20.74 -2.77 -16.00
C ILE A 380 21.87 -3.73 -16.34
N PRO A 381 22.86 -3.27 -17.12
CA PRO A 381 23.98 -4.12 -17.51
C PRO A 381 24.98 -4.31 -16.37
N GLN A 382 25.85 -5.31 -16.50
CA GLN A 382 26.89 -5.55 -15.51
C GLN A 382 28.02 -4.54 -15.65
N GLY A 383 28.50 -4.03 -14.52
CA GLY A 383 29.62 -3.11 -14.53
C GLY A 383 30.87 -3.79 -15.05
N ARG A 384 31.66 -3.07 -15.83
CA ARG A 384 32.87 -3.62 -16.43
C ARG A 384 34.11 -2.84 -16.01
N SER A 385 35.28 -3.47 -16.17
CA SER A 385 36.54 -2.81 -15.87
C SER A 385 37.10 -2.16 -17.13
N HIS A 386 37.70 -0.99 -16.97
CA HIS A 386 38.26 -0.25 -18.09
C HIS A 386 39.52 0.48 -17.67
N PRO A 387 40.52 0.53 -18.57
CA PRO A 387 41.74 1.30 -18.29
C PRO A 387 41.46 2.80 -18.37
N VAL A 388 42.06 3.57 -17.46
CA VAL A 388 41.87 5.01 -17.44
C VAL A 388 42.51 5.67 -18.67
N GLN A 389 41.70 6.34 -19.47
CA GLN A 389 42.18 6.99 -20.69
C GLN A 389 41.68 8.43 -20.77
N PRO A 390 42.51 9.32 -21.36
CA PRO A 390 42.13 10.73 -21.54
C PRO A 390 41.19 10.92 -22.72
N TYR A 391 40.48 12.04 -22.74
CA TYR A 391 39.61 12.38 -23.87
C TYR A 391 39.40 13.90 -23.92
N PRO A 392 39.16 14.44 -25.13
CA PRO A 392 39.05 15.89 -25.35
C PRO A 392 37.93 16.56 -24.54
N GLY A 393 38.15 17.82 -24.18
CA GLY A 393 37.19 18.58 -23.40
C GLY A 393 36.68 19.80 -24.13
N ALA A 394 36.42 20.87 -23.37
CA ALA A 394 35.85 22.10 -23.93
C ALA A 394 36.85 22.90 -24.77
N PHE A 395 36.32 23.86 -25.51
CA PHE A 395 37.16 24.76 -26.31
C PHE A 395 37.39 26.08 -25.58
N VAL A 396 38.62 26.57 -25.63
CA VAL A 396 38.97 27.86 -25.06
C VAL A 396 39.75 28.68 -26.08
N LYS A 397 39.21 29.83 -26.45
CA LYS A 397 39.83 30.68 -27.45
C LYS A 397 40.96 31.51 -26.83
N GLU A 398 42.08 31.59 -27.52
CA GLU A 398 43.20 32.41 -27.09
C GLU A 398 42.88 33.89 -27.31
N PRO A 399 42.67 34.65 -26.23
CA PRO A 399 42.32 36.06 -26.39
C PRO A 399 43.56 36.90 -26.63
N ILE A 400 43.41 37.99 -27.38
CA ILE A 400 44.49 38.95 -27.53
C ILE A 400 44.59 39.75 -26.24
N PRO A 401 45.73 39.66 -25.55
CA PRO A 401 45.93 40.42 -24.31
C PRO A 401 45.79 41.91 -24.57
N ASN A 402 44.76 42.52 -24.01
CA ASN A 402 44.48 43.93 -24.25
C ASN A 402 43.40 44.44 -23.31
N ARG A 403 43.25 45.77 -23.27
CA ARG A 403 42.09 46.37 -22.65
C ARG A 403 40.91 46.21 -23.61
N TYR A 404 39.71 46.08 -23.07
CA TYR A 404 38.49 46.04 -23.88
C TYR A 404 37.43 46.92 -23.24
N LYS A 405 37.13 48.04 -23.89
CA LYS A 405 36.28 49.08 -23.32
C LYS A 405 34.84 48.63 -23.10
N TYR A 406 34.16 48.26 -24.17
CA TYR A 406 32.77 47.82 -24.08
C TYR A 406 32.66 46.33 -24.41
N VAL A 407 32.12 45.58 -23.46
CA VAL A 407 32.00 44.13 -23.62
C VAL A 407 30.59 43.65 -23.29
N MET A 408 30.06 42.81 -24.16
CA MET A 408 28.77 42.16 -23.93
C MET A 408 28.96 40.66 -24.07
N SER A 409 28.45 39.89 -23.10
CA SER A 409 28.69 38.46 -23.08
C SER A 409 27.41 37.64 -23.27
N PHE A 410 27.58 36.45 -23.85
CA PHE A 410 26.46 35.54 -24.06
C PHE A 410 26.88 34.14 -23.62
N ASP A 411 25.95 33.39 -23.05
CA ASP A 411 26.26 32.05 -22.57
C ASP A 411 25.10 31.08 -22.81
N LEU A 412 25.45 29.83 -23.09
CA LEU A 412 24.45 28.78 -23.30
C LEU A 412 23.87 28.29 -21.97
N THR A 413 22.69 27.68 -22.04
CA THR A 413 21.99 27.22 -20.83
C THR A 413 22.30 25.77 -20.52
N SER A 414 23.08 25.53 -19.48
CA SER A 414 23.48 24.18 -19.06
CA SER A 414 23.48 24.18 -19.08
C SER A 414 23.91 23.36 -20.27
N LEU A 415 25.02 23.75 -20.89
CA LEU A 415 25.49 23.17 -22.15
C LEU A 415 25.49 21.64 -22.23
N TYR A 416 26.29 21.00 -21.38
CA TYR A 416 26.47 19.55 -21.46
C TYR A 416 25.19 18.73 -21.27
N PRO A 417 24.38 19.05 -20.25
CA PRO A 417 23.09 18.34 -20.16
C PRO A 417 22.21 18.62 -21.38
N SER A 418 22.25 19.85 -21.88
CA SER A 418 21.47 20.21 -23.05
C SER A 418 21.92 19.45 -24.30
N ILE A 419 23.23 19.29 -24.43
CA ILE A 419 23.80 18.51 -25.53
C ILE A 419 23.33 17.07 -25.46
N ILE A 420 23.34 16.51 -24.25
CA ILE A 420 22.84 15.16 -24.01
C ILE A 420 21.40 15.02 -24.48
N ARG A 421 20.58 16.01 -24.14
CA ARG A 421 19.15 15.99 -24.49
C ARG A 421 18.93 16.26 -25.97
N GLN A 422 19.68 17.20 -26.52
CA GLN A 422 19.54 17.58 -27.93
C GLN A 422 19.97 16.46 -28.88
N VAL A 423 21.15 15.90 -28.63
CA VAL A 423 21.70 14.85 -29.48
C VAL A 423 21.08 13.49 -29.14
N ASN A 424 20.47 13.41 -27.96
CA ASN A 424 19.90 12.17 -27.44
C ASN A 424 21.00 11.14 -27.16
N ILE A 425 22.01 11.56 -26.40
CA ILE A 425 23.15 10.71 -26.09
C ILE A 425 22.88 9.79 -24.91
N SER A 426 23.03 8.49 -25.14
CA SER A 426 22.73 7.47 -24.14
C SER A 426 23.37 6.16 -24.58
N PRO A 427 23.63 5.24 -23.63
CA PRO A 427 24.25 3.96 -24.01
C PRO A 427 23.37 3.10 -24.91
N GLU A 428 22.06 3.29 -24.86
CA GLU A 428 21.15 2.45 -25.64
C GLU A 428 20.60 3.15 -26.89
N THR A 429 20.93 4.43 -27.05
CA THR A 429 20.45 5.19 -28.20
C THR A 429 21.47 5.24 -29.33
N ILE A 430 22.64 4.65 -29.10
CA ILE A 430 23.68 4.56 -30.12
C ILE A 430 23.14 3.84 -31.36
N ALA A 431 23.33 4.44 -32.53
CA ALA A 431 22.78 3.89 -33.76
C ALA A 431 23.86 3.49 -34.77
N GLY A 432 25.05 4.06 -34.61
CA GLY A 432 26.15 3.79 -35.52
C GLY A 432 27.10 4.97 -35.62
N THR A 433 27.93 4.97 -36.65
CA THR A 433 28.90 6.03 -36.84
C THR A 433 28.92 6.55 -38.28
N PHE A 434 29.52 7.72 -38.47
CA PHE A 434 29.74 8.26 -39.80
C PHE A 434 31.18 8.71 -39.95
N LYS A 435 31.67 8.72 -41.19
CA LYS A 435 33.04 9.16 -41.45
C LYS A 435 33.19 10.65 -41.15
N VAL A 436 34.21 10.98 -40.35
CA VAL A 436 34.37 12.34 -39.85
C VAL A 436 35.30 13.18 -40.73
N ALA A 437 34.99 14.46 -40.84
CA ALA A 437 35.86 15.43 -41.48
C ALA A 437 36.56 16.21 -40.36
N PRO A 438 37.58 17.03 -40.72
CA PRO A 438 38.16 17.88 -39.67
C PRO A 438 37.08 18.74 -39.00
N LEU A 439 37.22 18.98 -37.69
CA LEU A 439 36.21 19.70 -36.93
C LEU A 439 35.92 21.09 -37.47
N HIS A 440 36.95 21.75 -37.98
N HIS A 440 36.96 21.74 -37.98
CA HIS A 440 36.79 23.11 -38.50
CA HIS A 440 36.86 23.08 -38.53
C HIS A 440 35.88 23.16 -39.73
C HIS A 440 35.87 23.14 -39.70
N ASP A 441 35.67 22.00 -40.35
CA ASP A 441 34.75 21.92 -41.49
C ASP A 441 33.29 21.92 -41.04
N TYR A 442 33.03 21.32 -39.89
CA TYR A 442 31.67 21.32 -39.34
C TYR A 442 31.35 22.70 -38.76
N ILE A 443 32.38 23.36 -38.24
CA ILE A 443 32.22 24.71 -37.70
C ILE A 443 31.89 25.69 -38.81
N ASN A 444 32.49 25.51 -39.98
CA ASN A 444 32.23 26.37 -41.12
C ASN A 444 31.11 25.85 -42.02
N ALA A 445 30.49 24.75 -41.60
CA ALA A 445 29.41 24.12 -42.34
C ALA A 445 29.78 23.74 -43.77
N VAL A 446 31.05 23.41 -43.99
CA VAL A 446 31.51 23.06 -45.33
C VAL A 446 31.62 21.54 -45.50
N ALA A 447 31.56 20.82 -44.39
CA ALA A 447 31.59 19.36 -44.42
C ALA A 447 30.21 18.80 -44.76
N GLU A 448 30.18 17.59 -45.31
CA GLU A 448 28.92 16.95 -45.68
C GLU A 448 28.08 16.62 -44.46
N ARG A 449 26.77 16.76 -44.59
CA ARG A 449 25.84 16.48 -43.51
C ARG A 449 25.95 15.01 -43.08
N PRO A 450 26.19 14.78 -41.78
CA PRO A 450 26.42 13.44 -41.23
C PRO A 450 25.31 12.45 -41.57
N SER A 451 24.07 12.81 -41.27
CA SER A 451 22.96 11.90 -41.49
C SER A 451 21.62 12.61 -41.69
N ASP A 452 20.73 11.96 -42.43
CA ASP A 452 19.38 12.46 -42.64
C ASP A 452 18.39 11.62 -41.85
N VAL A 453 18.90 10.70 -41.03
CA VAL A 453 18.04 9.78 -40.29
C VAL A 453 18.37 9.67 -38.81
N TYR A 454 19.62 9.98 -38.44
CA TYR A 454 20.03 9.89 -37.04
C TYR A 454 20.52 11.23 -36.49
N SER A 455 20.49 11.37 -35.16
CA SER A 455 21.00 12.55 -34.49
C SER A 455 22.49 12.40 -34.22
N CYS A 456 23.28 13.34 -34.72
CA CYS A 456 24.72 13.17 -34.77
C CYS A 456 25.55 14.17 -33.95
N SER A 457 26.78 13.78 -33.68
CA SER A 457 27.76 14.64 -33.03
CA SER A 457 27.76 14.66 -33.03
C SER A 457 29.01 14.73 -33.91
N PRO A 458 29.67 15.89 -33.94
CA PRO A 458 30.86 16.07 -34.77
C PRO A 458 32.04 15.14 -34.42
N ASN A 459 31.88 14.29 -33.40
CA ASN A 459 32.90 13.31 -33.08
C ASN A 459 32.72 12.00 -33.85
N GLY A 460 31.59 11.89 -34.55
CA GLY A 460 31.35 10.75 -35.42
C GLY A 460 30.27 9.78 -34.95
N MET A 461 29.56 10.14 -33.88
CA MET A 461 28.55 9.25 -33.32
C MET A 461 27.15 9.56 -33.83
N MET A 462 26.36 8.51 -34.05
CA MET A 462 24.98 8.66 -34.48
C MET A 462 24.02 8.06 -33.45
N TYR A 463 22.97 8.80 -33.14
CA TYR A 463 22.00 8.37 -32.14
C TYR A 463 20.59 8.35 -32.72
N TYR A 464 19.74 7.46 -32.18
CA TYR A 464 18.36 7.37 -32.63
C TYR A 464 17.58 8.60 -32.21
N LYS A 465 16.66 9.04 -33.07
CA LYS A 465 15.85 10.22 -32.80
C LYS A 465 14.45 9.86 -32.32
N ASP A 466 14.00 8.66 -32.68
CA ASP A 466 12.61 8.27 -32.46
C ASP A 466 12.40 7.46 -31.19
N ARG A 467 13.47 7.26 -30.41
CA ARG A 467 13.36 6.53 -29.16
C ARG A 467 14.02 7.27 -28.00
N ASP A 468 13.57 7.00 -26.79
CA ASP A 468 14.09 7.68 -25.61
C ASP A 468 15.25 6.93 -24.97
N GLY A 469 16.21 7.68 -24.46
CA GLY A 469 17.31 7.10 -23.70
C GLY A 469 17.16 7.44 -22.23
N VAL A 470 17.57 6.53 -21.37
CA VAL A 470 17.41 6.72 -19.92
C VAL A 470 18.22 7.92 -19.42
N VAL A 471 19.39 8.14 -20.01
CA VAL A 471 20.25 9.25 -19.61
C VAL A 471 19.66 10.64 -19.95
N PRO A 472 19.21 10.85 -21.21
CA PRO A 472 18.55 12.13 -21.46
C PRO A 472 17.25 12.29 -20.68
N THR A 473 16.53 11.19 -20.47
CA THR A 473 15.26 11.22 -19.76
C THR A 473 15.43 11.63 -18.30
N GLU A 474 16.41 11.04 -17.64
CA GLU A 474 16.62 11.29 -16.21
C GLU A 474 17.33 12.61 -15.93
N ILE A 475 18.16 13.06 -16.87
CA ILE A 475 18.86 14.32 -16.68
C ILE A 475 17.93 15.50 -16.97
N THR A 476 16.89 15.25 -17.76
CA THR A 476 15.89 16.28 -18.05
C THR A 476 15.11 16.61 -16.79
N LYS A 477 14.68 15.56 -16.08
CA LYS A 477 13.91 15.73 -14.84
C LYS A 477 14.63 16.60 -13.82
N VAL A 478 15.87 16.24 -13.49
CA VAL A 478 16.65 16.99 -12.52
C VAL A 478 16.99 18.39 -13.02
N PHE A 479 17.16 18.54 -14.33
CA PHE A 479 17.39 19.85 -14.93
C PHE A 479 16.16 20.75 -14.77
N ASN A 480 14.98 20.17 -14.98
CA ASN A 480 13.73 20.91 -14.83
C ASN A 480 13.48 21.33 -13.39
N GLN A 481 13.82 20.45 -12.45
CA GLN A 481 13.65 20.74 -11.02
C GLN A 481 14.50 21.94 -10.60
N ARG A 482 15.70 22.02 -11.13
CA ARG A 482 16.58 23.15 -10.84
C ARG A 482 16.03 24.43 -11.45
N LYS A 483 15.48 24.31 -12.65
CA LYS A 483 14.90 25.46 -13.35
C LYS A 483 13.78 26.09 -12.53
N GLU A 484 13.02 25.24 -11.84
CA GLU A 484 11.92 25.72 -11.01
C GLU A 484 12.43 26.52 -9.81
N HIS A 485 13.54 26.06 -9.24
CA HIS A 485 14.15 26.75 -8.11
C HIS A 485 14.94 27.98 -8.56
N LYS A 486 15.52 27.89 -9.75
CA LYS A 486 16.27 29.02 -10.30
C LYS A 486 15.33 30.19 -10.57
N GLY A 487 14.06 29.88 -10.78
CA GLY A 487 13.03 30.89 -10.96
C GLY A 487 12.71 31.61 -9.66
N TYR A 488 13.37 31.19 -8.58
CA TYR A 488 13.20 31.83 -7.28
C TYR A 488 14.47 32.56 -6.85
N MET A 489 15.61 32.07 -7.34
CA MET A 489 16.89 32.66 -6.98
C MET A 489 17.11 34.01 -7.66
N LEU A 490 16.74 34.11 -8.93
CA LEU A 490 16.90 35.36 -9.68
C LEU A 490 15.96 36.43 -9.14
N ALA A 491 14.88 36.01 -8.51
CA ALA A 491 13.92 36.93 -7.92
C ALA A 491 14.56 37.72 -6.79
N ALA A 492 15.10 37.01 -5.81
CA ALA A 492 15.73 37.63 -4.65
C ALA A 492 16.94 38.48 -5.01
N GLN A 493 17.61 38.12 -6.10
CA GLN A 493 18.76 38.88 -6.57
C GLN A 493 18.31 40.20 -7.19
N ARG A 494 17.20 40.16 -7.93
CA ARG A 494 16.63 41.38 -8.50
C ARG A 494 15.97 42.22 -7.42
N ASN A 495 15.29 41.55 -6.49
CA ASN A 495 14.61 42.23 -5.39
C ASN A 495 15.60 42.74 -4.34
N GLY A 496 16.81 42.20 -4.37
CA GLY A 496 17.84 42.61 -3.41
C GLY A 496 18.58 43.84 -3.86
N GLN A 546 12.24 38.43 -1.76
CA GLN A 546 11.94 38.74 -0.38
C GLN A 546 13.12 38.40 0.52
N ARG A 547 13.71 37.24 0.27
CA ARG A 547 14.84 36.74 1.05
C ARG A 547 15.43 35.53 0.32
N THR A 548 14.98 34.35 0.71
CA THR A 548 15.18 33.08 -0.02
C THR A 548 16.48 32.77 -0.78
N GLU A 549 17.25 33.80 -1.14
CA GLU A 549 18.34 33.64 -2.13
C GLU A 549 19.34 32.52 -1.85
N VAL A 550 20.20 32.70 -0.84
CA VAL A 550 21.28 31.76 -0.56
C VAL A 550 20.82 30.31 -0.48
N ALA A 551 19.69 30.08 0.19
CA ALA A 551 19.10 28.75 0.27
C ALA A 551 18.52 28.36 -1.09
N GLY A 552 17.86 29.31 -1.75
CA GLY A 552 17.31 29.09 -3.07
C GLY A 552 18.43 29.01 -4.11
N MET A 553 19.58 29.56 -3.77
CA MET A 553 20.78 29.45 -4.61
C MET A 553 21.31 28.03 -4.53
N THR A 554 21.52 27.55 -3.31
CA THR A 554 21.99 26.20 -3.06
C THR A 554 21.00 25.20 -3.65
N ALA A 555 19.71 25.51 -3.50
CA ALA A 555 18.66 24.66 -4.06
C ALA A 555 18.84 24.44 -5.56
N GLN A 556 19.31 25.47 -6.26
CA GLN A 556 19.53 25.36 -7.69
C GLN A 556 20.98 25.02 -8.07
N ILE A 557 21.94 25.64 -7.39
CA ILE A 557 23.34 25.47 -7.78
C ILE A 557 23.90 24.10 -7.41
N ASN A 558 23.41 23.52 -6.32
CA ASN A 558 23.86 22.20 -5.89
C ASN A 558 23.14 21.09 -6.65
N ARG A 559 21.96 21.41 -7.17
CA ARG A 559 21.24 20.48 -8.03
C ARG A 559 21.97 20.31 -9.35
N LYS A 560 22.60 21.39 -9.81
CA LYS A 560 23.33 21.39 -11.07
C LYS A 560 24.63 20.60 -10.96
N LEU A 561 25.18 20.51 -9.76
CA LEU A 561 26.37 19.72 -9.52
C LEU A 561 26.09 18.25 -9.83
N LEU A 562 24.86 17.83 -9.58
CA LEU A 562 24.43 16.47 -9.87
C LEU A 562 24.27 16.25 -11.37
N ILE A 563 23.74 17.25 -12.07
CA ILE A 563 23.49 17.12 -13.50
C ILE A 563 24.74 17.38 -14.34
N ASN A 564 25.69 18.14 -13.80
CA ASN A 564 26.96 18.34 -14.47
C ASN A 564 27.89 17.14 -14.32
N SER A 565 27.71 16.40 -13.24
CA SER A 565 28.56 15.26 -12.94
C SER A 565 28.20 14.02 -13.75
N LEU A 566 26.99 13.99 -14.29
CA LEU A 566 26.54 12.87 -15.11
C LEU A 566 27.32 12.80 -16.43
N ALA A 567 27.52 13.95 -17.05
CA ALA A 567 28.31 14.03 -18.29
C ALA A 567 29.76 13.60 -18.04
N GLY A 568 30.29 13.99 -16.89
CA GLY A 568 31.63 13.60 -16.51
C GLY A 568 31.69 12.13 -16.16
N ALA A 569 30.63 11.62 -15.54
CA ALA A 569 30.54 10.23 -15.13
C ALA A 569 30.72 9.28 -16.31
N LEU A 570 30.23 9.68 -17.47
CA LEU A 570 30.35 8.89 -18.69
C LEU A 570 31.81 8.74 -19.10
N GLY A 571 32.69 9.52 -18.47
CA GLY A 571 34.12 9.44 -18.72
C GLY A 571 34.90 8.92 -17.53
N ASN A 572 34.20 8.31 -16.58
CA ASN A 572 34.84 7.66 -15.44
C ASN A 572 34.69 6.14 -15.51
N VAL A 573 35.82 5.43 -15.44
CA VAL A 573 35.84 3.99 -15.68
C VAL A 573 35.00 3.17 -14.70
N TRP A 574 34.58 3.78 -13.59
CA TRP A 574 33.80 3.06 -12.58
C TRP A 574 32.30 3.22 -12.77
N PHE A 575 31.91 4.13 -13.65
CA PHE A 575 30.50 4.32 -13.97
C PHE A 575 29.99 3.13 -14.76
N ARG A 576 28.79 2.68 -14.46
CA ARG A 576 28.19 1.52 -15.12
C ARG A 576 28.02 1.76 -16.62
N TYR A 577 27.75 3.00 -16.98
CA TYR A 577 27.50 3.35 -18.38
C TYR A 577 28.65 4.18 -18.94
N TYR A 578 29.86 3.87 -18.48
CA TYR A 578 31.06 4.49 -18.99
C TYR A 578 31.26 4.19 -20.46
N ASP A 579 31.54 5.24 -21.24
CA ASP A 579 31.75 5.12 -22.67
C ASP A 579 32.39 6.39 -23.19
N LEU A 580 33.65 6.31 -23.59
CA LEU A 580 34.39 7.47 -24.07
CA LEU A 580 34.37 7.47 -24.07
C LEU A 580 33.78 8.04 -25.35
N ARG A 581 33.08 7.19 -26.11
CA ARG A 581 32.43 7.65 -27.34
C ARG A 581 31.32 8.65 -27.01
N ASN A 582 30.50 8.32 -26.02
CA ASN A 582 29.43 9.21 -25.58
C ASN A 582 29.97 10.46 -24.87
N ALA A 583 31.01 10.27 -24.08
CA ALA A 583 31.61 11.37 -23.33
C ALA A 583 32.29 12.38 -24.25
N THR A 584 32.94 11.88 -25.30
CA THR A 584 33.60 12.73 -26.28
CA THR A 584 33.59 12.73 -26.28
C THR A 584 32.56 13.39 -27.19
N ALA A 585 31.46 12.68 -27.44
CA ALA A 585 30.38 13.21 -28.27
C ALA A 585 29.82 14.50 -27.67
N ILE A 586 29.71 14.54 -26.35
CA ILE A 586 29.25 15.71 -25.63
C ILE A 586 30.24 16.88 -25.80
N THR A 587 31.50 16.64 -25.43
CA THR A 587 32.52 17.69 -25.45
C THR A 587 32.87 18.18 -26.85
N THR A 588 32.84 17.28 -27.84
CA THR A 588 33.13 17.68 -29.22
C THR A 588 32.00 18.53 -29.79
N PHE A 589 30.77 18.17 -29.44
CA PHE A 589 29.60 18.96 -29.82
C PHE A 589 29.72 20.35 -29.21
N GLY A 590 30.17 20.40 -27.96
CA GLY A 590 30.36 21.66 -27.28
C GLY A 590 31.40 22.54 -27.95
N GLN A 591 32.46 21.90 -28.45
CA GLN A 591 33.50 22.61 -29.18
C GLN A 591 32.95 23.20 -30.47
N MET A 592 32.14 22.42 -31.16
CA MET A 592 31.55 22.84 -32.43
C MET A 592 30.62 24.02 -32.23
N ALA A 593 29.63 23.84 -31.35
CA ALA A 593 28.60 24.84 -31.10
C ALA A 593 29.17 26.21 -30.71
N LEU A 594 30.21 26.20 -29.91
CA LEU A 594 30.82 27.44 -29.44
C LEU A 594 31.48 28.21 -30.58
N GLN A 595 32.22 27.51 -31.41
CA GLN A 595 32.92 28.14 -32.53
C GLN A 595 31.99 28.33 -33.73
N TRP A 596 30.92 27.54 -33.80
CA TRP A 596 29.88 27.73 -34.80
C TRP A 596 29.19 29.06 -34.57
N ILE A 597 28.80 29.30 -33.32
CA ILE A 597 28.10 30.53 -32.96
C ILE A 597 29.06 31.71 -32.91
N GLU A 598 30.36 31.43 -32.80
CA GLU A 598 31.37 32.47 -32.88
C GLU A 598 31.41 33.05 -34.28
N ARG A 599 31.43 32.15 -35.26
CA ARG A 599 31.41 32.55 -36.66
C ARG A 599 30.12 33.29 -37.00
N LYS A 600 29.00 32.79 -36.49
CA LYS A 600 27.69 33.39 -36.75
C LYS A 600 27.56 34.80 -36.19
N VAL A 601 28.09 35.02 -35.00
CA VAL A 601 28.03 36.33 -34.36
C VAL A 601 28.88 37.35 -35.13
N ASN A 602 30.08 36.94 -35.52
CA ASN A 602 30.96 37.79 -36.32
C ASN A 602 30.35 38.17 -37.66
N GLU A 603 29.72 37.20 -38.31
CA GLU A 603 29.05 37.45 -39.59
C GLU A 603 27.92 38.45 -39.41
N TYR A 604 27.07 38.22 -38.41
CA TYR A 604 25.94 39.10 -38.15
C TYR A 604 26.36 40.53 -37.83
N LEU A 605 27.40 40.67 -37.02
CA LEU A 605 27.84 42.00 -36.60
C LEU A 605 28.62 42.72 -37.70
N ASN A 606 29.26 41.95 -38.58
CA ASN A 606 29.93 42.55 -39.73
C ASN A 606 28.94 43.18 -40.71
N GLU A 607 27.86 42.46 -41.02
CA GLU A 607 26.86 42.98 -41.96
C GLU A 607 26.05 44.12 -41.36
N VAL A 608 25.73 44.01 -40.07
CA VAL A 608 24.98 45.07 -39.39
C VAL A 608 25.82 46.35 -39.22
N CYS A 609 27.10 46.18 -38.88
CA CYS A 609 27.98 47.32 -38.72
C CYS A 609 28.61 47.75 -40.05
N GLY A 610 28.48 46.90 -41.07
CA GLY A 610 29.03 47.18 -42.37
C GLY A 610 30.54 47.32 -42.36
N THR A 611 31.21 46.35 -41.74
CA THR A 611 32.65 46.43 -41.53
C THR A 611 33.44 45.38 -42.29
N GLU A 612 32.82 44.22 -42.51
CA GLU A 612 33.44 43.09 -43.23
C GLU A 612 34.69 42.49 -42.57
N GLY A 613 34.64 41.18 -42.34
CA GLY A 613 35.78 40.42 -41.89
C GLY A 613 36.39 40.72 -40.53
N GLU A 614 35.76 41.60 -39.75
CA GLU A 614 36.30 41.99 -38.45
C GLU A 614 35.96 41.00 -37.34
N ALA A 615 36.81 40.96 -36.32
CA ALA A 615 36.62 40.04 -35.19
C ALA A 615 35.89 40.71 -34.03
N PHE A 616 34.62 40.38 -33.87
CA PHE A 616 33.82 40.94 -32.78
C PHE A 616 33.90 40.06 -31.54
N VAL A 617 33.95 38.75 -31.74
CA VAL A 617 34.11 37.81 -30.64
C VAL A 617 35.57 37.77 -30.19
N LEU A 618 35.84 38.35 -29.04
CA LEU A 618 37.22 38.47 -28.55
C LEU A 618 37.67 37.25 -27.75
N TYR A 619 36.73 36.55 -27.13
CA TYR A 619 37.06 35.44 -26.26
C TYR A 619 35.89 34.50 -26.05
N GLY A 620 36.19 33.23 -25.81
CA GLY A 620 35.18 32.23 -25.55
C GLY A 620 35.74 31.07 -24.73
N ASP A 621 34.91 30.52 -23.85
CA ASP A 621 35.33 29.40 -23.01
C ASP A 621 34.14 28.49 -22.74
N THR A 622 34.21 27.28 -23.30
CA THR A 622 33.21 26.24 -23.06
C THR A 622 31.81 26.55 -23.58
N ASP A 623 31.10 27.44 -22.89
CA ASP A 623 29.69 27.70 -23.22
C ASP A 623 29.41 29.18 -23.44
N SER A 624 30.45 30.00 -23.35
CA SER A 624 30.27 31.45 -23.39
C SER A 624 31.09 32.12 -24.49
N ILE A 625 30.62 33.28 -24.92
CA ILE A 625 31.38 34.11 -25.86
C ILE A 625 31.42 35.56 -25.37
N TYR A 626 32.46 36.28 -25.76
CA TYR A 626 32.61 37.66 -25.34
C TYR A 626 32.78 38.59 -26.53
N VAL A 627 31.89 39.56 -26.64
CA VAL A 627 31.82 40.42 -27.83
C VAL A 627 32.23 41.85 -27.54
N SER A 628 33.16 42.36 -28.36
CA SER A 628 33.56 43.77 -28.26
C SER A 628 32.44 44.65 -28.80
N ALA A 629 31.97 45.58 -27.98
CA ALA A 629 30.84 46.42 -28.34
C ALA A 629 31.26 47.84 -28.69
N ASP A 630 32.54 48.04 -28.97
CA ASP A 630 33.06 49.36 -29.32
C ASP A 630 32.42 49.89 -30.60
N LYS A 631 32.34 49.04 -31.61
CA LYS A 631 31.77 49.44 -32.90
C LYS A 631 30.28 49.73 -32.83
N ILE A 632 29.58 49.00 -31.95
CA ILE A 632 28.15 49.21 -31.74
C ILE A 632 27.91 50.57 -31.10
N ILE A 633 28.71 50.90 -30.09
CA ILE A 633 28.64 52.19 -29.41
C ILE A 633 28.93 53.34 -30.38
N ASP A 634 29.94 53.14 -31.23
CA ASP A 634 30.39 54.18 -32.15
C ASP A 634 29.33 54.53 -33.20
N LYS A 635 28.49 53.57 -33.55
CA LYS A 635 27.43 53.79 -34.53
C LYS A 635 26.48 54.90 -34.09
N VAL A 636 26.06 54.85 -32.84
CA VAL A 636 25.19 55.88 -32.28
C VAL A 636 26.02 57.12 -31.93
N GLY A 637 27.22 56.89 -31.42
CA GLY A 637 28.08 57.97 -30.99
C GLY A 637 28.06 58.08 -29.48
N GLU A 638 29.25 58.11 -28.87
CA GLU A 638 29.38 58.14 -27.42
C GLU A 638 28.89 59.47 -26.84
N SER A 639 28.81 60.49 -27.70
CA SER A 639 28.37 61.81 -27.28
C SER A 639 26.85 61.90 -27.24
N LYS A 640 26.18 60.96 -27.89
CA LYS A 640 24.72 60.94 -27.96
C LYS A 640 24.08 60.22 -26.77
N PHE A 641 24.92 59.79 -25.82
CA PHE A 641 24.42 59.14 -24.61
C PHE A 641 24.42 60.11 -23.44
N ARG A 642 23.26 60.27 -22.80
CA ARG A 642 23.12 61.19 -21.68
C ARG A 642 23.97 60.78 -20.48
N ASP A 643 23.90 59.51 -20.10
CA ASP A 643 24.67 59.00 -18.98
C ASP A 643 25.02 57.52 -19.14
N THR A 644 25.51 56.92 -18.07
CA THR A 644 25.94 55.52 -18.10
C THR A 644 24.79 54.56 -18.38
N ASN A 645 23.68 54.75 -17.68
CA ASN A 645 22.50 53.90 -17.86
C ASN A 645 21.95 53.95 -19.28
N HIS A 646 22.18 55.07 -19.96
CA HIS A 646 21.68 55.26 -21.32
C HIS A 646 22.30 54.26 -22.30
N TRP A 647 23.62 54.14 -22.28
CA TRP A 647 24.29 53.21 -23.19
C TRP A 647 24.15 51.77 -22.73
N VAL A 648 23.92 51.57 -21.42
CA VAL A 648 23.66 50.24 -20.89
C VAL A 648 22.30 49.74 -21.37
N ASP A 649 21.32 50.63 -21.31
CA ASP A 649 19.98 50.31 -21.81
C ASP A 649 20.02 50.02 -23.31
N PHE A 650 20.90 50.70 -24.02
CA PHE A 650 21.03 50.53 -25.47
C PHE A 650 21.60 49.17 -25.84
N LEU A 651 22.69 48.78 -25.16
CA LEU A 651 23.31 47.49 -25.43
C LEU A 651 22.38 46.35 -25.01
N ASP A 652 21.61 46.58 -23.97
CA ASP A 652 20.65 45.59 -23.48
C ASP A 652 19.53 45.36 -24.49
N LYS A 653 19.06 46.45 -25.10
CA LYS A 653 18.00 46.36 -26.10
C LYS A 653 18.52 45.69 -27.36
N PHE A 654 19.74 46.04 -27.76
CA PHE A 654 20.35 45.50 -28.95
C PHE A 654 20.64 44.01 -28.84
N ALA A 655 21.04 43.58 -27.64
CA ALA A 655 21.35 42.18 -27.39
C ALA A 655 20.09 41.31 -27.49
N ARG A 656 19.01 41.79 -26.91
CA ARG A 656 17.77 41.02 -26.83
C ARG A 656 17.02 40.98 -28.15
N GLU A 657 16.94 42.13 -28.83
CA GLU A 657 16.12 42.25 -30.03
C GLU A 657 16.88 41.90 -31.32
N ARG A 658 18.20 42.05 -31.31
CA ARG A 658 18.98 41.82 -32.52
C ARG A 658 19.86 40.57 -32.42
N MET A 659 20.80 40.57 -31.48
CA MET A 659 21.77 39.47 -31.37
C MET A 659 21.13 38.14 -31.00
N GLU A 660 20.32 38.12 -29.95
CA GLU A 660 19.67 36.90 -29.50
C GLU A 660 18.83 36.17 -30.56
N PRO A 661 17.97 36.89 -31.30
CA PRO A 661 17.24 36.19 -32.37
C PRO A 661 18.18 35.70 -33.48
N ALA A 662 19.27 36.42 -33.69
CA ALA A 662 20.26 36.03 -34.68
C ALA A 662 21.05 34.82 -34.21
N ILE A 663 21.27 34.75 -32.90
CA ILE A 663 21.97 33.61 -32.30
C ILE A 663 21.12 32.35 -32.40
N ASP A 664 19.85 32.47 -32.07
CA ASP A 664 18.94 31.32 -32.09
C ASP A 664 18.76 30.76 -33.50
N ARG A 665 18.69 31.64 -34.50
CA ARG A 665 18.65 31.20 -35.88
C ARG A 665 19.96 30.51 -36.23
N GLY A 666 21.05 31.03 -35.66
CA GLY A 666 22.36 30.46 -35.88
C GLY A 666 22.53 29.09 -35.27
N PHE A 667 21.65 28.73 -34.33
CA PHE A 667 21.72 27.43 -33.68
C PHE A 667 20.72 26.43 -34.25
N ARG A 668 19.60 26.93 -34.76
CA ARG A 668 18.59 26.07 -35.37
C ARG A 668 19.13 25.38 -36.62
N GLU A 669 19.90 26.11 -37.41
CA GLU A 669 20.52 25.52 -38.61
C GLU A 669 21.54 24.44 -38.23
N MET A 670 22.29 24.66 -37.15
CA MET A 670 23.27 23.68 -36.68
C MET A 670 22.53 22.43 -36.23
N CYS A 671 21.40 22.62 -35.57
CA CYS A 671 20.54 21.52 -35.15
C CYS A 671 20.12 20.70 -36.36
N GLU A 672 19.78 21.39 -37.44
N GLU A 672 19.77 21.40 -37.43
CA GLU A 672 19.41 20.70 -38.69
CA GLU A 672 19.41 20.76 -38.70
C GLU A 672 20.63 20.07 -39.34
C GLU A 672 20.62 20.08 -39.33
N TYR A 673 21.77 20.76 -39.24
CA TYR A 673 23.02 20.26 -39.79
C TYR A 673 23.39 18.91 -39.16
N MET A 674 23.22 18.82 -37.85
CA MET A 674 23.52 17.60 -37.11
C MET A 674 22.30 16.69 -37.01
N ASN A 675 21.18 17.13 -37.58
CA ASN A 675 19.92 16.39 -37.56
C ASN A 675 19.52 15.97 -36.14
N ASN A 676 19.68 16.89 -35.19
CA ASN A 676 19.44 16.58 -33.79
C ASN A 676 17.96 16.38 -33.45
N LYS A 677 17.71 15.70 -32.34
CA LYS A 677 16.36 15.34 -31.93
C LYS A 677 15.53 16.53 -31.47
N GLN A 678 16.18 17.48 -30.80
CA GLN A 678 15.47 18.60 -30.20
C GLN A 678 16.39 19.81 -30.03
N HIS A 679 15.95 20.96 -30.53
CA HIS A 679 16.72 22.20 -30.39
C HIS A 679 16.74 22.69 -28.96
N LEU A 680 17.93 22.71 -28.36
CA LEU A 680 18.07 23.12 -26.95
C LEU A 680 19.31 23.96 -26.70
N MET A 681 19.96 24.42 -27.77
CA MET A 681 21.09 25.32 -27.64
C MET A 681 20.58 26.75 -27.44
N PHE A 682 20.28 27.09 -26.20
CA PHE A 682 19.74 28.40 -25.85
C PHE A 682 20.83 29.32 -25.31
N MET A 683 21.21 30.32 -26.10
CA MET A 683 22.22 31.29 -25.67
C MET A 683 21.63 32.69 -25.59
N ASP A 684 21.55 33.22 -24.37
CA ASP A 684 21.03 34.56 -24.15
C ASP A 684 22.08 35.47 -23.53
N ARG A 685 21.79 36.77 -23.49
CA ARG A 685 22.74 37.77 -23.01
C ARG A 685 23.08 37.56 -21.53
N GLU A 686 24.35 37.74 -21.20
CA GLU A 686 24.81 37.58 -19.82
C GLU A 686 25.20 38.93 -19.22
N ALA A 687 26.43 39.36 -19.49
CA ALA A 687 26.93 40.60 -18.90
C ALA A 687 26.99 41.75 -19.88
N ILE A 688 26.79 42.96 -19.37
CA ILE A 688 27.02 44.19 -20.12
C ILE A 688 28.08 44.99 -19.38
N ALA A 689 29.20 45.25 -20.03
CA ALA A 689 30.34 45.83 -19.35
C ALA A 689 30.92 47.05 -20.05
N GLY A 690 31.44 47.98 -19.26
CA GLY A 690 32.08 49.18 -19.77
C GLY A 690 32.44 50.12 -18.64
N PRO A 691 33.24 51.16 -18.95
CA PRO A 691 33.60 52.17 -17.95
C PRO A 691 32.44 53.12 -17.73
N PRO A 692 32.44 53.85 -16.60
CA PRO A 692 31.43 54.89 -16.38
C PRO A 692 31.53 55.95 -17.46
N LEU A 693 30.39 56.47 -17.91
CA LEU A 693 30.37 57.47 -18.97
C LEU A 693 31.08 58.74 -18.52
N GLY A 694 32.05 59.18 -19.31
CA GLY A 694 32.78 60.40 -19.02
C GLY A 694 34.04 60.17 -18.21
N SER A 695 34.18 58.99 -17.63
CA SER A 695 35.35 58.66 -16.82
C SER A 695 36.53 58.27 -17.70
N LYS A 696 37.64 57.89 -17.07
CA LYS A 696 38.84 57.51 -17.81
C LYS A 696 39.15 56.02 -17.65
N GLY A 697 38.19 55.27 -17.11
CA GLY A 697 38.35 53.84 -16.93
C GLY A 697 38.39 53.09 -18.25
N ILE A 698 38.98 51.90 -18.23
CA ILE A 698 39.14 51.11 -19.46
C ILE A 698 38.05 50.05 -19.61
N GLY A 699 37.16 49.95 -18.62
CA GLY A 699 36.06 49.00 -18.67
C GLY A 699 36.44 47.58 -18.32
N GLY A 700 37.41 47.02 -19.03
CA GLY A 700 37.83 45.65 -18.80
C GLY A 700 39.16 45.28 -19.46
N PHE A 701 39.65 44.09 -19.17
CA PHE A 701 40.89 43.62 -19.79
C PHE A 701 41.07 42.10 -19.70
N TRP A 702 41.80 41.56 -20.68
CA TRP A 702 42.19 40.16 -20.68
C TRP A 702 43.72 40.07 -20.65
N THR A 703 44.25 39.09 -19.93
CA THR A 703 45.69 38.84 -19.94
C THR A 703 45.97 37.53 -20.67
N GLY A 704 44.95 36.70 -20.76
CA GLY A 704 45.06 35.41 -21.42
C GLY A 704 43.85 34.55 -21.13
N LYS A 705 43.94 33.27 -21.47
CA LYS A 705 42.85 32.33 -21.22
C LYS A 705 42.48 32.24 -19.74
N LYS A 706 41.18 32.24 -19.46
CA LYS A 706 40.65 32.14 -18.10
C LYS A 706 41.14 33.21 -17.14
N ARG A 707 41.52 34.36 -17.67
CA ARG A 707 42.02 35.46 -16.84
C ARG A 707 41.56 36.82 -17.36
N TYR A 708 40.54 37.38 -16.71
CA TYR A 708 39.99 38.65 -17.15
C TYR A 708 39.21 39.40 -16.08
N ALA A 709 39.00 40.69 -16.30
CA ALA A 709 38.25 41.53 -15.38
C ALA A 709 37.28 42.42 -16.14
N LEU A 710 36.05 42.51 -15.65
CA LEU A 710 35.04 43.35 -16.27
C LEU A 710 34.33 44.24 -15.25
N ASN A 711 34.00 45.46 -15.66
CA ASN A 711 33.17 46.34 -14.85
C ASN A 711 31.72 46.24 -15.31
N VAL A 712 30.97 45.36 -14.66
CA VAL A 712 29.64 44.98 -15.12
C VAL A 712 28.53 45.88 -14.59
N TRP A 713 27.61 46.27 -15.47
CA TRP A 713 26.48 47.11 -15.11
C TRP A 713 25.17 46.31 -15.08
N ALA A 714 25.16 45.18 -15.78
CA ALA A 714 23.97 44.33 -15.84
C ALA A 714 24.33 42.86 -15.98
N MET A 715 23.64 42.02 -15.21
CA MET A 715 23.85 40.58 -15.28
C MET A 715 22.51 39.86 -15.48
N GLU A 716 22.26 39.42 -16.70
CA GLU A 716 20.97 38.84 -17.09
C GLU A 716 19.82 39.81 -16.80
N GLY A 717 18.96 39.45 -15.86
CA GLY A 717 17.83 40.28 -15.50
C GLY A 717 18.15 41.26 -14.40
N THR A 718 19.34 41.14 -13.82
CA THR A 718 19.77 42.01 -12.74
C THR A 718 20.50 43.25 -13.27
N ARG A 719 19.93 44.42 -13.02
CA ARG A 719 20.58 45.68 -13.33
C ARG A 719 21.16 46.26 -12.05
N TYR A 720 22.48 46.42 -12.02
CA TYR A 720 23.16 46.88 -10.81
C TYR A 720 23.09 48.39 -10.63
N ALA A 721 22.70 48.81 -9.42
CA ALA A 721 22.69 50.23 -9.08
C ALA A 721 24.11 50.77 -9.10
N GLU A 722 25.03 50.00 -8.53
CA GLU A 722 26.45 50.32 -8.58
C GLU A 722 27.16 49.21 -9.35
N PRO A 723 28.13 49.59 -10.19
CA PRO A 723 28.86 48.61 -11.02
C PRO A 723 29.56 47.53 -10.20
N LYS A 724 29.35 46.28 -10.60
CA LYS A 724 29.98 45.13 -9.96
C LYS A 724 31.19 44.67 -10.76
N LEU A 725 32.28 44.37 -10.05
CA LEU A 725 33.47 43.82 -10.71
C LEU A 725 33.28 42.34 -10.99
N LYS A 726 33.49 41.95 -12.24
CA LYS A 726 33.54 40.53 -12.59
C LYS A 726 34.98 40.18 -12.90
N ILE A 727 35.61 39.44 -11.99
CA ILE A 727 37.01 39.06 -12.14
C ILE A 727 37.14 37.55 -12.09
N MET A 728 37.72 36.98 -13.13
CA MET A 728 37.88 35.53 -13.22
C MET A 728 39.35 35.15 -13.36
N GLY A 729 39.78 34.19 -12.55
CA GLY A 729 41.10 33.60 -12.70
C GLY A 729 42.26 34.39 -12.12
N LEU A 730 42.10 35.71 -12.02
CA LEU A 730 43.16 36.57 -11.51
C LEU A 730 43.44 36.29 -10.03
N GLU A 731 44.57 36.77 -9.54
CA GLU A 731 45.01 36.48 -8.17
C GLU A 731 44.02 36.92 -7.11
N THR A 732 43.14 37.86 -7.45
CA THR A 732 42.09 38.29 -6.54
C THR A 732 41.11 37.17 -6.24
N GLN A 733 41.12 36.14 -7.09
CA GLN A 733 40.20 35.01 -6.94
C GLN A 733 40.90 33.76 -6.40
N LYS A 734 42.23 33.78 -6.40
CA LYS A 734 43.01 32.63 -5.92
C LYS A 734 43.21 32.69 -4.41
N SER A 735 42.81 31.62 -3.73
CA SER A 735 42.91 31.55 -2.27
C SER A 735 44.37 31.47 -1.80
N SER A 736 45.28 31.28 -2.75
CA SER A 736 46.71 31.21 -2.45
C SER A 736 47.31 32.61 -2.34
N THR A 737 46.54 33.61 -2.76
CA THR A 737 46.95 35.00 -2.65
C THR A 737 46.52 35.57 -1.31
N PRO A 738 47.43 36.26 -0.61
CA PRO A 738 47.18 36.85 0.71
C PRO A 738 45.95 37.75 0.73
N LYS A 739 45.24 37.77 1.85
CA LYS A 739 43.99 38.52 1.99
C LYS A 739 44.12 40.02 1.70
N ALA A 740 45.15 40.65 2.24
CA ALA A 740 45.33 42.09 2.06
C ALA A 740 45.81 42.41 0.66
N VAL A 741 46.38 41.42 -0.01
CA VAL A 741 46.85 41.58 -1.39
C VAL A 741 45.68 41.45 -2.36
N GLN A 742 44.77 40.52 -2.07
CA GLN A 742 43.56 40.36 -2.85
C GLN A 742 42.78 41.66 -2.91
N LYS A 743 42.57 42.25 -1.74
CA LYS A 743 41.85 43.52 -1.61
C LYS A 743 42.56 44.64 -2.38
N ALA A 744 43.86 44.75 -2.18
CA ALA A 744 44.65 45.80 -2.85
C ALA A 744 44.70 45.62 -4.36
N LEU A 745 44.81 44.37 -4.81
CA LEU A 745 44.78 44.09 -6.25
C LEU A 745 43.40 44.38 -6.82
N LYS A 746 42.36 43.98 -6.10
CA LYS A 746 40.99 44.23 -6.53
C LYS A 746 40.71 45.73 -6.63
N GLU A 747 41.28 46.49 -5.71
CA GLU A 747 41.13 47.95 -5.74
C GLU A 747 41.94 48.55 -6.89
N CYS A 748 43.09 47.95 -7.18
CA CYS A 748 43.87 48.35 -8.34
C CYS A 748 43.07 48.11 -9.61
N ILE A 749 42.39 46.98 -9.67
CA ILE A 749 41.56 46.63 -10.82
C ILE A 749 40.36 47.57 -10.95
N ARG A 750 39.66 47.80 -9.84
CA ARG A 750 38.51 48.70 -9.82
C ARG A 750 38.86 50.08 -10.36
N ARG A 751 40.05 50.57 -9.99
CA ARG A 751 40.49 51.87 -10.45
C ARG A 751 40.87 51.87 -11.93
N MET A 752 41.39 50.74 -12.41
CA MET A 752 41.70 50.58 -13.83
C MET A 752 40.44 50.64 -14.68
N LEU A 753 39.40 49.94 -14.23
CA LEU A 753 38.18 49.80 -15.02
C LEU A 753 37.21 50.97 -14.87
N GLN A 754 37.30 51.70 -13.76
CA GLN A 754 36.31 52.74 -13.47
C GLN A 754 36.88 54.16 -13.48
N GLU A 755 38.17 54.31 -13.23
CA GLU A 755 38.74 55.63 -13.02
C GLU A 755 39.95 55.96 -13.90
N GLY A 756 40.74 54.94 -14.24
CA GLY A 756 41.84 55.14 -15.16
C GLY A 756 43.23 55.04 -14.57
N GLU A 757 44.21 55.55 -15.33
CA GLU A 757 45.62 55.37 -15.03
C GLU A 757 46.10 56.17 -13.81
N GLU A 758 45.73 57.45 -13.79
CA GLU A 758 46.20 58.37 -12.75
C GLU A 758 45.74 57.94 -11.35
N SER A 759 44.51 57.46 -11.26
CA SER A 759 43.96 56.98 -9.99
C SER A 759 44.69 55.71 -9.54
N LEU A 760 45.01 54.86 -10.50
CA LEU A 760 45.71 53.61 -10.24
C LEU A 760 47.12 53.87 -9.69
N GLN A 761 47.82 54.80 -10.33
CA GLN A 761 49.18 55.16 -9.91
C GLN A 761 49.16 55.81 -8.52
N GLU A 762 48.13 56.60 -8.27
CA GLU A 762 47.93 57.24 -6.98
C GLU A 762 47.79 56.20 -5.87
N TYR A 763 46.99 55.17 -6.14
CA TYR A 763 46.74 54.12 -5.16
C TYR A 763 47.94 53.20 -4.95
N PHE A 764 48.67 52.92 -6.04
CA PHE A 764 49.85 52.08 -5.95
C PHE A 764 50.91 52.72 -5.07
N LYS A 765 51.18 54.00 -5.32
CA LYS A 765 52.16 54.76 -4.54
C LYS A 765 51.80 54.78 -3.06
N GLU A 766 50.51 54.86 -2.77
CA GLU A 766 50.03 54.90 -1.39
C GLU A 766 50.11 53.52 -0.73
N PHE A 767 49.90 52.48 -1.53
CA PHE A 767 49.94 51.12 -1.00
C PHE A 767 51.37 50.66 -0.71
N GLU A 768 52.31 51.09 -1.53
CA GLU A 768 53.71 50.72 -1.34
C GLU A 768 54.31 51.41 -0.12
N LYS A 769 53.80 52.60 0.19
CA LYS A 769 54.29 53.36 1.33
C LYS A 769 53.74 52.87 2.67
N GLU A 770 52.67 52.08 2.63
CA GLU A 770 51.95 51.73 3.85
C GLU A 770 51.87 50.24 4.15
N PHE A 771 52.18 49.39 3.17
CA PHE A 771 51.88 47.96 3.28
C PHE A 771 52.62 47.23 4.40
N ARG A 772 53.68 47.85 4.92
CA ARG A 772 54.42 47.27 6.04
C ARG A 772 53.61 47.32 7.33
N GLN A 773 52.62 48.21 7.37
CA GLN A 773 51.73 48.33 8.52
C GLN A 773 50.79 47.14 8.64
N LEU A 774 50.54 46.48 7.52
CA LEU A 774 49.55 45.41 7.46
C LEU A 774 49.86 44.25 8.41
N ASN A 775 48.81 43.62 8.92
CA ASN A 775 48.96 42.45 9.78
C ASN A 775 49.62 41.31 9.02
N TYR A 776 50.52 40.58 9.68
CA TYR A 776 51.34 39.58 9.02
C TYR A 776 50.52 38.44 8.40
N ILE A 777 49.43 38.06 9.05
CA ILE A 777 48.56 37.02 8.53
C ILE A 777 47.88 37.45 7.22
N SER A 778 47.45 38.71 7.15
CA SER A 778 46.74 39.21 5.98
C SER A 778 47.63 39.30 4.75
N ILE A 779 48.94 39.35 4.95
CA ILE A 779 49.89 39.40 3.84
C ILE A 779 50.61 38.08 3.63
N ALA A 780 50.19 37.05 4.34
CA ALA A 780 50.78 35.72 4.20
C ALA A 780 50.13 34.96 3.04
N SER A 781 50.95 34.24 2.29
CA SER A 781 50.44 33.40 1.21
C SER A 781 49.80 32.15 1.80
N VAL A 782 49.04 31.43 0.98
CA VAL A 782 48.39 30.20 1.41
C VAL A 782 48.65 29.08 0.41
N SER A 783 48.80 27.86 0.90
CA SER A 783 48.95 26.69 0.03
C SER A 783 48.57 25.41 0.75
N SER A 784 48.05 24.44 0.00
CA SER A 784 47.77 23.12 0.56
C SER A 784 49.09 22.40 0.75
N ALA A 785 49.16 21.53 1.75
CA ALA A 785 50.40 20.86 2.10
C ALA A 785 50.33 19.35 1.87
N ASN A 786 50.94 18.89 0.79
CA ASN A 786 50.93 17.47 0.46
C ASN A 786 52.32 16.86 0.41
N ASN A 787 52.42 15.60 0.85
CA ASN A 787 53.69 14.86 0.82
C ASN A 787 54.83 15.57 1.52
N ILE A 788 54.59 15.99 2.75
CA ILE A 788 55.60 16.69 3.54
C ILE A 788 56.83 15.82 3.79
N ALA A 789 56.60 14.59 4.24
CA ALA A 789 57.68 13.66 4.54
C ALA A 789 58.50 13.31 3.30
N LYS A 790 57.85 13.35 2.14
CA LYS A 790 58.49 13.03 0.87
C LYS A 790 59.68 13.93 0.59
N TYR A 791 59.60 15.17 1.06
CA TYR A 791 60.68 16.14 0.87
C TYR A 791 61.39 16.44 2.19
N ASP A 792 61.28 15.51 3.14
CA ASP A 792 61.89 15.69 4.45
C ASP A 792 63.13 14.81 4.60
N VAL A 793 64.30 15.43 4.59
CA VAL A 793 65.55 14.71 4.82
C VAL A 793 66.29 15.28 6.03
N GLY A 794 66.12 14.64 7.17
CA GLY A 794 66.78 15.05 8.39
C GLY A 794 66.26 16.37 8.96
N GLY A 795 65.04 16.73 8.56
CA GLY A 795 64.43 17.97 9.01
C GLY A 795 64.72 19.13 8.09
N PHE A 796 65.51 18.87 7.05
CA PHE A 796 65.87 19.90 6.08
C PHE A 796 65.31 19.56 4.70
N PRO A 797 65.11 20.58 3.85
CA PRO A 797 64.59 20.40 2.49
C PRO A 797 65.37 19.36 1.67
N GLY A 798 64.64 18.42 1.08
CA GLY A 798 65.23 17.43 0.22
C GLY A 798 65.20 17.88 -1.23
N PRO A 799 65.54 16.98 -2.17
CA PRO A 799 65.53 17.28 -3.60
C PRO A 799 64.14 17.67 -4.11
N LYS A 800 64.08 18.73 -4.91
CA LYS A 800 62.83 19.19 -5.52
C LYS A 800 61.77 19.62 -4.49
N CYS A 801 62.21 20.00 -3.30
CA CYS A 801 61.31 20.45 -2.24
C CYS A 801 60.59 21.73 -2.63
N PRO A 802 59.24 21.68 -2.68
CA PRO A 802 58.44 22.88 -2.99
C PRO A 802 58.65 23.99 -1.97
N PHE A 803 58.46 25.23 -2.40
CA PHE A 803 58.72 26.40 -1.57
C PHE A 803 57.91 26.42 -0.28
N HIS A 804 56.64 26.02 -0.37
CA HIS A 804 55.77 26.04 0.81
C HIS A 804 56.07 24.87 1.74
N ILE A 805 56.55 23.77 1.19
CA ILE A 805 56.94 22.61 1.99
C ILE A 805 58.22 22.94 2.76
N ARG A 806 59.09 23.70 2.12
CA ARG A 806 60.32 24.17 2.75
C ARG A 806 60.01 25.03 3.97
N GLY A 807 58.93 25.81 3.86
CA GLY A 807 58.49 26.65 4.96
C GLY A 807 57.99 25.83 6.14
N ILE A 808 57.45 24.65 5.84
CA ILE A 808 56.93 23.76 6.87
C ILE A 808 58.06 23.08 7.64
N LEU A 809 59.10 22.68 6.92
CA LEU A 809 60.27 22.05 7.54
C LEU A 809 61.01 23.05 8.42
N THR A 810 61.05 24.30 7.97
CA THR A 810 61.64 25.39 8.75
C THR A 810 60.87 25.58 10.05
N TYR A 811 59.55 25.46 9.95
CA TYR A 811 58.68 25.60 11.11
C TYR A 811 58.81 24.43 12.07
N ASN A 812 58.95 23.22 11.51
CA ASN A 812 59.06 22.03 12.33
C ASN A 812 60.32 22.01 13.17
N ARG A 813 61.39 22.61 12.64
CA ARG A 813 62.64 22.74 13.37
C ARG A 813 62.51 23.76 14.50
N ALA A 814 61.76 24.82 14.22
CA ALA A 814 61.59 25.91 15.18
C ALA A 814 60.80 25.48 16.42
N ILE A 815 59.81 24.61 16.22
CA ILE A 815 58.96 24.16 17.32
C ILE A 815 59.35 22.78 17.84
N LYS A 816 60.42 22.22 17.29
CA LYS A 816 60.85 20.86 17.65
C LYS A 816 61.16 20.72 19.13
N GLY A 817 60.53 19.73 19.77
CA GLY A 817 60.71 19.51 21.19
C GLY A 817 59.55 20.07 21.99
N ASN A 818 58.87 21.06 21.43
CA ASN A 818 57.73 21.68 22.07
C ASN A 818 56.46 20.92 21.75
N ILE A 819 56.04 20.04 22.67
CA ILE A 819 54.94 19.11 22.43
C ILE A 819 53.56 19.78 22.37
N ASP A 820 53.48 21.02 22.84
CA ASP A 820 52.20 21.73 22.87
C ASP A 820 51.98 22.61 21.64
N ALA A 821 53.04 22.83 20.88
CA ALA A 821 52.97 23.66 19.68
C ALA A 821 52.08 23.02 18.61
N PRO A 822 51.28 23.85 17.93
CA PRO A 822 50.40 23.39 16.84
C PRO A 822 51.19 22.67 15.75
N GLN A 823 50.71 21.50 15.33
CA GLN A 823 51.41 20.71 14.34
C GLN A 823 50.80 20.89 12.95
N VAL A 824 51.67 21.06 11.95
CA VAL A 824 51.23 21.15 10.57
C VAL A 824 50.73 19.78 10.11
N VAL A 825 49.47 19.72 9.71
CA VAL A 825 48.85 18.45 9.34
C VAL A 825 48.99 18.16 7.85
N GLU A 826 49.35 16.93 7.54
CA GLU A 826 49.47 16.47 6.16
C GLU A 826 48.13 16.55 5.44
N GLY A 827 48.10 17.23 4.30
CA GLY A 827 46.89 17.33 3.51
C GLY A 827 46.06 18.57 3.83
N GLU A 828 46.52 19.35 4.79
CA GLU A 828 45.84 20.59 5.15
C GLU A 828 46.57 21.79 4.56
N LYS A 829 46.12 22.99 4.91
CA LYS A 829 46.68 24.20 4.35
C LYS A 829 47.55 24.97 5.34
N VAL A 830 48.47 25.77 4.82
CA VAL A 830 49.36 26.56 5.66
C VAL A 830 49.49 28.00 5.16
N TYR A 831 49.70 28.92 6.11
CA TYR A 831 50.12 30.27 5.77
C TYR A 831 51.60 30.22 5.45
N VAL A 832 52.06 31.09 4.55
CA VAL A 832 53.45 31.07 4.12
C VAL A 832 54.03 32.49 4.04
N LEU A 833 55.20 32.67 4.66
CA LEU A 833 55.89 33.96 4.62
C LEU A 833 57.36 33.77 4.25
N PRO A 834 57.86 34.62 3.35
CA PRO A 834 59.30 34.62 3.01
C PRO A 834 60.11 35.23 4.14
N LEU A 835 61.37 34.80 4.27
CA LEU A 835 62.23 35.28 5.35
C LEU A 835 63.50 35.92 4.81
N ARG A 836 63.89 37.05 5.39
CA ARG A 836 65.12 37.72 4.97
C ARG A 836 66.34 36.87 5.28
N GLU A 837 67.35 36.97 4.43
CA GLU A 837 68.57 36.18 4.57
C GLU A 837 69.24 36.45 5.92
N GLY A 838 69.81 35.40 6.51
CA GLY A 838 70.49 35.52 7.79
C GLY A 838 69.55 35.42 8.98
N ASN A 839 68.30 35.04 8.71
CA ASN A 839 67.31 34.87 9.77
C ASN A 839 67.66 33.68 10.67
N PRO A 840 67.23 33.72 11.93
CA PRO A 840 67.57 32.65 12.89
C PRO A 840 66.88 31.32 12.59
N PHE A 841 65.92 31.30 11.67
CA PHE A 841 65.18 30.08 11.38
C PHE A 841 65.92 29.15 10.41
N GLY A 842 66.92 29.70 9.72
CA GLY A 842 67.80 28.89 8.91
C GLY A 842 67.43 28.70 7.45
N ASP A 843 66.32 29.30 7.00
CA ASP A 843 65.91 29.14 5.61
C ASP A 843 65.14 30.35 5.07
N LYS A 844 64.75 30.27 3.79
CA LYS A 844 64.19 31.42 3.08
C LYS A 844 62.72 31.68 3.37
N CYS A 845 62.07 30.77 4.11
CA CYS A 845 60.65 30.90 4.40
C CYS A 845 60.20 30.01 5.54
N ILE A 846 59.08 30.36 6.15
CA ILE A 846 58.46 29.55 7.19
C ILE A 846 56.97 29.41 6.92
N ALA A 847 56.38 28.32 7.37
CA ALA A 847 54.96 28.06 7.13
C ALA A 847 54.28 27.47 8.37
N TRP A 848 53.07 27.95 8.66
CA TRP A 848 52.32 27.47 9.82
C TRP A 848 50.86 27.27 9.43
N PRO A 849 50.11 26.45 10.20
CA PRO A 849 48.71 26.15 9.89
C PRO A 849 47.87 27.38 9.57
N SER A 850 47.14 27.33 8.45
CA SER A 850 46.30 28.44 8.04
C SER A 850 45.13 28.62 9.00
N GLY A 851 44.60 29.84 9.04
CA GLY A 851 43.46 30.15 9.89
C GLY A 851 43.82 30.35 11.35
N THR A 852 45.11 30.37 11.67
CA THR A 852 45.55 30.53 13.05
C THR A 852 46.68 31.54 13.18
N GLU A 853 46.82 32.09 14.39
CA GLU A 853 47.98 32.90 14.73
C GLU A 853 49.16 31.95 14.92
N ILE A 854 50.35 32.39 14.51
CA ILE A 854 51.54 31.58 14.71
C ILE A 854 51.90 31.57 16.20
N THR A 855 52.43 30.44 16.68
CA THR A 855 52.71 30.27 18.09
C THR A 855 53.61 31.36 18.66
N ASP A 856 53.32 31.78 19.88
CA ASP A 856 54.07 32.85 20.53
C ASP A 856 55.52 32.48 20.82
N LEU A 857 55.87 31.22 20.58
CA LEU A 857 57.24 30.75 20.72
C LEU A 857 58.17 31.50 19.77
N ILE A 858 57.75 31.61 18.51
CA ILE A 858 58.60 32.16 17.46
C ILE A 858 57.99 33.39 16.78
N LYS A 859 56.84 33.83 17.26
CA LYS A 859 56.08 34.89 16.60
C LYS A 859 56.86 36.20 16.44
N ASP A 860 57.51 36.65 17.51
CA ASP A 860 58.26 37.89 17.48
C ASP A 860 59.42 37.85 16.50
N ASP A 861 60.05 36.69 16.37
CA ASP A 861 61.15 36.51 15.43
C ASP A 861 60.65 36.55 13.99
N VAL A 862 59.51 35.92 13.74
CA VAL A 862 58.92 35.90 12.41
C VAL A 862 58.57 37.31 11.93
N LEU A 863 57.97 38.09 12.82
CA LEU A 863 57.62 39.47 12.52
C LEU A 863 58.85 40.31 12.18
N HIS A 864 59.94 40.06 12.91
CA HIS A 864 61.17 40.82 12.73
C HIS A 864 61.92 40.44 11.45
N TRP A 865 61.76 39.21 10.99
CA TRP A 865 62.54 38.72 9.86
C TRP A 865 61.74 38.45 8.58
N MET A 866 60.42 38.67 8.61
CA MET A 866 59.61 38.49 7.41
C MET A 866 60.05 39.47 6.31
N ASP A 867 60.24 38.95 5.11
CA ASP A 867 60.78 39.76 4.01
C ASP A 867 59.67 40.52 3.29
N TYR A 868 59.47 41.77 3.69
CA TYR A 868 58.44 42.63 3.11
C TYR A 868 58.66 42.90 1.62
N THR A 869 59.93 42.99 1.23
CA THR A 869 60.27 43.28 -0.16
C THR A 869 59.91 42.13 -1.10
N VAL A 870 60.38 40.93 -0.76
CA VAL A 870 60.07 39.73 -1.53
C VAL A 870 58.56 39.48 -1.55
N LEU A 871 57.92 39.72 -0.41
CA LEU A 871 56.47 39.57 -0.28
C LEU A 871 55.73 40.50 -1.24
N LEU A 872 56.18 41.75 -1.30
CA LEU A 872 55.53 42.76 -2.14
C LEU A 872 55.74 42.47 -3.63
N GLU A 873 56.93 42.01 -3.97
CA GLU A 873 57.30 41.77 -5.37
C GLU A 873 56.61 40.55 -5.97
N LYS A 874 56.49 39.49 -5.19
CA LYS A 874 55.97 38.22 -5.71
C LYS A 874 54.44 38.14 -5.72
N THR A 875 53.80 38.77 -4.75
CA THR A 875 52.36 38.63 -4.58
C THR A 875 51.56 39.83 -5.08
N PHE A 876 52.17 41.01 -5.04
CA PHE A 876 51.46 42.23 -5.44
C PHE A 876 51.95 42.79 -6.77
N ILE A 877 53.23 43.17 -6.82
CA ILE A 877 53.80 43.80 -8.00
C ILE A 877 53.77 42.92 -9.25
N LYS A 878 54.23 41.68 -9.10
CA LYS A 878 54.29 40.74 -10.23
C LYS A 878 52.93 40.49 -10.91
N PRO A 879 51.88 40.19 -10.12
CA PRO A 879 50.57 40.09 -10.79
C PRO A 879 50.09 41.42 -11.37
N LEU A 880 50.36 42.51 -10.66
CA LEU A 880 49.96 43.84 -11.12
C LEU A 880 50.68 44.22 -12.41
N GLU A 881 51.89 43.71 -12.58
CA GLU A 881 52.64 43.91 -13.82
CA GLU A 881 52.64 43.91 -13.82
C GLU A 881 51.94 43.21 -14.98
N GLY A 882 51.35 42.06 -14.69
CA GLY A 882 50.63 41.29 -15.69
C GLY A 882 49.34 41.98 -16.11
N PHE A 883 48.66 42.58 -15.15
CA PHE A 883 47.38 43.23 -15.41
C PHE A 883 47.58 44.49 -16.26
N THR A 884 48.51 45.34 -15.82
CA THR A 884 48.71 46.65 -16.43
C THR A 884 49.38 46.60 -17.81
N SER A 885 50.37 45.73 -17.97
CA SER A 885 51.05 45.59 -19.26
CA SER A 885 51.04 45.60 -19.26
C SER A 885 50.08 45.07 -20.32
N ALA A 886 49.17 44.20 -19.90
CA ALA A 886 48.15 43.68 -20.79
C ALA A 886 47.14 44.77 -21.11
N ALA A 887 46.86 45.61 -20.11
CA ALA A 887 45.87 46.68 -20.28
C ALA A 887 46.50 47.95 -20.85
N LYS A 888 47.78 47.88 -21.19
CA LYS A 888 48.53 49.02 -21.71
C LYS A 888 48.49 50.21 -20.75
N LEU A 889 48.68 49.91 -19.47
CA LEU A 889 48.69 50.94 -18.44
C LEU A 889 49.98 50.87 -17.63
N ASP A 890 50.32 51.97 -16.97
CA ASP A 890 51.49 52.02 -16.11
C ASP A 890 51.04 52.19 -14.66
N TYR A 891 51.55 51.35 -13.77
CA TYR A 891 51.26 51.52 -12.35
C TYR A 891 52.25 52.47 -11.71
N GLU A 892 53.28 52.83 -12.47
CA GLU A 892 54.29 53.78 -12.01
C GLU A 892 54.58 54.79 -13.11
N LYS A 893 54.87 56.03 -12.73
CA LYS A 893 55.01 57.12 -13.67
C LYS A 893 56.23 56.96 -14.58
N LYS A 894 56.16 57.54 -15.77
CA LYS A 894 57.26 57.52 -16.72
C LYS A 894 57.88 58.91 -16.88
N ALA A 895 57.45 59.63 -17.91
CA ALA A 895 57.95 60.98 -18.17
C ALA A 895 56.95 61.79 -19.00
N MET C 1 -0.91 -1.52 3.34
CA MET C 1 -2.04 -2.44 3.33
C MET C 1 -1.74 -3.66 2.46
N LYS C 2 -2.33 -4.80 2.80
CA LYS C 2 -2.12 -6.03 2.04
C LYS C 2 -2.96 -6.03 0.76
N GLU C 3 -2.47 -6.74 -0.25
CA GLU C 3 -3.12 -6.80 -1.56
C GLU C 3 -4.15 -7.93 -1.59
N PHE C 4 -5.33 -7.64 -2.16
CA PHE C 4 -6.38 -8.66 -2.29
C PHE C 4 -7.19 -8.48 -3.57
N TYR C 5 -7.59 -9.61 -4.16
CA TYR C 5 -8.32 -9.61 -5.43
C TYR C 5 -9.77 -9.17 -5.26
N LEU C 6 -10.37 -8.75 -6.37
CA LEU C 6 -11.80 -8.43 -6.40
C LEU C 6 -12.53 -9.43 -7.28
N THR C 7 -12.10 -9.54 -8.53
CA THR C 7 -12.64 -10.51 -9.47
C THR C 7 -11.52 -11.19 -10.24
N VAL C 8 -11.81 -12.34 -10.82
CA VAL C 8 -10.82 -13.08 -11.60
C VAL C 8 -11.49 -13.92 -12.69
N GLU C 9 -10.98 -13.81 -13.92
CA GLU C 9 -11.53 -14.55 -15.04
C GLU C 9 -10.40 -15.13 -15.90
N GLN C 10 -10.72 -16.21 -16.61
CA GLN C 10 -9.81 -16.75 -17.61
C GLN C 10 -10.39 -16.55 -19.01
N ILE C 11 -9.68 -15.78 -19.83
CA ILE C 11 -10.08 -15.58 -21.22
C ILE C 11 -8.97 -16.09 -22.13
N GLY C 12 -9.10 -17.34 -22.57
CA GLY C 12 -8.07 -17.96 -23.37
C GLY C 12 -6.85 -18.30 -22.54
N ASP C 13 -5.70 -17.78 -22.94
CA ASP C 13 -4.45 -18.02 -22.23
C ASP C 13 -4.11 -16.84 -21.32
N SER C 14 -5.13 -16.08 -20.94
CA SER C 14 -4.93 -14.91 -20.09
C SER C 14 -5.79 -14.97 -18.83
N ILE C 15 -5.24 -14.42 -17.74
CA ILE C 15 -6.01 -14.27 -16.50
C ILE C 15 -6.28 -12.79 -16.25
N PHE C 16 -7.53 -12.40 -16.36
CA PHE C 16 -7.94 -11.02 -16.10
C PHE C 16 -8.34 -10.87 -14.64
N GLU C 17 -7.66 -10.00 -13.92
CA GLU C 17 -7.88 -9.83 -12.49
C GLU C 17 -8.07 -8.37 -12.08
N ARG C 18 -9.21 -8.09 -11.45
CA ARG C 18 -9.43 -6.81 -10.81
C ARG C 18 -9.10 -6.97 -9.33
N TYR C 19 -8.36 -6.02 -8.77
CA TYR C 19 -7.89 -6.16 -7.40
C TYR C 19 -7.63 -4.81 -6.72
N ILE C 20 -7.23 -4.88 -5.46
CA ILE C 20 -6.85 -3.70 -4.70
C ILE C 20 -5.38 -3.79 -4.31
N ASP C 21 -4.57 -2.86 -4.80
CA ASP C 21 -3.13 -2.88 -4.52
C ASP C 21 -2.80 -2.45 -3.10
N SER C 22 -1.51 -2.26 -2.83
CA SER C 22 -1.06 -1.85 -1.50
C SER C 22 -1.48 -0.42 -1.18
N ASN C 23 -1.72 0.37 -2.23
CA ASN C 23 -2.11 1.77 -2.07
C ASN C 23 -3.62 1.93 -1.87
N GLY C 24 -4.34 0.81 -1.94
CA GLY C 24 -5.78 0.84 -1.79
C GLY C 24 -6.48 1.25 -3.07
N ARG C 25 -5.74 1.24 -4.17
CA ARG C 25 -6.25 1.68 -5.45
C ARG C 25 -6.76 0.49 -6.27
N GLU C 26 -8.00 0.57 -6.75
CA GLU C 26 -8.55 -0.48 -7.59
C GLU C 26 -7.83 -0.52 -8.94
N ARG C 27 -7.36 -1.71 -9.31
CA ARG C 27 -6.61 -1.86 -10.55
C ARG C 27 -7.13 -3.04 -11.39
N THR C 28 -6.70 -3.08 -12.64
CA THR C 28 -6.98 -4.21 -13.52
C THR C 28 -5.66 -4.71 -14.07
N ARG C 29 -5.54 -6.02 -14.27
CA ARG C 29 -4.27 -6.62 -14.68
C ARG C 29 -4.48 -7.89 -15.50
N GLU C 30 -3.78 -7.97 -16.63
CA GLU C 30 -3.85 -9.15 -17.48
C GLU C 30 -2.54 -9.94 -17.41
N VAL C 31 -2.63 -11.22 -17.08
CA VAL C 31 -1.45 -12.06 -16.92
C VAL C 31 -1.54 -13.33 -17.76
N GLU C 32 -0.48 -13.62 -18.50
CA GLU C 32 -0.38 -14.89 -19.21
C GLU C 32 0.11 -15.97 -18.25
N TYR C 33 -0.78 -16.38 -17.35
CA TYR C 33 -0.45 -17.31 -16.28
C TYR C 33 0.08 -18.66 -16.79
N LYS C 34 1.21 -19.08 -16.23
CA LYS C 34 1.78 -20.38 -16.53
C LYS C 34 1.43 -21.37 -15.43
N PRO C 35 0.42 -22.21 -15.68
CA PRO C 35 -0.07 -23.15 -14.68
C PRO C 35 0.79 -24.41 -14.59
N SER C 36 0.59 -25.19 -13.54
CA SER C 36 1.32 -26.44 -13.38
C SER C 36 0.39 -27.59 -12.99
N LEU C 37 0.62 -28.74 -13.60
CA LEU C 37 -0.11 -29.95 -13.25
C LEU C 37 0.89 -31.05 -12.87
N PHE C 38 0.38 -32.16 -12.38
CA PHE C 38 1.26 -33.20 -11.85
C PHE C 38 0.95 -34.59 -12.39
N ALA C 39 1.97 -35.45 -12.39
CA ALA C 39 1.82 -36.83 -12.80
C ALA C 39 2.70 -37.70 -11.94
N HIS C 40 2.23 -38.90 -11.62
CA HIS C 40 3.00 -39.83 -10.80
C HIS C 40 4.35 -40.12 -11.45
N CYS C 41 5.41 -40.02 -10.67
CA CYS C 41 6.76 -40.20 -11.15
C CYS C 41 7.42 -41.38 -10.43
N PRO C 42 8.51 -41.92 -11.00
CA PRO C 42 9.25 -42.99 -10.31
C PRO C 42 9.74 -42.55 -8.94
N GLU C 43 9.97 -43.51 -8.06
CA GLU C 43 10.44 -43.23 -6.70
C GLU C 43 11.84 -42.65 -6.74
N SER C 44 12.59 -42.99 -7.78
CA SER C 44 13.96 -42.51 -7.94
C SER C 44 14.01 -41.00 -8.16
N GLN C 45 12.94 -40.46 -8.76
CA GLN C 45 12.86 -39.04 -9.04
C GLN C 45 12.84 -38.20 -7.77
N ALA C 46 13.84 -37.34 -7.62
CA ALA C 46 13.89 -36.42 -6.49
C ALA C 46 12.85 -35.32 -6.66
N THR C 47 11.90 -35.26 -5.73
CA THR C 47 10.82 -34.29 -5.82
C THR C 47 10.28 -33.93 -4.43
N LYS C 48 9.69 -32.74 -4.33
CA LYS C 48 9.09 -32.30 -3.08
C LYS C 48 7.57 -32.38 -3.16
N TYR C 49 7.07 -32.82 -4.31
CA TYR C 49 5.63 -32.93 -4.52
C TYR C 49 5.14 -34.36 -4.36
N PHE C 50 4.16 -34.55 -3.48
CA PHE C 50 3.56 -35.86 -3.26
C PHE C 50 2.04 -35.73 -3.24
N ASP C 51 1.34 -36.79 -3.63
CA ASP C 51 -0.11 -36.79 -3.54
C ASP C 51 -0.54 -37.00 -2.09
N ILE C 52 -1.84 -36.99 -1.85
CA ILE C 52 -2.36 -37.09 -0.49
C ILE C 52 -2.02 -38.43 0.18
N TYR C 53 -1.76 -39.44 -0.64
CA TYR C 53 -1.42 -40.76 -0.12
C TYR C 53 0.07 -40.86 0.19
N GLY C 54 0.87 -40.07 -0.50
CA GLY C 54 2.30 -40.04 -0.27
C GLY C 54 3.13 -40.53 -1.44
N LYS C 55 2.50 -40.69 -2.60
CA LYS C 55 3.21 -41.13 -3.80
C LYS C 55 3.88 -39.94 -4.48
N PRO C 56 5.12 -40.15 -4.97
CA PRO C 56 5.91 -39.09 -5.60
C PRO C 56 5.30 -38.57 -6.90
N CYS C 57 5.38 -37.26 -7.12
CA CYS C 57 4.86 -36.65 -8.33
C CYS C 57 5.87 -35.68 -8.93
N THR C 58 5.81 -35.51 -10.24
CA THR C 58 6.65 -34.53 -10.92
C THR C 58 5.80 -33.36 -11.42
N ARG C 59 6.34 -32.16 -11.30
CA ARG C 59 5.61 -30.96 -11.69
C ARG C 59 5.78 -30.65 -13.17
N LYS C 60 4.68 -30.30 -13.83
CA LYS C 60 4.67 -29.98 -15.25
C LYS C 60 4.36 -28.50 -15.45
N LEU C 61 5.39 -27.70 -15.67
CA LEU C 61 5.21 -26.27 -15.90
C LEU C 61 4.88 -26.00 -17.35
N PHE C 62 3.61 -25.72 -17.63
CA PHE C 62 3.16 -25.48 -19.00
C PHE C 62 3.34 -24.01 -19.40
N ALA C 63 3.64 -23.78 -20.67
CA ALA C 63 3.85 -22.44 -21.19
C ALA C 63 2.55 -21.63 -21.15
N ASN C 64 1.43 -22.31 -21.36
CA ASN C 64 0.13 -21.66 -21.31
C ASN C 64 -0.96 -22.61 -20.83
N MET C 65 -2.10 -22.05 -20.42
CA MET C 65 -3.20 -22.84 -19.89
C MET C 65 -3.84 -23.76 -20.93
N ARG C 66 -3.67 -23.41 -22.20
CA ARG C 66 -4.20 -24.22 -23.29
C ARG C 66 -3.47 -25.56 -23.37
N ASP C 67 -2.14 -25.50 -23.26
CA ASP C 67 -1.30 -26.69 -23.31
C ASP C 67 -1.61 -27.64 -22.14
N ALA C 68 -1.94 -27.06 -21.00
CA ALA C 68 -2.27 -27.84 -19.82
C ALA C 68 -3.62 -28.54 -19.99
N SER C 69 -4.54 -27.86 -20.67
CA SER C 69 -5.87 -28.41 -20.90
CA SER C 69 -5.87 -28.41 -20.89
C SER C 69 -5.82 -29.61 -21.83
N GLN C 70 -5.00 -29.50 -22.88
CA GLN C 70 -4.85 -30.59 -23.84
C GLN C 70 -4.06 -31.75 -23.23
N TRP C 71 -3.20 -31.43 -22.28
CA TRP C 71 -2.43 -32.45 -21.57
C TRP C 71 -3.36 -33.35 -20.76
N ILE C 72 -4.37 -32.74 -20.14
CA ILE C 72 -5.36 -33.49 -19.38
C ILE C 72 -6.13 -34.44 -20.28
N LYS C 73 -6.53 -33.94 -21.44
CA LYS C 73 -7.25 -34.75 -22.42
C LYS C 73 -6.39 -35.90 -22.91
N ARG C 74 -5.09 -35.63 -23.09
CA ARG C 74 -4.15 -36.65 -23.53
C ARG C 74 -3.90 -37.70 -22.44
N MET C 75 -3.79 -37.23 -21.20
CA MET C 75 -3.58 -38.14 -20.07
C MET C 75 -4.80 -39.04 -19.84
N GLU C 76 -5.96 -38.57 -20.28
CA GLU C 76 -7.17 -39.37 -20.23
C GLU C 76 -7.17 -40.40 -21.36
N ASP C 77 -6.65 -39.99 -22.51
CA ASP C 77 -6.55 -40.87 -23.67
C ASP C 77 -5.51 -41.96 -23.45
N ILE C 78 -4.54 -41.69 -22.58
CA ILE C 78 -3.53 -42.67 -22.20
C ILE C 78 -4.07 -43.57 -21.10
N GLY C 79 -4.77 -42.96 -20.14
CA GLY C 79 -5.37 -43.72 -19.05
C GLY C 79 -4.65 -43.51 -17.73
N LEU C 80 -3.95 -42.39 -17.62
CA LEU C 80 -3.19 -42.08 -16.41
C LEU C 80 -3.75 -40.84 -15.71
N GLU C 81 -3.62 -40.81 -14.39
CA GLU C 81 -4.16 -39.72 -13.58
C GLU C 81 -3.43 -38.41 -13.82
N ALA C 82 -4.20 -37.34 -14.06
CA ALA C 82 -3.64 -36.01 -14.21
C ALA C 82 -3.94 -35.18 -12.97
N LEU C 83 -3.00 -35.16 -12.03
CA LEU C 83 -3.21 -34.51 -10.75
C LEU C 83 -3.05 -32.99 -10.83
N GLY C 84 -3.62 -32.30 -9.85
CA GLY C 84 -3.49 -30.85 -9.76
C GLY C 84 -4.80 -30.11 -9.87
N MET C 85 -4.75 -28.79 -9.65
CA MET C 85 -5.93 -27.95 -9.75
C MET C 85 -6.21 -27.59 -11.21
N ASP C 86 -7.27 -28.18 -11.77
CA ASP C 86 -7.61 -27.97 -13.17
C ASP C 86 -8.28 -26.62 -13.42
N ASP C 87 -8.90 -26.06 -12.39
CA ASP C 87 -9.43 -24.70 -12.48
C ASP C 87 -8.28 -23.74 -12.26
N PHE C 88 -7.70 -23.25 -13.35
CA PHE C 88 -6.49 -22.44 -13.29
C PHE C 88 -6.70 -21.07 -12.63
N LYS C 89 -7.96 -20.69 -12.43
CA LYS C 89 -8.27 -19.44 -11.77
C LYS C 89 -8.04 -19.55 -10.26
N LEU C 90 -8.29 -20.73 -9.72
CA LEU C 90 -8.05 -20.98 -8.30
C LEU C 90 -6.57 -21.16 -8.04
N ALA C 91 -5.87 -21.76 -9.00
CA ALA C 91 -4.43 -21.94 -8.89
C ALA C 91 -3.70 -20.61 -9.00
N TYR C 92 -4.31 -19.67 -9.73
CA TYR C 92 -3.75 -18.33 -9.85
C TYR C 92 -3.85 -17.56 -8.54
N LEU C 93 -5.05 -17.51 -7.98
CA LEU C 93 -5.30 -16.81 -6.72
C LEU C 93 -4.43 -17.37 -5.60
N SER C 94 -4.23 -18.68 -5.63
CA SER C 94 -3.42 -19.35 -4.62
C SER C 94 -1.96 -18.93 -4.71
N ASP C 95 -1.47 -18.76 -5.94
CA ASP C 95 -0.11 -18.30 -6.16
C ASP C 95 0.03 -16.81 -5.92
N THR C 96 -0.95 -16.05 -6.41
CA THR C 96 -0.94 -14.60 -6.28
C THR C 96 -1.04 -14.17 -4.81
N TYR C 97 -1.89 -14.84 -4.06
CA TYR C 97 -2.07 -14.54 -2.65
C TYR C 97 -1.75 -15.74 -1.77
N ASN C 98 -0.46 -15.93 -1.52
CA ASN C 98 0.01 -17.06 -0.72
C ASN C 98 0.02 -16.71 0.77
N TYR C 99 -1.08 -16.14 1.26
CA TYR C 99 -1.18 -15.72 2.65
C TYR C 99 -2.62 -15.55 3.09
N GLU C 100 -2.83 -15.46 4.40
CA GLU C 100 -4.16 -15.24 4.96
C GLU C 100 -4.69 -13.88 4.55
N ILE C 101 -5.67 -13.87 3.65
CA ILE C 101 -6.19 -12.64 3.09
C ILE C 101 -6.94 -11.78 4.11
N LYS C 102 -6.44 -10.58 4.34
CA LYS C 102 -7.15 -9.58 5.14
C LYS C 102 -7.63 -8.46 4.23
N TYR C 103 -8.94 -8.39 4.04
CA TYR C 103 -9.51 -7.43 3.08
C TYR C 103 -10.26 -6.29 3.76
N ASP C 104 -10.41 -5.19 3.03
CA ASP C 104 -11.16 -4.03 3.50
C ASP C 104 -12.42 -3.86 2.65
N HIS C 105 -13.57 -4.09 3.27
CA HIS C 105 -14.85 -4.07 2.55
C HIS C 105 -15.19 -2.69 1.97
N THR C 106 -14.73 -1.64 2.62
CA THR C 106 -15.07 -0.27 2.22
C THR C 106 -14.52 0.10 0.85
N LYS C 107 -13.55 -0.67 0.36
CA LYS C 107 -12.95 -0.42 -0.94
C LYS C 107 -13.55 -1.31 -2.03
N ILE C 108 -14.40 -2.24 -1.62
CA ILE C 108 -15.07 -3.13 -2.56
C ILE C 108 -16.40 -2.53 -3.02
N ARG C 109 -16.47 -2.19 -4.30
CA ARG C 109 -17.65 -1.55 -4.86
C ARG C 109 -18.81 -2.52 -5.03
N VAL C 110 -19.71 -2.53 -4.06
CA VAL C 110 -20.89 -3.38 -4.11
C VAL C 110 -22.06 -2.58 -4.67
N ALA C 111 -22.65 -3.06 -5.77
CA ALA C 111 -23.69 -2.31 -6.46
C ALA C 111 -25.08 -2.93 -6.33
N ASN C 112 -26.02 -2.12 -5.83
N ASN C 112 -26.03 -2.13 -5.82
CA ASN C 112 -27.41 -2.51 -5.71
CA ASN C 112 -27.42 -2.57 -5.72
C ASN C 112 -28.25 -1.72 -6.70
C ASN C 112 -28.32 -1.75 -6.63
N PHE C 113 -28.95 -2.41 -7.60
CA PHE C 113 -29.80 -1.73 -8.56
C PHE C 113 -31.05 -2.51 -8.94
N ASP C 114 -32.01 -1.80 -9.54
CA ASP C 114 -33.25 -2.40 -10.02
C ASP C 114 -33.85 -1.46 -11.06
N ILE C 115 -34.50 -2.04 -12.06
CA ILE C 115 -35.09 -1.24 -13.13
C ILE C 115 -36.61 -1.37 -13.15
N GLU C 116 -37.25 -0.43 -13.84
CA GLU C 116 -38.69 -0.48 -14.05
C GLU C 116 -38.99 -0.42 -15.53
N VAL C 117 -39.96 -1.21 -15.98
CA VAL C 117 -40.32 -1.26 -17.39
C VAL C 117 -41.83 -1.24 -17.59
N THR C 118 -42.33 -0.16 -18.19
CA THR C 118 -43.75 -0.06 -18.50
C THR C 118 -44.11 -0.96 -19.68
N SER C 119 -45.08 -1.84 -19.47
CA SER C 119 -45.49 -2.77 -20.51
C SER C 119 -46.98 -3.09 -20.43
N PRO C 120 -47.78 -2.50 -21.33
CA PRO C 120 -49.22 -2.74 -21.42
C PRO C 120 -49.56 -4.04 -22.14
N ASP C 121 -48.60 -4.97 -22.23
CA ASP C 121 -48.84 -6.25 -22.90
C ASP C 121 -48.18 -7.42 -22.19
N GLY C 122 -48.37 -7.49 -20.87
CA GLY C 122 -47.82 -8.59 -20.08
C GLY C 122 -46.41 -8.31 -19.59
N PHE C 123 -45.82 -9.31 -18.93
CA PHE C 123 -44.48 -9.18 -18.36
C PHE C 123 -43.44 -8.96 -19.46
N PRO C 124 -42.64 -7.89 -19.33
CA PRO C 124 -41.61 -7.57 -20.31
C PRO C 124 -40.48 -8.60 -20.29
N GLU C 125 -40.49 -9.51 -21.26
CA GLU C 125 -39.49 -10.56 -21.35
C GLU C 125 -38.11 -9.98 -21.61
N PRO C 126 -37.15 -10.26 -20.70
CA PRO C 126 -35.78 -9.76 -20.78
C PRO C 126 -35.07 -10.17 -22.07
N SER C 127 -35.37 -11.36 -22.57
CA SER C 127 -34.74 -11.85 -23.79
CA SER C 127 -34.74 -11.86 -23.80
C SER C 127 -35.16 -11.04 -25.01
N GLN C 128 -36.33 -10.43 -24.93
CA GLN C 128 -36.84 -9.61 -26.02
C GLN C 128 -36.52 -8.14 -25.79
N ALA C 129 -36.89 -7.64 -24.61
CA ALA C 129 -36.70 -6.23 -24.25
C ALA C 129 -37.32 -5.30 -25.29
N LYS C 130 -38.60 -5.52 -25.59
CA LYS C 130 -39.31 -4.75 -26.59
C LYS C 130 -39.73 -3.37 -26.07
N HIS C 131 -39.71 -3.22 -24.75
CA HIS C 131 -40.20 -1.99 -24.13
C HIS C 131 -39.09 -1.17 -23.48
N PRO C 132 -39.16 0.17 -23.61
CA PRO C 132 -38.17 1.10 -23.08
C PRO C 132 -37.95 0.98 -21.57
N ILE C 133 -36.77 1.35 -21.12
CA ILE C 133 -36.47 1.39 -19.69
C ILE C 133 -36.69 2.82 -19.19
N ASP C 134 -37.66 2.99 -18.30
CA ASP C 134 -38.06 4.33 -17.86
C ASP C 134 -37.58 4.72 -16.46
N ALA C 135 -36.94 3.77 -15.76
CA ALA C 135 -36.42 4.05 -14.43
C ALA C 135 -35.31 3.09 -14.04
N ILE C 136 -34.21 3.65 -13.54
CA ILE C 136 -33.09 2.85 -13.03
C ILE C 136 -32.49 3.50 -11.79
N THR C 137 -32.58 2.81 -10.66
CA THR C 137 -31.94 3.29 -9.43
C THR C 137 -30.73 2.40 -9.11
N HIS C 138 -29.56 3.01 -9.05
CA HIS C 138 -28.30 2.27 -8.88
C HIS C 138 -27.56 2.74 -7.63
N TYR C 139 -27.49 1.89 -6.63
CA TYR C 139 -26.78 2.22 -5.39
C TYR C 139 -25.31 1.81 -5.46
N ASP C 140 -24.45 2.68 -4.95
CA ASP C 140 -23.01 2.42 -4.92
C ASP C 140 -22.53 2.46 -3.47
N SER C 141 -21.92 1.36 -3.02
CA SER C 141 -21.50 1.24 -1.63
C SER C 141 -20.32 2.15 -1.28
N ILE C 142 -19.51 2.48 -2.28
CA ILE C 142 -18.37 3.35 -2.06
C ILE C 142 -18.79 4.82 -1.92
N ASP C 143 -19.68 5.26 -2.80
CA ASP C 143 -20.18 6.62 -2.76
C ASP C 143 -21.29 6.79 -1.73
N ASP C 144 -21.94 5.67 -1.38
CA ASP C 144 -23.10 5.67 -0.49
C ASP C 144 -24.18 6.61 -1.03
N ARG C 145 -24.43 6.50 -2.33
CA ARG C 145 -25.40 7.37 -3.01
C ARG C 145 -26.38 6.56 -3.85
N PHE C 146 -27.60 7.06 -3.97
CA PHE C 146 -28.60 6.43 -4.82
C PHE C 146 -28.76 7.21 -6.12
N TYR C 147 -28.17 6.68 -7.19
CA TYR C 147 -28.24 7.32 -8.50
C TYR C 147 -29.53 6.94 -9.22
N VAL C 148 -30.37 7.93 -9.47
CA VAL C 148 -31.68 7.69 -10.07
C VAL C 148 -31.73 8.14 -11.53
N PHE C 149 -31.95 7.18 -12.42
CA PHE C 149 -32.08 7.47 -13.85
C PHE C 149 -33.54 7.50 -14.26
N ASP C 150 -34.07 8.71 -14.47
CA ASP C 150 -35.49 8.88 -14.73
C ASP C 150 -35.77 9.34 -16.16
N LEU C 151 -36.57 8.56 -16.87
CA LEU C 151 -36.99 8.90 -18.22
C LEU C 151 -38.28 9.69 -18.20
N LEU C 152 -38.28 10.85 -18.84
CA LEU C 152 -39.44 11.74 -18.83
C LEU C 152 -40.28 11.59 -20.09
N ASN C 153 -39.66 11.15 -21.18
CA ASN C 153 -40.37 11.00 -22.45
C ASN C 153 -40.25 9.60 -23.04
N SER C 154 -41.41 8.98 -23.26
CA SER C 154 -41.46 7.63 -23.82
C SER C 154 -42.74 7.51 -24.64
N PRO C 155 -42.81 6.52 -25.54
CA PRO C 155 -44.05 6.32 -26.32
C PRO C 155 -45.25 5.97 -25.44
N TYR C 156 -45.00 5.64 -24.17
CA TYR C 156 -46.06 5.33 -23.24
C TYR C 156 -46.39 6.50 -22.31
N GLY C 157 -46.00 7.70 -22.73
CA GLY C 157 -46.36 8.90 -22.00
C GLY C 157 -45.21 9.83 -21.64
N ASN C 158 -45.51 11.12 -21.59
CA ASN C 158 -44.55 12.13 -21.15
C ASN C 158 -44.94 12.70 -19.79
N VAL C 159 -43.96 12.85 -18.91
CA VAL C 159 -44.22 13.35 -17.57
C VAL C 159 -43.19 14.38 -17.11
N GLU C 160 -43.47 15.03 -15.98
CA GLU C 160 -42.56 16.01 -15.41
C GLU C 160 -41.52 15.30 -14.54
N GLU C 161 -40.50 16.05 -14.12
CA GLU C 161 -39.46 15.49 -13.27
C GLU C 161 -39.99 15.00 -11.93
N TRP C 162 -39.29 14.05 -11.35
CA TRP C 162 -39.61 13.52 -10.02
C TRP C 162 -39.24 14.55 -8.96
N SER C 163 -40.11 14.74 -7.98
CA SER C 163 -39.88 15.72 -6.92
C SER C 163 -39.34 15.08 -5.65
N ILE C 164 -38.20 15.57 -5.18
CA ILE C 164 -37.58 15.04 -3.97
C ILE C 164 -38.28 15.54 -2.71
N GLU C 165 -38.88 16.72 -2.80
CA GLU C 165 -39.59 17.31 -1.67
C GLU C 165 -40.84 16.50 -1.33
N ILE C 166 -41.61 16.16 -2.35
CA ILE C 166 -42.82 15.36 -2.16
C ILE C 166 -42.49 13.96 -1.64
N ALA C 167 -41.45 13.36 -2.20
CA ALA C 167 -41.02 12.02 -1.79
C ALA C 167 -40.59 11.99 -0.33
N ALA C 168 -40.13 13.14 0.17
CA ALA C 168 -39.72 13.24 1.56
C ALA C 168 -40.92 13.40 2.49
N LYS C 169 -41.98 14.02 1.96
CA LYS C 169 -43.20 14.25 2.75
C LYS C 169 -43.85 12.94 3.18
N LEU C 170 -44.56 12.98 4.30
CA LEU C 170 -45.22 11.81 4.85
C LEU C 170 -46.33 11.30 3.94
N GLN C 171 -46.72 10.05 4.13
CA GLN C 171 -47.83 9.46 3.39
C GLN C 171 -49.13 10.22 3.65
N GLU C 172 -49.22 10.80 4.84
CA GLU C 172 -50.42 11.55 5.24
C GLU C 172 -50.43 12.94 4.63
N GLN C 173 -49.35 13.29 3.95
CA GLN C 173 -49.27 14.56 3.22
C GLN C 173 -49.35 14.31 1.73
N GLY C 174 -49.65 13.06 1.37
CA GLY C 174 -49.71 12.67 -0.03
C GLY C 174 -48.33 12.41 -0.58
N GLY C 175 -47.34 12.34 0.31
CA GLY C 175 -45.96 12.11 -0.09
C GLY C 175 -45.63 10.64 -0.18
N ASP C 176 -44.35 10.34 -0.38
CA ASP C 176 -43.91 8.96 -0.53
C ASP C 176 -43.20 8.47 0.73
N GLU C 177 -42.92 9.40 1.64
CA GLU C 177 -42.26 9.12 2.91
C GLU C 177 -40.94 8.34 2.74
N VAL C 178 -40.12 8.80 1.80
CA VAL C 178 -38.79 8.24 1.64
C VAL C 178 -37.94 8.64 2.84
N PRO C 179 -37.36 7.63 3.53
CA PRO C 179 -36.59 7.81 4.76
C PRO C 179 -35.57 8.95 4.69
N SER C 180 -35.47 9.72 5.76
CA SER C 180 -34.56 10.85 5.82
CA SER C 180 -34.56 10.85 5.82
C SER C 180 -33.10 10.40 5.76
N GLU C 181 -32.86 9.15 6.17
CA GLU C 181 -31.51 8.61 6.18
C GLU C 181 -30.99 8.23 4.80
N ILE C 182 -31.83 8.41 3.77
CA ILE C 182 -31.40 8.19 2.39
C ILE C 182 -31.77 9.37 1.49
N ILE C 183 -32.56 10.30 2.01
CA ILE C 183 -32.98 11.48 1.26
C ILE C 183 -31.78 12.28 0.74
N ASP C 184 -30.79 12.49 1.61
CA ASP C 184 -29.63 13.29 1.26
C ASP C 184 -28.61 12.48 0.45
N LYS C 185 -28.98 11.27 0.08
CA LYS C 185 -28.08 10.38 -0.65
C LYS C 185 -28.54 10.13 -2.08
N ILE C 186 -29.70 10.67 -2.43
CA ILE C 186 -30.25 10.47 -3.76
C ILE C 186 -29.74 11.51 -4.76
N ILE C 187 -29.03 11.04 -5.77
CA ILE C 187 -28.57 11.90 -6.86
C ILE C 187 -29.49 11.71 -8.06
N TYR C 188 -30.34 12.70 -8.31
CA TYR C 188 -31.37 12.60 -9.33
C TYR C 188 -30.90 13.07 -10.70
N MET C 189 -31.28 12.33 -11.73
CA MET C 189 -30.88 12.64 -13.10
C MET C 189 -31.99 12.31 -14.10
N PRO C 190 -32.67 13.36 -14.59
CA PRO C 190 -33.73 13.20 -15.59
C PRO C 190 -33.16 13.11 -17.01
N PHE C 191 -33.92 12.48 -17.92
CA PHE C 191 -33.48 12.34 -19.31
C PHE C 191 -34.62 12.61 -20.29
N ASP C 192 -34.30 13.26 -21.39
CA ASP C 192 -35.31 13.62 -22.39
CA ASP C 192 -35.29 13.64 -22.40
C ASP C 192 -35.67 12.45 -23.28
N ASN C 193 -34.77 11.47 -23.38
CA ASN C 193 -35.04 10.28 -24.18
C ASN C 193 -34.26 9.06 -23.67
N GLU C 194 -34.79 7.87 -23.97
CA GLU C 194 -34.24 6.62 -23.46
C GLU C 194 -32.79 6.39 -23.88
N LYS C 195 -32.46 6.80 -25.09
CA LYS C 195 -31.13 6.58 -25.64
C LYS C 195 -30.03 7.27 -24.83
N GLU C 196 -30.30 8.48 -24.37
N GLU C 196 -30.30 8.48 -24.37
CA GLU C 196 -29.33 9.21 -23.56
CA GLU C 196 -29.34 9.22 -23.57
C GLU C 196 -29.25 8.66 -22.16
C GLU C 196 -29.25 8.66 -22.15
N LEU C 197 -30.38 8.13 -21.67
CA LEU C 197 -30.42 7.54 -20.33
C LEU C 197 -29.52 6.31 -20.27
N LEU C 198 -29.61 5.47 -21.30
CA LEU C 198 -28.82 4.24 -21.37
C LEU C 198 -27.33 4.51 -21.57
N MET C 199 -27.00 5.44 -22.47
CA MET C 199 -25.60 5.76 -22.75
C MET C 199 -24.88 6.34 -21.55
N GLU C 200 -25.54 7.27 -20.85
CA GLU C 200 -24.95 7.89 -19.66
CA GLU C 200 -24.94 7.89 -19.67
C GLU C 200 -24.82 6.88 -18.53
N TYR C 201 -25.75 5.93 -18.48
CA TYR C 201 -25.70 4.87 -17.48
C TYR C 201 -24.48 4.00 -17.73
N LEU C 202 -24.15 3.81 -18.99
CA LEU C 202 -22.95 3.08 -19.38
C LEU C 202 -21.69 3.88 -19.04
N ASN C 203 -21.76 5.20 -19.26
CA ASN C 203 -20.68 6.09 -18.86
C ASN C 203 -20.57 6.17 -17.34
N PHE C 204 -21.71 5.95 -16.68
CA PHE C 204 -21.75 5.87 -15.23
C PHE C 204 -21.18 4.53 -14.79
N TRP C 205 -21.52 3.48 -15.54
CA TRP C 205 -21.07 2.12 -15.24
C TRP C 205 -19.56 1.98 -15.41
N GLN C 206 -19.01 2.64 -16.42
CA GLN C 206 -17.57 2.56 -16.69
CA GLN C 206 -17.57 2.54 -16.68
C GLN C 206 -16.74 3.26 -15.62
N GLN C 207 -17.31 4.31 -15.03
CA GLN C 207 -16.61 5.08 -14.00
C GLN C 207 -16.69 4.38 -12.65
N LYS C 208 -17.83 3.73 -12.40
CA LYS C 208 -18.05 3.04 -11.13
C LYS C 208 -18.41 1.58 -11.38
N THR C 209 -17.46 0.84 -11.95
CA THR C 209 -17.69 -0.56 -12.31
C THR C 209 -17.90 -1.45 -11.09
N PRO C 210 -19.07 -2.09 -11.01
CA PRO C 210 -19.45 -2.95 -9.87
C PRO C 210 -18.56 -4.17 -9.72
N VAL C 211 -18.06 -4.40 -8.52
CA VAL C 211 -17.33 -5.63 -8.21
C VAL C 211 -18.34 -6.68 -7.75
N ILE C 212 -19.16 -6.32 -6.77
CA ILE C 212 -20.26 -7.16 -6.34
C ILE C 212 -21.58 -6.57 -6.83
N LEU C 213 -22.21 -7.24 -7.78
CA LEU C 213 -23.48 -6.77 -8.33
C LEU C 213 -24.65 -7.55 -7.76
N THR C 214 -25.58 -6.84 -7.12
CA THR C 214 -26.72 -7.49 -6.47
C THR C 214 -28.04 -6.76 -6.67
N GLY C 215 -29.08 -7.27 -6.02
CA GLY C 215 -30.42 -6.74 -6.15
C GLY C 215 -31.44 -7.85 -6.03
N TRP C 216 -32.65 -7.62 -6.52
CA TRP C 216 -33.68 -8.65 -6.47
C TRP C 216 -34.11 -9.01 -7.90
N ASN C 217 -33.94 -10.28 -8.26
CA ASN C 217 -34.21 -10.77 -9.61
C ASN C 217 -33.36 -10.08 -10.67
N VAL C 218 -32.20 -9.58 -10.27
CA VAL C 218 -31.32 -8.88 -11.20
C VAL C 218 -30.74 -9.81 -12.26
N GLU C 219 -30.44 -11.04 -11.87
CA GLU C 219 -29.86 -12.01 -12.79
C GLU C 219 -30.92 -12.57 -13.74
N SER C 220 -32.18 -12.51 -13.31
CA SER C 220 -33.28 -13.05 -14.10
C SER C 220 -34.07 -11.98 -14.85
N PHE C 221 -33.87 -10.72 -14.49
CA PHE C 221 -34.60 -9.63 -15.13
C PHE C 221 -33.76 -8.41 -15.46
N ALA C 222 -33.29 -7.72 -14.42
CA ALA C 222 -32.59 -6.44 -14.58
C ALA C 222 -31.38 -6.51 -15.52
N ILE C 223 -30.45 -7.41 -15.20
CA ILE C 223 -29.24 -7.56 -16.02
C ILE C 223 -29.51 -8.00 -17.47
N PRO C 224 -30.35 -9.03 -17.67
CA PRO C 224 -30.62 -9.39 -19.07
C PRO C 224 -31.40 -8.32 -19.82
N TYR C 225 -32.24 -7.55 -19.12
CA TYR C 225 -33.06 -6.55 -19.79
C TYR C 225 -32.24 -5.34 -20.22
N VAL C 226 -31.39 -4.84 -19.32
CA VAL C 226 -30.52 -3.72 -19.63
C VAL C 226 -29.57 -4.08 -20.77
N TYR C 227 -28.97 -5.26 -20.68
CA TYR C 227 -28.06 -5.74 -21.71
C TYR C 227 -28.75 -5.83 -23.07
N ASN C 228 -29.89 -6.53 -23.11
CA ASN C 228 -30.62 -6.72 -24.36
C ASN C 228 -31.24 -5.45 -24.92
N ARG C 229 -31.61 -4.52 -24.04
CA ARG C 229 -32.18 -3.25 -24.48
C ARG C 229 -31.10 -2.42 -25.19
N ILE C 230 -29.95 -2.30 -24.56
CA ILE C 230 -28.82 -1.59 -25.15
C ILE C 230 -28.37 -2.28 -26.43
N LYS C 231 -28.34 -3.61 -26.39
CA LYS C 231 -27.96 -4.43 -27.54
C LYS C 231 -28.82 -4.15 -28.77
N ASN C 232 -30.13 -4.04 -28.55
CA ASN C 232 -31.07 -3.81 -29.64
C ASN C 232 -31.06 -2.37 -30.15
N ILE C 233 -30.64 -1.45 -29.29
CA ILE C 233 -30.65 -0.03 -29.64
C ILE C 233 -29.31 0.47 -30.19
N PHE C 234 -28.24 0.18 -29.47
CA PHE C 234 -26.92 0.69 -29.84
C PHE C 234 -26.05 -0.36 -30.54
N GLY C 235 -26.12 -1.59 -30.08
CA GLY C 235 -25.33 -2.67 -30.65
C GLY C 235 -24.79 -3.61 -29.61
N GLU C 236 -24.14 -4.69 -30.06
CA GLU C 236 -23.63 -5.70 -29.15
C GLU C 236 -22.33 -5.27 -28.47
N SER C 237 -21.45 -4.61 -29.22
CA SER C 237 -20.18 -4.13 -28.67
C SER C 237 -20.41 -3.05 -27.63
N THR C 238 -21.51 -2.32 -27.77
CA THR C 238 -21.89 -1.29 -26.82
C THR C 238 -22.49 -1.93 -25.56
N ALA C 239 -23.25 -3.00 -25.77
CA ALA C 239 -23.88 -3.72 -24.67
C ALA C 239 -22.85 -4.47 -23.84
N LYS C 240 -21.75 -4.87 -24.47
CA LYS C 240 -20.68 -5.59 -23.80
C LYS C 240 -19.78 -4.66 -22.98
N ARG C 241 -20.14 -3.38 -22.93
CA ARG C 241 -19.43 -2.41 -22.11
C ARG C 241 -19.83 -2.58 -20.63
N LEU C 242 -20.86 -3.39 -20.39
CA LEU C 242 -21.26 -3.73 -19.04
C LEU C 242 -20.19 -4.61 -18.39
N SER C 243 -19.37 -5.23 -19.23
CA SER C 243 -18.23 -6.01 -18.76
C SER C 243 -16.96 -5.17 -18.88
N PRO C 244 -16.20 -5.08 -17.78
CA PRO C 244 -14.94 -4.32 -17.78
C PRO C 244 -13.90 -4.93 -18.71
N HIS C 245 -14.06 -6.21 -19.04
CA HIS C 245 -13.17 -6.90 -19.96
C HIS C 245 -13.83 -7.06 -21.32
N ARG C 246 -15.04 -6.53 -21.45
CA ARG C 246 -15.81 -6.60 -22.71
C ARG C 246 -15.98 -8.02 -23.22
N LYS C 247 -16.60 -8.88 -22.41
CA LYS C 247 -16.87 -10.25 -22.82
C LYS C 247 -18.11 -10.78 -22.10
N THR C 248 -19.12 -11.14 -22.89
CA THR C 248 -20.37 -11.66 -22.34
C THR C 248 -20.79 -12.96 -23.02
N ARG C 249 -21.42 -13.84 -22.25
CA ARG C 249 -21.95 -15.09 -22.80
C ARG C 249 -23.36 -15.35 -22.28
N VAL C 250 -24.30 -15.57 -23.19
CA VAL C 250 -25.68 -15.85 -22.83
C VAL C 250 -25.80 -17.28 -22.30
N LYS C 251 -25.65 -17.43 -20.99
CA LYS C 251 -25.63 -18.75 -20.36
C LYS C 251 -27.04 -19.29 -20.11
N VAL C 252 -27.20 -20.60 -20.29
CA VAL C 252 -28.50 -21.26 -20.09
C VAL C 252 -28.45 -22.17 -18.87
N ILE C 253 -29.44 -22.03 -18.00
CA ILE C 253 -29.47 -22.80 -16.75
C ILE C 253 -30.59 -23.84 -16.73
N GLU C 254 -30.22 -25.11 -16.86
CA GLU C 254 -31.17 -26.20 -16.71
C GLU C 254 -31.27 -26.59 -15.25
N ASN C 255 -32.49 -26.88 -14.79
CA ASN C 255 -32.72 -27.17 -13.38
C ASN C 255 -33.33 -28.55 -13.10
N MET C 256 -34.58 -28.73 -13.50
CA MET C 256 -35.32 -29.93 -13.17
C MET C 256 -36.61 -30.00 -14.00
N TYR C 257 -37.00 -28.85 -14.56
CA TYR C 257 -38.25 -28.76 -15.30
C TYR C 257 -38.11 -27.99 -16.62
N GLY C 258 -36.91 -27.49 -16.88
CA GLY C 258 -36.67 -26.74 -18.12
C GLY C 258 -35.35 -25.98 -18.12
N SER C 259 -35.37 -24.77 -18.67
CA SER C 259 -34.19 -23.93 -18.74
C SER C 259 -34.56 -22.45 -18.86
N ARG C 260 -33.60 -21.58 -18.57
CA ARG C 260 -33.82 -20.13 -18.68
C ARG C 260 -32.61 -19.45 -19.30
N GLU C 261 -32.72 -18.13 -19.52
CA GLU C 261 -31.63 -17.36 -20.13
C GLU C 261 -31.07 -16.32 -19.16
N ILE C 262 -29.77 -16.42 -18.89
CA ILE C 262 -29.08 -15.42 -18.07
C ILE C 262 -27.84 -14.90 -18.80
N ILE C 263 -27.38 -13.71 -18.39
CA ILE C 263 -26.21 -13.11 -19.01
C ILE C 263 -25.02 -13.11 -18.05
N THR C 264 -23.88 -13.59 -18.53
CA THR C 264 -22.67 -13.63 -17.72
C THR C 264 -21.74 -12.49 -18.06
N LEU C 265 -21.52 -11.59 -17.10
CA LEU C 265 -20.64 -10.45 -17.28
C LEU C 265 -19.25 -10.77 -16.75
N PHE C 266 -18.33 -11.08 -17.67
CA PHE C 266 -16.95 -11.41 -17.29
C PHE C 266 -16.27 -10.26 -16.56
N GLY C 267 -15.84 -10.54 -15.32
CA GLY C 267 -15.16 -9.54 -14.51
C GLY C 267 -16.04 -8.94 -13.44
N ILE C 268 -17.26 -9.47 -13.32
CA ILE C 268 -18.21 -9.00 -12.31
C ILE C 268 -18.86 -10.19 -11.59
N SER C 269 -18.85 -10.15 -10.27
CA SER C 269 -19.46 -11.22 -9.48
C SER C 269 -20.90 -10.87 -9.13
N VAL C 270 -21.84 -11.53 -9.81
CA VAL C 270 -23.26 -11.27 -9.61
C VAL C 270 -23.82 -12.10 -8.46
N LEU C 271 -24.27 -11.43 -7.40
CA LEU C 271 -24.88 -12.11 -6.26
C LEU C 271 -26.33 -11.68 -6.11
N ASP C 272 -27.20 -12.26 -6.94
CA ASP C 272 -28.63 -11.98 -6.88
C ASP C 272 -29.16 -12.32 -5.49
N TYR C 273 -29.69 -11.31 -4.80
CA TYR C 273 -30.06 -11.48 -3.39
C TYR C 273 -31.22 -12.45 -3.17
N ILE C 274 -32.08 -12.63 -4.16
CA ILE C 274 -33.16 -13.59 -4.05
C ILE C 274 -32.59 -15.02 -3.96
N ASP C 275 -31.55 -15.29 -4.74
CA ASP C 275 -30.89 -16.58 -4.71
C ASP C 275 -30.05 -16.71 -3.46
N LEU C 276 -29.47 -15.59 -3.03
CA LEU C 276 -28.66 -15.55 -1.83
C LEU C 276 -29.54 -15.76 -0.61
N TYR C 277 -30.78 -15.31 -0.70
CA TYR C 277 -31.75 -15.46 0.39
C TYR C 277 -32.30 -16.88 0.44
N LYS C 278 -32.67 -17.41 -0.72
CA LYS C 278 -33.25 -18.75 -0.81
C LYS C 278 -32.31 -19.85 -0.29
N LYS C 279 -31.02 -19.56 -0.28
CA LYS C 279 -30.03 -20.57 0.11
C LYS C 279 -29.61 -20.47 1.58
N PHE C 280 -29.57 -19.26 2.11
CA PHE C 280 -29.00 -19.03 3.44
C PHE C 280 -30.02 -18.69 4.53
N SER C 281 -31.30 -18.56 4.16
CA SER C 281 -32.32 -18.13 5.11
C SER C 281 -32.86 -19.25 6.01
N PHE C 282 -32.83 -20.47 5.49
CA PHE C 282 -33.31 -21.65 6.24
C PHE C 282 -34.75 -21.54 6.72
N THR C 283 -35.60 -20.90 5.91
CA THR C 283 -37.02 -20.79 6.23
C THR C 283 -37.86 -20.68 4.97
N ASN C 284 -38.59 -21.74 4.64
CA ASN C 284 -39.37 -21.79 3.42
C ASN C 284 -40.54 -20.80 3.41
N GLN C 285 -40.50 -19.85 2.48
CA GLN C 285 -41.50 -18.79 2.41
C GLN C 285 -42.53 -19.07 1.33
N PRO C 286 -43.79 -18.72 1.58
CA PRO C 286 -44.88 -18.88 0.60
C PRO C 286 -44.66 -18.01 -0.63
N SER C 287 -43.91 -16.94 -0.49
CA SER C 287 -43.61 -16.05 -1.61
C SER C 287 -42.20 -15.48 -1.50
N TYR C 288 -41.52 -15.36 -2.63
CA TYR C 288 -40.16 -14.82 -2.65
C TYR C 288 -40.06 -13.51 -3.42
N SER C 289 -41.21 -12.86 -3.61
CA SER C 289 -41.23 -11.51 -4.16
C SER C 289 -40.59 -10.59 -3.14
N LEU C 290 -40.01 -9.48 -3.60
CA LEU C 290 -39.34 -8.55 -2.71
C LEU C 290 -40.30 -7.97 -1.67
N ASP C 291 -41.55 -7.77 -2.05
CA ASP C 291 -42.55 -7.20 -1.16
C ASP C 291 -42.86 -8.14 0.01
N TYR C 292 -42.96 -9.42 -0.27
CA TYR C 292 -43.30 -10.41 0.76
C TYR C 292 -42.12 -10.62 1.71
N ILE C 293 -40.92 -10.72 1.15
CA ILE C 293 -39.71 -10.91 1.95
C ILE C 293 -39.44 -9.71 2.84
N SER C 294 -39.68 -8.51 2.30
CA SER C 294 -39.53 -7.28 3.08
CA SER C 294 -39.53 -7.28 3.08
C SER C 294 -40.48 -7.27 4.26
N GLU C 295 -41.71 -7.72 4.01
CA GLU C 295 -42.71 -7.80 5.07
CA GLU C 295 -42.73 -7.82 5.06
C GLU C 295 -42.27 -8.74 6.19
N PHE C 296 -41.67 -9.86 5.82
CA PHE C 296 -41.21 -10.85 6.79
C PHE C 296 -40.00 -10.35 7.57
N GLU C 297 -39.11 -9.62 6.90
CA GLU C 297 -37.83 -9.23 7.49
C GLU C 297 -37.87 -7.87 8.18
N LEU C 298 -38.70 -6.96 7.69
CA LEU C 298 -38.66 -5.58 8.14
C LEU C 298 -40.01 -5.07 8.63
N ASN C 299 -41.04 -5.91 8.49
CA ASN C 299 -42.41 -5.54 8.85
CA ASN C 299 -42.41 -5.54 8.85
C ASN C 299 -42.92 -4.31 8.12
N VAL C 300 -42.35 -4.02 6.95
CA VAL C 300 -42.82 -2.92 6.12
C VAL C 300 -43.07 -3.38 4.68
N GLY C 301 -44.20 -4.06 4.49
CA GLY C 301 -44.60 -4.47 3.17
C GLY C 301 -45.46 -3.40 2.52
N LYS C 302 -46.08 -3.73 1.40
CA LYS C 302 -46.99 -2.83 0.71
C LYS C 302 -46.35 -1.49 0.33
N LEU C 303 -45.47 -1.51 -0.66
CA LEU C 303 -44.95 -0.27 -1.23
C LEU C 303 -46.09 0.33 -2.05
N LYS C 304 -47.01 1.00 -1.35
CA LYS C 304 -48.32 1.37 -1.87
C LYS C 304 -48.35 2.11 -3.20
N TYR C 305 -49.26 1.68 -4.07
CA TYR C 305 -49.59 2.39 -5.31
C TYR C 305 -50.94 1.89 -5.83
N ASP C 306 -51.71 2.78 -6.45
CA ASP C 306 -53.03 2.42 -6.94
C ASP C 306 -53.00 1.92 -8.38
N GLY C 307 -53.91 1.01 -8.71
CA GLY C 307 -54.00 0.47 -10.06
C GLY C 307 -52.82 -0.40 -10.44
N PRO C 308 -52.83 -0.92 -11.67
CA PRO C 308 -51.73 -1.75 -12.18
C PRO C 308 -50.45 -0.93 -12.35
N ILE C 309 -49.31 -1.59 -12.18
CA ILE C 309 -48.02 -0.89 -12.26
C ILE C 309 -47.70 -0.47 -13.69
N SER C 310 -48.38 -1.09 -14.66
CA SER C 310 -48.19 -0.75 -16.06
C SER C 310 -48.89 0.56 -16.41
N LYS C 311 -49.60 1.12 -15.42
CA LYS C 311 -50.32 2.37 -15.60
C LYS C 311 -49.85 3.37 -14.55
N LEU C 312 -48.95 2.93 -13.67
CA LEU C 312 -48.48 3.74 -12.56
C LEU C 312 -47.65 4.94 -12.99
N ARG C 313 -46.71 4.71 -13.91
CA ARG C 313 -45.84 5.78 -14.39
C ARG C 313 -46.63 6.92 -15.02
N GLU C 314 -47.68 6.55 -15.77
CA GLU C 314 -48.51 7.54 -16.44
C GLU C 314 -49.46 8.25 -15.46
N SER C 315 -50.02 7.49 -14.52
CA SER C 315 -51.00 8.03 -13.59
C SER C 315 -50.35 8.79 -12.43
N ASN C 316 -49.23 8.27 -11.94
CA ASN C 316 -48.54 8.88 -10.81
C ASN C 316 -47.03 8.70 -10.91
N HIS C 317 -46.40 9.50 -11.75
CA HIS C 317 -44.96 9.42 -11.98
C HIS C 317 -44.15 9.68 -10.71
N GLN C 318 -44.73 10.44 -9.79
CA GLN C 318 -44.09 10.73 -8.51
C GLN C 318 -43.84 9.44 -7.73
N ARG C 319 -44.90 8.66 -7.52
CA ARG C 319 -44.81 7.42 -6.79
C ARG C 319 -43.97 6.39 -7.54
N TYR C 320 -44.07 6.43 -8.88
CA TYR C 320 -43.39 5.45 -9.73
C TYR C 320 -41.87 5.46 -9.55
N ILE C 321 -41.30 6.65 -9.38
CA ILE C 321 -39.87 6.78 -9.19
C ILE C 321 -39.48 6.45 -7.74
N SER C 322 -40.29 6.92 -6.79
CA SER C 322 -40.08 6.62 -5.39
C SER C 322 -40.17 5.11 -5.13
N TYR C 323 -41.12 4.47 -5.80
CA TYR C 323 -41.28 3.02 -5.73
C TYR C 323 -40.00 2.32 -6.15
N ASN C 324 -39.36 2.86 -7.17
CA ASN C 324 -38.12 2.30 -7.69
C ASN C 324 -36.96 2.54 -6.73
N ILE C 325 -36.98 3.70 -6.06
CA ILE C 325 -35.94 4.04 -5.08
C ILE C 325 -36.03 3.14 -3.86
N ILE C 326 -37.24 2.97 -3.34
CA ILE C 326 -37.46 2.15 -2.15
C ILE C 326 -37.14 0.68 -2.40
N ALA C 327 -37.45 0.20 -3.60
CA ALA C 327 -37.18 -1.19 -3.98
C ALA C 327 -35.70 -1.54 -3.80
N VAL C 328 -34.83 -0.64 -4.22
CA VAL C 328 -33.40 -0.81 -4.04
C VAL C 328 -33.03 -0.73 -2.55
N TYR C 329 -33.66 0.21 -1.85
CA TYR C 329 -33.37 0.45 -0.44
C TYR C 329 -33.78 -0.71 0.45
N ARG C 330 -34.91 -1.33 0.16
N ARG C 330 -34.92 -1.32 0.16
CA ARG C 330 -35.41 -2.44 0.97
CA ARG C 330 -35.42 -2.45 0.94
C ARG C 330 -34.48 -3.66 0.92
C ARG C 330 -34.46 -3.63 0.92
N VAL C 331 -33.77 -3.80 -0.20
CA VAL C 331 -32.81 -4.89 -0.35
C VAL C 331 -31.59 -4.62 0.55
N LEU C 332 -31.20 -3.34 0.65
CA LEU C 332 -30.11 -2.93 1.52
C LEU C 332 -30.45 -3.16 2.99
N GLN C 333 -31.72 -2.98 3.33
CA GLN C 333 -32.18 -3.18 4.70
C GLN C 333 -32.17 -4.66 5.07
N ILE C 334 -32.61 -5.49 4.13
CA ILE C 334 -32.59 -6.95 4.33
C ILE C 334 -31.15 -7.44 4.51
N ASP C 335 -30.22 -6.84 3.76
CA ASP C 335 -28.82 -7.22 3.86
C ASP C 335 -28.20 -6.76 5.17
N ALA C 336 -28.72 -5.67 5.71
CA ALA C 336 -28.24 -5.14 6.99
C ALA C 336 -28.50 -6.11 8.13
N LYS C 337 -29.53 -6.94 7.96
CA LYS C 337 -29.88 -7.95 8.95
C LYS C 337 -29.19 -9.29 8.69
N ARG C 338 -29.34 -9.79 7.47
CA ARG C 338 -28.85 -11.12 7.12
C ARG C 338 -27.33 -11.18 6.90
N GLN C 339 -26.76 -10.07 6.44
CA GLN C 339 -25.32 -9.99 6.18
C GLN C 339 -24.85 -11.04 5.19
N PHE C 340 -25.72 -11.41 4.25
CA PHE C 340 -25.41 -12.47 3.29
C PHE C 340 -24.33 -12.08 2.29
N ILE C 341 -24.18 -10.78 2.04
CA ILE C 341 -23.13 -10.29 1.17
C ILE C 341 -21.78 -10.39 1.86
N ASN C 342 -21.73 -9.96 3.12
CA ASN C 342 -20.52 -10.06 3.93
C ASN C 342 -20.11 -11.50 4.15
N LEU C 343 -21.11 -12.38 4.27
CA LEU C 343 -20.86 -13.81 4.39
C LEU C 343 -20.18 -14.32 3.12
N SER C 344 -20.71 -13.87 1.98
CA SER C 344 -20.16 -14.26 0.68
C SER C 344 -18.72 -13.76 0.52
N LEU C 345 -18.46 -12.56 1.04
CA LEU C 345 -17.11 -11.98 0.97
C LEU C 345 -16.13 -12.74 1.85
N ASP C 346 -16.55 -13.04 3.07
CA ASP C 346 -15.72 -13.80 4.01
C ASP C 346 -15.45 -15.20 3.48
N MET C 347 -16.52 -15.91 3.12
CA MET C 347 -16.44 -17.26 2.60
C MET C 347 -15.59 -17.33 1.33
N GLY C 348 -15.71 -16.32 0.49
CA GLY C 348 -14.98 -16.27 -0.77
C GLY C 348 -13.49 -16.05 -0.59
N TYR C 349 -13.14 -15.09 0.26
CA TYR C 349 -11.74 -14.77 0.50
C TYR C 349 -11.05 -15.82 1.38
N TYR C 350 -11.85 -16.54 2.16
CA TYR C 350 -11.34 -17.62 3.00
C TYR C 350 -10.90 -18.81 2.13
N ALA C 351 -11.73 -19.14 1.14
CA ALA C 351 -11.45 -20.27 0.26
C ALA C 351 -10.65 -19.84 -0.97
N LYS C 352 -10.48 -18.53 -1.13
CA LYS C 352 -9.77 -17.95 -2.28
C LYS C 352 -10.43 -18.34 -3.60
N ILE C 353 -11.70 -17.95 -3.76
CA ILE C 353 -12.46 -18.27 -4.95
C ILE C 353 -13.15 -17.03 -5.50
N GLN C 354 -13.82 -17.19 -6.64
CA GLN C 354 -14.73 -16.17 -7.13
C GLN C 354 -15.85 -16.05 -6.13
N ILE C 355 -16.26 -14.82 -5.83
CA ILE C 355 -17.27 -14.59 -4.80
C ILE C 355 -18.61 -15.27 -5.14
N GLN C 356 -18.89 -15.41 -6.43
CA GLN C 356 -20.13 -16.05 -6.85
C GLN C 356 -20.13 -17.57 -6.65
N SER C 357 -18.96 -18.11 -6.30
CA SER C 357 -18.84 -19.55 -6.08
C SER C 357 -19.33 -19.97 -4.69
N VAL C 358 -19.75 -19.01 -3.89
CA VAL C 358 -20.27 -19.31 -2.56
C VAL C 358 -21.63 -19.99 -2.64
N PHE C 359 -22.20 -20.02 -3.84
CA PHE C 359 -23.42 -20.78 -4.08
C PHE C 359 -23.12 -22.27 -4.18
N SER C 360 -21.84 -22.60 -4.37
CA SER C 360 -21.43 -23.99 -4.52
C SER C 360 -20.51 -24.45 -3.39
N PRO C 361 -21.08 -25.22 -2.44
CA PRO C 361 -20.30 -25.78 -1.32
C PRO C 361 -19.21 -26.72 -1.81
N ILE C 362 -19.48 -27.45 -2.88
CA ILE C 362 -18.50 -28.35 -3.48
C ILE C 362 -17.27 -27.58 -3.94
N LYS C 363 -17.50 -26.54 -4.74
CA LYS C 363 -16.42 -25.70 -5.25
C LYS C 363 -15.66 -25.01 -4.12
N THR C 364 -16.39 -24.53 -3.12
CA THR C 364 -15.78 -23.84 -1.98
C THR C 364 -14.85 -24.75 -1.20
N TRP C 365 -15.32 -25.95 -0.86
CA TRP C 365 -14.51 -26.90 -0.14
C TRP C 365 -13.31 -27.40 -0.95
N ASP C 366 -13.50 -27.54 -2.26
CA ASP C 366 -12.43 -28.00 -3.14
C ASP C 366 -11.24 -27.06 -3.08
N ALA C 367 -11.51 -25.77 -3.03
CA ALA C 367 -10.45 -24.75 -2.98
C ALA C 367 -9.86 -24.66 -1.58
N ILE C 368 -10.68 -24.89 -0.57
CA ILE C 368 -10.20 -24.92 0.80
C ILE C 368 -9.21 -26.05 0.98
N ILE C 369 -9.59 -27.24 0.53
CA ILE C 369 -8.74 -28.42 0.59
C ILE C 369 -7.51 -28.24 -0.31
N PHE C 370 -7.71 -27.59 -1.47
CA PHE C 370 -6.61 -27.33 -2.39
C PHE C 370 -5.52 -26.48 -1.76
N ASN C 371 -5.89 -25.30 -1.26
CA ASN C 371 -4.94 -24.40 -0.62
C ASN C 371 -4.29 -25.02 0.60
N SER C 372 -5.07 -25.79 1.37
CA SER C 372 -4.57 -26.46 2.56
C SER C 372 -3.53 -27.51 2.21
N LEU C 373 -3.75 -28.20 1.08
CA LEU C 373 -2.82 -29.24 0.63
C LEU C 373 -1.59 -28.66 -0.06
N LYS C 374 -1.80 -27.60 -0.84
CA LYS C 374 -0.70 -26.89 -1.48
C LYS C 374 0.26 -26.33 -0.43
N GLU C 375 -0.30 -25.96 0.72
CA GLU C 375 0.46 -25.46 1.86
C GLU C 375 1.62 -26.40 2.22
N GLN C 376 1.36 -27.69 2.15
CA GLN C 376 2.35 -28.70 2.52
C GLN C 376 3.00 -29.34 1.30
N ASN C 377 3.00 -28.62 0.17
CA ASN C 377 3.53 -29.13 -1.10
C ASN C 377 2.88 -30.45 -1.53
N LYS C 378 1.62 -30.65 -1.14
CA LYS C 378 0.90 -31.87 -1.48
C LYS C 378 0.00 -31.66 -2.68
N VAL C 379 -0.23 -32.72 -3.45
CA VAL C 379 -0.98 -32.63 -4.69
C VAL C 379 -2.37 -33.24 -4.56
N ILE C 380 -3.37 -32.55 -5.08
CA ILE C 380 -4.74 -33.04 -5.06
C ILE C 380 -4.97 -34.08 -6.16
N PRO C 381 -5.88 -35.03 -5.92
CA PRO C 381 -6.18 -36.05 -6.95
C PRO C 381 -6.99 -35.46 -8.08
N GLN C 382 -7.08 -36.18 -9.20
CA GLN C 382 -7.92 -35.77 -10.30
C GLN C 382 -9.36 -36.15 -10.01
N GLY C 383 -10.29 -35.25 -10.33
CA GLY C 383 -11.70 -35.53 -10.15
C GLY C 383 -12.15 -36.62 -11.11
N ARG C 384 -12.72 -37.68 -10.55
CA ARG C 384 -13.15 -38.82 -11.36
C ARG C 384 -14.67 -38.83 -11.56
N SER C 385 -15.12 -39.57 -12.56
CA SER C 385 -16.54 -39.69 -12.85
C SER C 385 -17.16 -40.80 -12.02
N HIS C 386 -18.34 -40.54 -11.46
CA HIS C 386 -19.03 -41.53 -10.64
C HIS C 386 -20.52 -41.54 -10.91
N PRO C 387 -21.13 -42.73 -10.94
CA PRO C 387 -22.58 -42.85 -11.08
C PRO C 387 -23.27 -42.51 -9.76
N VAL C 388 -24.44 -41.87 -9.84
CA VAL C 388 -25.18 -41.50 -8.64
C VAL C 388 -25.73 -42.74 -7.94
N GLN C 389 -25.29 -42.96 -6.70
CA GLN C 389 -25.70 -44.12 -5.93
C GLN C 389 -26.24 -43.74 -4.56
N PRO C 390 -27.24 -44.47 -4.07
CA PRO C 390 -27.83 -44.21 -2.75
C PRO C 390 -26.98 -44.76 -1.61
N TYR C 391 -27.17 -44.22 -0.41
CA TYR C 391 -26.47 -44.69 0.78
C TYR C 391 -27.24 -44.26 2.03
N PRO C 392 -27.15 -45.06 3.12
CA PRO C 392 -27.92 -44.80 4.33
C PRO C 392 -27.54 -43.49 5.04
N GLY C 393 -28.49 -42.93 5.78
CA GLY C 393 -28.27 -41.69 6.49
C GLY C 393 -28.38 -41.84 8.00
N ALA C 394 -29.34 -41.13 8.59
CA ALA C 394 -29.49 -41.12 10.03
C ALA C 394 -30.54 -42.11 10.52
N PHE C 395 -30.55 -42.36 11.83
CA PHE C 395 -31.56 -43.20 12.44
C PHE C 395 -32.68 -42.34 13.03
N VAL C 396 -33.92 -42.75 12.79
CA VAL C 396 -35.08 -42.06 13.34
C VAL C 396 -35.97 -43.04 14.09
N LYS C 397 -36.13 -42.82 15.39
CA LYS C 397 -36.93 -43.69 16.23
C LYS C 397 -38.42 -43.46 16.00
N GLU C 398 -39.18 -44.55 15.89
CA GLU C 398 -40.63 -44.45 15.75
C GLU C 398 -41.27 -44.29 17.12
N PRO C 399 -41.76 -43.09 17.43
CA PRO C 399 -42.30 -42.82 18.75
C PRO C 399 -43.72 -43.36 18.89
N ILE C 400 -44.10 -43.71 20.11
CA ILE C 400 -45.48 -44.09 20.38
C ILE C 400 -46.32 -42.82 20.31
N PRO C 401 -47.31 -42.79 19.40
CA PRO C 401 -48.21 -41.64 19.30
C PRO C 401 -48.93 -41.42 20.62
N ASN C 402 -48.52 -40.39 21.36
CA ASN C 402 -49.04 -40.16 22.70
C ASN C 402 -48.73 -38.75 23.19
N ARG C 403 -49.38 -38.35 24.27
CA ARG C 403 -49.02 -37.12 24.96
C ARG C 403 -47.81 -37.41 25.83
N TYR C 404 -47.00 -36.40 26.10
CA TYR C 404 -45.85 -36.56 26.98
C TYR C 404 -45.72 -35.37 27.91
N LYS C 405 -45.93 -35.62 29.20
CA LYS C 405 -45.99 -34.57 30.21
C LYS C 405 -44.65 -33.86 30.37
N TYR C 406 -43.72 -34.52 31.07
CA TYR C 406 -42.40 -33.94 31.31
C TYR C 406 -41.37 -34.52 30.34
N VAL C 407 -40.67 -33.64 29.64
CA VAL C 407 -39.71 -34.06 28.62
C VAL C 407 -38.39 -33.32 28.71
N MET C 408 -37.29 -34.07 28.71
CA MET C 408 -35.95 -33.49 28.64
C MET C 408 -35.19 -34.02 27.43
N SER C 409 -34.81 -33.12 26.54
CA SER C 409 -34.08 -33.52 25.33
C SER C 409 -32.58 -33.29 25.48
N PHE C 410 -31.79 -34.10 24.77
CA PHE C 410 -30.35 -34.00 24.79
C PHE C 410 -29.81 -34.09 23.37
N ASP C 411 -29.05 -33.08 22.96
CA ASP C 411 -28.53 -33.03 21.60
C ASP C 411 -27.01 -33.08 21.54
N LEU C 412 -26.48 -33.70 20.49
CA LEU C 412 -25.03 -33.78 20.28
C LEU C 412 -24.52 -32.53 19.59
N THR C 413 -23.24 -32.21 19.81
CA THR C 413 -22.63 -31.02 19.24
C THR C 413 -22.09 -31.26 17.84
N SER C 414 -22.85 -30.83 16.83
CA SER C 414 -22.48 -31.00 15.43
CA SER C 414 -22.48 -31.00 15.43
C SER C 414 -21.99 -32.42 15.15
N LEU C 415 -22.92 -33.37 15.21
CA LEU C 415 -22.62 -34.80 15.07
C LEU C 415 -21.68 -35.15 13.91
N TYR C 416 -22.13 -34.91 12.69
CA TYR C 416 -21.35 -35.30 11.51
C TYR C 416 -19.95 -34.66 11.42
N PRO C 417 -19.83 -33.34 11.69
CA PRO C 417 -18.48 -32.79 11.77
C PRO C 417 -17.66 -33.38 12.93
N SER C 418 -18.32 -33.67 14.04
CA SER C 418 -17.65 -34.25 15.20
C SER C 418 -17.22 -35.69 14.91
N ILE C 419 -18.05 -36.41 14.17
CA ILE C 419 -17.73 -37.78 13.76
C ILE C 419 -16.49 -37.81 12.87
N ILE C 420 -16.43 -36.87 11.91
CA ILE C 420 -15.29 -36.76 11.02
C ILE C 420 -13.99 -36.57 11.80
N ARG C 421 -14.03 -35.71 12.82
CA ARG C 421 -12.85 -35.41 13.62
C ARG C 421 -12.51 -36.54 14.59
N GLN C 422 -13.55 -37.16 15.16
CA GLN C 422 -13.35 -38.24 16.12
C GLN C 422 -12.78 -39.50 15.46
N VAL C 423 -13.40 -39.93 14.38
CA VAL C 423 -13.00 -41.15 13.68
C VAL C 423 -11.82 -40.89 12.76
N ASN C 424 -11.56 -39.60 12.50
CA ASN C 424 -10.50 -39.17 11.58
C ASN C 424 -10.77 -39.64 10.15
N ILE C 425 -11.94 -39.29 9.63
CA ILE C 425 -12.34 -39.69 8.29
C ILE C 425 -11.83 -38.71 7.24
N SER C 426 -11.08 -39.24 6.26
CA SER C 426 -10.46 -38.43 5.24
C SER C 426 -10.01 -39.39 4.13
N PRO C 427 -9.91 -38.89 2.88
CA PRO C 427 -9.51 -39.76 1.77
C PRO C 427 -8.12 -40.38 1.93
N GLU C 428 -7.24 -39.72 2.66
CA GLU C 428 -5.86 -40.20 2.80
C GLU C 428 -5.58 -40.87 4.14
N THR C 429 -6.63 -41.09 4.93
CA THR C 429 -6.47 -41.72 6.23
C THR C 429 -7.07 -43.12 6.27
N ILE C 430 -7.57 -43.58 5.12
CA ILE C 430 -8.12 -44.93 5.02
C ILE C 430 -7.03 -45.98 5.24
N ALA C 431 -7.25 -46.86 6.21
CA ALA C 431 -6.23 -47.83 6.61
C ALA C 431 -6.63 -49.27 6.29
N GLY C 432 -7.90 -49.51 6.02
CA GLY C 432 -8.37 -50.84 5.71
C GLY C 432 -9.77 -51.12 6.22
N THR C 433 -10.16 -52.39 6.22
CA THR C 433 -11.50 -52.79 6.65
C THR C 433 -11.46 -53.86 7.73
N PHE C 434 -12.64 -54.30 8.15
CA PHE C 434 -12.78 -55.41 9.08
C PHE C 434 -14.14 -56.08 8.89
N LYS C 435 -14.24 -57.34 9.30
CA LYS C 435 -15.48 -58.09 9.16
C LYS C 435 -16.56 -57.52 10.06
N VAL C 436 -17.67 -57.11 9.46
CA VAL C 436 -18.73 -56.40 10.18
C VAL C 436 -19.82 -57.32 10.70
N ALA C 437 -20.25 -57.07 11.93
CA ALA C 437 -21.40 -57.75 12.51
C ALA C 437 -22.62 -56.85 12.32
N PRO C 438 -23.84 -57.39 12.53
CA PRO C 438 -25.04 -56.54 12.49
C PRO C 438 -24.90 -55.31 13.38
N LEU C 439 -25.49 -54.20 12.96
CA LEU C 439 -25.31 -52.91 13.64
C LEU C 439 -25.74 -52.94 15.10
N HIS C 440 -26.76 -53.72 15.42
CA HIS C 440 -27.28 -53.80 16.78
C HIS C 440 -26.32 -54.54 17.72
N ASP C 441 -25.31 -55.20 17.16
CA ASP C 441 -24.30 -55.87 17.96
C ASP C 441 -23.25 -54.89 18.48
N TYR C 442 -23.10 -53.77 17.78
CA TYR C 442 -22.19 -52.72 18.22
C TYR C 442 -22.91 -51.78 19.18
N ILE C 443 -24.21 -51.59 18.95
CA ILE C 443 -25.04 -50.75 19.80
C ILE C 443 -25.14 -51.31 21.22
N ASN C 444 -25.27 -52.63 21.33
CA ASN C 444 -25.36 -53.29 22.62
C ASN C 444 -24.01 -53.78 23.13
N ALA C 445 -22.95 -53.42 22.41
CA ALA C 445 -21.57 -53.75 22.80
C ALA C 445 -21.35 -55.25 23.00
N VAL C 446 -21.86 -56.05 22.08
CA VAL C 446 -21.71 -57.50 22.15
C VAL C 446 -20.82 -58.02 21.02
N ALA C 447 -20.58 -57.17 20.03
CA ALA C 447 -19.73 -57.54 18.90
C ALA C 447 -18.25 -57.44 19.26
N GLU C 448 -17.40 -58.08 18.46
CA GLU C 448 -15.96 -58.02 18.67
C GLU C 448 -15.44 -56.61 18.46
N ARG C 449 -14.39 -56.25 19.21
CA ARG C 449 -13.76 -54.95 19.04
C ARG C 449 -13.10 -54.87 17.67
N PRO C 450 -13.54 -53.92 16.84
CA PRO C 450 -13.14 -53.76 15.44
C PRO C 450 -11.63 -53.78 15.23
N SER C 451 -10.90 -53.02 16.02
CA SER C 451 -9.44 -52.94 15.86
C SER C 451 -8.77 -52.39 17.12
N ASP C 452 -7.53 -52.83 17.36
CA ASP C 452 -6.74 -52.34 18.47
C ASP C 452 -5.63 -51.43 17.96
N VAL C 453 -5.67 -51.11 16.68
CA VAL C 453 -4.64 -50.30 16.04
C VAL C 453 -5.23 -49.04 15.41
N TYR C 454 -6.34 -49.21 14.68
CA TYR C 454 -6.91 -48.12 13.91
C TYR C 454 -8.21 -47.59 14.50
N SER C 455 -8.62 -46.40 14.04
CA SER C 455 -9.90 -45.81 14.43
C SER C 455 -10.98 -46.30 13.48
N CYS C 456 -12.10 -46.78 14.04
CA CYS C 456 -13.09 -47.48 13.23
C CYS C 456 -14.49 -46.89 13.23
N SER C 457 -15.26 -47.29 12.23
CA SER C 457 -16.67 -46.98 12.14
C SER C 457 -17.43 -48.29 11.93
N PRO C 458 -18.63 -48.40 12.50
CA PRO C 458 -19.43 -49.63 12.41
C PRO C 458 -19.80 -50.08 10.98
N ASN C 459 -19.43 -49.29 9.98
CA ASN C 459 -19.70 -49.68 8.59
C ASN C 459 -18.58 -50.58 8.05
N GLY C 460 -17.49 -50.67 8.79
CA GLY C 460 -16.39 -51.56 8.41
C GLY C 460 -15.09 -50.85 8.11
N MET C 461 -15.11 -49.52 8.11
CA MET C 461 -13.93 -48.74 7.74
C MET C 461 -12.96 -48.50 8.90
N MET C 462 -11.67 -48.63 8.61
CA MET C 462 -10.63 -48.35 9.59
C MET C 462 -9.79 -47.17 9.13
N TYR C 463 -9.45 -46.28 10.06
CA TYR C 463 -8.65 -45.11 9.74
C TYR C 463 -7.47 -44.98 10.70
N TYR C 464 -6.40 -44.34 10.24
CA TYR C 464 -5.21 -44.14 11.08
C TYR C 464 -5.52 -43.24 12.26
N LYS C 465 -4.78 -43.41 13.35
CA LYS C 465 -4.98 -42.62 14.56
C LYS C 465 -3.92 -41.54 14.72
N ASP C 466 -2.74 -41.79 14.15
CA ASP C 466 -1.60 -40.91 14.34
C ASP C 466 -1.38 -39.93 13.19
N ARG C 467 -1.94 -40.26 12.03
CA ARG C 467 -1.77 -39.43 10.84
C ARG C 467 -2.84 -38.35 10.74
N ASP C 468 -2.46 -37.19 10.19
CA ASP C 468 -3.39 -36.07 10.06
C ASP C 468 -4.10 -36.06 8.72
N GLY C 469 -5.42 -35.91 8.76
CA GLY C 469 -6.23 -35.84 7.55
C GLY C 469 -6.63 -34.42 7.23
N VAL C 470 -6.63 -34.08 5.95
CA VAL C 470 -6.95 -32.72 5.51
C VAL C 470 -8.41 -32.36 5.81
N VAL C 471 -9.31 -33.32 5.66
CA VAL C 471 -10.74 -33.08 5.93
C VAL C 471 -11.05 -32.84 7.42
N PRO C 472 -10.55 -33.70 8.33
CA PRO C 472 -10.77 -33.38 9.75
C PRO C 472 -10.07 -32.10 10.17
N THR C 473 -8.93 -31.80 9.55
CA THR C 473 -8.17 -30.60 9.87
C THR C 473 -8.91 -29.34 9.45
N GLU C 474 -9.37 -29.29 8.21
CA GLU C 474 -10.02 -28.11 7.68
C GLU C 474 -11.42 -27.89 8.25
N ILE C 475 -12.11 -28.98 8.60
CA ILE C 475 -13.44 -28.86 9.19
C ILE C 475 -13.34 -28.43 10.65
N THR C 476 -12.18 -28.65 11.25
CA THR C 476 -11.94 -28.21 12.63
C THR C 476 -11.86 -26.69 12.70
N LYS C 477 -11.19 -26.10 11.72
CA LYS C 477 -11.03 -24.65 11.67
C LYS C 477 -12.37 -23.93 11.52
N VAL C 478 -13.17 -24.35 10.55
CA VAL C 478 -14.46 -23.73 10.31
C VAL C 478 -15.43 -23.98 11.46
N PHE C 479 -15.25 -25.11 12.15
CA PHE C 479 -16.06 -25.43 13.32
C PHE C 479 -15.75 -24.48 14.48
N ASN C 480 -14.47 -24.24 14.71
CA ASN C 480 -14.03 -23.38 15.80
C ASN C 480 -14.40 -21.91 15.60
N GLN C 481 -14.38 -21.47 14.35
CA GLN C 481 -14.74 -20.08 14.02
C GLN C 481 -16.22 -19.82 14.29
N ARG C 482 -17.06 -20.81 14.02
CA ARG C 482 -18.48 -20.70 14.31
C ARG C 482 -18.70 -20.72 15.81
N LYS C 483 -17.99 -21.60 16.50
CA LYS C 483 -18.07 -21.71 17.95
C LYS C 483 -17.61 -20.42 18.61
N GLU C 484 -16.70 -19.70 17.94
CA GLU C 484 -16.19 -18.43 18.45
C GLU C 484 -17.27 -17.37 18.46
N HIS C 485 -18.04 -17.28 17.38
CA HIS C 485 -19.12 -16.30 17.28
C HIS C 485 -20.31 -16.67 18.18
N LYS C 486 -20.52 -17.96 18.37
CA LYS C 486 -21.57 -18.42 19.27
C LYS C 486 -21.20 -18.04 20.70
N GLY C 487 -19.90 -18.04 20.99
CA GLY C 487 -19.41 -17.62 22.28
C GLY C 487 -19.65 -16.14 22.51
N TYR C 488 -19.50 -15.34 21.46
CA TYR C 488 -19.79 -13.91 21.53
C TYR C 488 -21.27 -13.69 21.81
N MET C 489 -22.10 -14.58 21.25
CA MET C 489 -23.54 -14.47 21.38
C MET C 489 -24.01 -14.68 22.83
N LEU C 490 -23.56 -15.78 23.43
CA LEU C 490 -23.91 -16.08 24.82
C LEU C 490 -23.33 -15.04 25.78
N ALA C 491 -22.14 -14.55 25.47
CA ALA C 491 -21.50 -13.54 26.30
C ALA C 491 -22.24 -12.21 26.22
N ALA C 492 -22.83 -11.94 25.06
CA ALA C 492 -23.60 -10.72 24.86
C ALA C 492 -25.02 -10.88 25.38
N GLN C 493 -25.39 -12.11 25.74
CA GLN C 493 -26.71 -12.37 26.29
C GLN C 493 -26.67 -12.39 27.83
N ARG C 494 -25.61 -12.96 28.40
CA ARG C 494 -25.43 -12.93 29.84
C ARG C 494 -25.11 -11.50 30.29
N ASN C 495 -24.43 -10.75 29.42
CA ASN C 495 -24.36 -9.32 29.56
C ASN C 495 -25.70 -8.75 29.11
N GLY C 496 -26.27 -7.86 29.90
CA GLY C 496 -27.62 -7.39 29.63
C GLY C 496 -28.56 -7.90 30.68
N GLU C 497 -28.44 -9.19 31.00
CA GLU C 497 -29.17 -9.77 32.12
C GLU C 497 -28.61 -9.20 33.42
N ILE C 498 -27.31 -8.91 33.41
CA ILE C 498 -26.67 -8.19 34.49
C ILE C 498 -27.24 -6.77 34.51
N ILE C 499 -27.54 -6.26 33.33
CA ILE C 499 -28.04 -4.91 33.17
C ILE C 499 -29.55 -4.81 33.40
N LYS C 500 -30.31 -5.76 32.87
CA LYS C 500 -31.76 -5.76 33.04
C LYS C 500 -32.17 -5.83 34.51
N GLU C 501 -31.34 -6.49 35.32
CA GLU C 501 -31.60 -6.60 36.74
C GLU C 501 -31.08 -5.38 37.50
N ALA C 502 -30.39 -4.48 36.78
CA ALA C 502 -29.82 -3.29 37.38
C ALA C 502 -30.79 -2.13 37.44
N LEU C 503 -31.73 -2.09 36.49
CA LEU C 503 -32.78 -1.06 36.51
C LEU C 503 -34.12 -1.62 36.99
N LYS C 531 -23.43 -0.21 37.65
CA LYS C 531 -23.82 -0.35 39.05
C LYS C 531 -24.56 0.90 39.54
N LYS C 532 -23.97 2.07 39.29
CA LYS C 532 -24.55 3.33 39.71
C LYS C 532 -24.89 4.21 38.51
N LEU C 533 -25.22 3.58 37.39
CA LEU C 533 -25.54 4.29 36.16
C LEU C 533 -27.02 4.63 36.06
N SER C 534 -27.33 5.70 35.34
CA SER C 534 -28.71 6.14 35.15
C SER C 534 -29.50 5.13 34.31
N ALA C 535 -30.83 5.23 34.38
CA ALA C 535 -31.69 4.36 33.58
C ALA C 535 -31.53 4.67 32.10
N LYS C 536 -31.15 5.91 31.80
CA LYS C 536 -30.89 6.32 30.42
C LYS C 536 -29.69 5.57 29.86
N SER C 537 -28.59 5.59 30.60
CA SER C 537 -27.37 4.90 30.20
C SER C 537 -27.55 3.39 30.26
N LEU C 538 -28.35 2.93 31.22
CA LEU C 538 -28.58 1.50 31.41
C LEU C 538 -29.49 0.93 30.33
N ASN C 539 -30.29 1.79 29.72
CA ASN C 539 -31.10 1.39 28.57
C ASN C 539 -30.29 1.46 27.28
N GLU C 540 -29.39 2.43 27.21
CA GLU C 540 -28.44 2.50 26.10
C GLU C 540 -27.56 1.26 26.17
N MET C 541 -26.95 1.04 27.32
CA MET C 541 -26.22 -0.20 27.58
C MET C 541 -27.20 -1.36 27.72
N LEU C 542 -27.89 -1.67 26.63
CA LEU C 542 -28.89 -2.72 26.57
C LEU C 542 -29.33 -2.75 25.11
N PHE C 543 -29.31 -1.57 24.50
CA PHE C 543 -29.50 -1.41 23.08
C PHE C 543 -28.12 -1.44 22.42
N ARG C 544 -27.22 -2.20 23.03
CA ARG C 544 -25.86 -2.40 22.52
C ARG C 544 -25.49 -3.86 22.65
N ALA C 545 -25.74 -4.42 23.83
CA ALA C 545 -25.47 -5.82 24.11
C ALA C 545 -26.37 -6.73 23.28
N GLN C 546 -27.61 -6.29 23.08
CA GLN C 546 -28.56 -7.05 22.28
C GLN C 546 -28.17 -7.06 20.81
N ARG C 547 -27.75 -5.92 20.30
CA ARG C 547 -27.31 -5.82 18.92
C ARG C 547 -26.01 -6.60 18.70
N THR C 548 -25.23 -6.75 19.77
CA THR C 548 -24.04 -7.58 19.74
C THR C 548 -24.44 -9.05 19.72
N GLU C 549 -25.48 -9.37 20.49
CA GLU C 549 -26.01 -10.74 20.52
C GLU C 549 -26.64 -11.10 19.19
N VAL C 550 -27.34 -10.15 18.59
CA VAL C 550 -27.95 -10.35 17.28
C VAL C 550 -26.89 -10.58 16.22
N ALA C 551 -25.84 -9.76 16.24
CA ALA C 551 -24.73 -9.90 15.31
C ALA C 551 -24.00 -11.21 15.53
N GLY C 552 -24.02 -11.69 16.78
CA GLY C 552 -23.40 -12.96 17.12
C GLY C 552 -24.17 -14.13 16.55
N MET C 553 -25.49 -14.11 16.72
CA MET C 553 -26.36 -15.17 16.23
C MET C 553 -26.30 -15.27 14.70
N THR C 554 -26.35 -14.12 14.04
CA THR C 554 -26.29 -14.06 12.59
C THR C 554 -24.96 -14.61 12.07
N ALA C 555 -23.88 -14.26 12.77
CA ALA C 555 -22.54 -14.67 12.36
C ALA C 555 -22.32 -16.18 12.50
N GLN C 556 -22.95 -16.80 13.49
CA GLN C 556 -22.75 -18.22 13.74
C GLN C 556 -23.72 -19.11 12.96
N ILE C 557 -24.92 -18.61 12.72
CA ILE C 557 -25.91 -19.37 11.95
C ILE C 557 -25.53 -19.41 10.47
N ASN C 558 -24.99 -18.30 9.96
CA ASN C 558 -24.62 -18.19 8.55
C ASN C 558 -23.45 -19.10 8.14
N ARG C 559 -22.70 -19.58 9.12
CA ARG C 559 -21.53 -20.41 8.84
C ARG C 559 -21.87 -21.89 8.97
N LYS C 560 -23.13 -22.18 9.31
CA LYS C 560 -23.57 -23.56 9.51
C LYS C 560 -23.63 -24.35 8.21
N LEU C 561 -23.98 -23.67 7.11
CA LEU C 561 -24.14 -24.33 5.82
C LEU C 561 -22.82 -24.93 5.32
N LEU C 562 -21.76 -24.13 5.35
CA LEU C 562 -20.45 -24.58 4.86
C LEU C 562 -19.94 -25.78 5.66
N ILE C 563 -20.23 -25.79 6.95
CA ILE C 563 -19.77 -26.85 7.84
C ILE C 563 -20.53 -28.15 7.61
N ASN C 564 -21.85 -28.07 7.51
CA ASN C 564 -22.69 -29.25 7.34
C ASN C 564 -22.65 -29.86 5.94
N SER C 565 -22.25 -29.05 4.96
CA SER C 565 -22.26 -29.51 3.56
C SER C 565 -21.09 -30.43 3.24
N LEU C 566 -20.05 -30.39 4.06
CA LEU C 566 -18.84 -31.18 3.83
C LEU C 566 -19.11 -32.68 3.89
N ALA C 567 -19.87 -33.10 4.90
CA ALA C 567 -20.22 -34.51 5.05
C ALA C 567 -21.11 -34.98 3.90
N GLY C 568 -22.03 -34.12 3.49
CA GLY C 568 -22.90 -34.42 2.37
C GLY C 568 -22.15 -34.41 1.05
N ALA C 569 -21.11 -33.58 0.98
CA ALA C 569 -20.28 -33.49 -0.21
C ALA C 569 -19.58 -34.80 -0.51
N LEU C 570 -19.26 -35.54 0.54
CA LEU C 570 -18.60 -36.84 0.40
C LEU C 570 -19.48 -37.85 -0.33
N GLY C 571 -20.79 -37.58 -0.33
CA GLY C 571 -21.74 -38.44 -1.02
C GLY C 571 -22.23 -37.84 -2.33
N ASN C 572 -21.51 -36.84 -2.83
CA ASN C 572 -21.85 -36.21 -4.11
C ASN C 572 -20.81 -36.51 -5.18
N VAL C 573 -21.26 -37.08 -6.29
CA VAL C 573 -20.37 -37.59 -7.33
C VAL C 573 -19.50 -36.54 -8.01
N TRP C 574 -19.83 -35.27 -7.80
CA TRP C 574 -19.05 -34.19 -8.42
C TRP C 574 -17.87 -33.76 -7.54
N PHE C 575 -17.94 -34.10 -6.26
CA PHE C 575 -16.88 -33.75 -5.32
C PHE C 575 -15.59 -34.50 -5.65
N ARG C 576 -14.47 -33.79 -5.60
CA ARG C 576 -13.17 -34.37 -5.90
C ARG C 576 -12.81 -35.52 -4.96
N TYR C 577 -13.36 -35.46 -3.75
CA TYR C 577 -13.07 -36.48 -2.74
C TYR C 577 -14.30 -37.31 -2.42
N TYR C 578 -15.17 -37.47 -3.42
CA TYR C 578 -16.36 -38.32 -3.29
C TYR C 578 -15.97 -39.74 -2.95
N ASP C 579 -16.48 -40.23 -1.82
CA ASP C 579 -16.21 -41.60 -1.40
C ASP C 579 -17.36 -42.09 -0.54
N LEU C 580 -18.13 -43.03 -1.07
CA LEU C 580 -19.29 -43.57 -0.38
C LEU C 580 -18.91 -44.33 0.89
N ARG C 581 -17.70 -44.90 0.89
CA ARG C 581 -17.20 -45.58 2.08
C ARG C 581 -17.04 -44.60 3.24
N ASN C 582 -16.60 -43.39 2.93
CA ASN C 582 -16.43 -42.35 3.93
C ASN C 582 -17.76 -41.74 4.36
N ALA C 583 -18.61 -41.45 3.39
CA ALA C 583 -19.93 -40.86 3.67
C ALA C 583 -20.78 -41.78 4.52
N THR C 584 -20.72 -43.08 4.23
CA THR C 584 -21.49 -44.07 4.97
CA THR C 584 -21.49 -44.07 4.97
C THR C 584 -20.90 -44.27 6.37
N ALA C 585 -19.57 -44.14 6.46
CA ALA C 585 -18.88 -44.28 7.75
C ALA C 585 -19.36 -43.22 8.74
N ILE C 586 -19.61 -42.02 8.25
CA ILE C 586 -20.12 -40.94 9.09
C ILE C 586 -21.53 -41.25 9.57
N THR C 587 -22.40 -41.62 8.63
CA THR C 587 -23.81 -41.85 8.93
C THR C 587 -24.06 -43.10 9.76
N THR C 588 -23.32 -44.17 9.47
CA THR C 588 -23.46 -45.42 10.22
C THR C 588 -22.99 -45.23 11.65
N PHE C 589 -21.92 -44.45 11.82
CA PHE C 589 -21.42 -44.11 13.14
C PHE C 589 -22.47 -43.30 13.90
N GLY C 590 -23.17 -42.44 13.18
CA GLY C 590 -24.24 -41.64 13.75
C GLY C 590 -25.40 -42.51 14.22
N GLN C 591 -25.75 -43.50 13.40
CA GLN C 591 -26.81 -44.44 13.78
C GLN C 591 -26.42 -45.21 15.03
N MET C 592 -25.18 -45.65 15.09
CA MET C 592 -24.67 -46.37 16.26
C MET C 592 -24.66 -45.46 17.48
N ALA C 593 -24.15 -44.25 17.32
CA ALA C 593 -23.98 -43.31 18.42
C ALA C 593 -25.29 -42.97 19.13
N LEU C 594 -26.33 -42.68 18.35
CA LEU C 594 -27.62 -42.28 18.91
C LEU C 594 -28.29 -43.42 19.67
N GLN C 595 -28.16 -44.63 19.14
CA GLN C 595 -28.80 -45.79 19.75
C GLN C 595 -27.95 -46.39 20.87
N TRP C 596 -26.64 -46.16 20.80
CA TRP C 596 -25.73 -46.55 21.87
C TRP C 596 -26.09 -45.77 23.13
N ILE C 597 -26.20 -44.45 22.98
CA ILE C 597 -26.50 -43.58 24.11
C ILE C 597 -27.96 -43.72 24.55
N GLU C 598 -28.80 -44.22 23.65
CA GLU C 598 -30.19 -44.49 23.99
C GLU C 598 -30.26 -45.62 25.01
N ARG C 599 -29.44 -46.65 24.79
CA ARG C 599 -29.34 -47.76 25.72
C ARG C 599 -28.71 -47.31 27.03
N LYS C 600 -27.64 -46.52 26.94
CA LYS C 600 -26.93 -46.04 28.11
C LYS C 600 -27.78 -45.16 29.01
N VAL C 601 -28.61 -44.33 28.39
CA VAL C 601 -29.52 -43.46 29.15
C VAL C 601 -30.63 -44.27 29.82
N ASN C 602 -31.19 -45.23 29.08
CA ASN C 602 -32.22 -46.11 29.63
C ASN C 602 -31.71 -46.95 30.79
N GLU C 603 -30.49 -47.47 30.65
CA GLU C 603 -29.87 -48.27 31.70
C GLU C 603 -29.64 -47.46 32.96
N TYR C 604 -29.20 -46.22 32.78
CA TYR C 604 -28.90 -45.34 33.91
C TYR C 604 -30.14 -44.96 34.68
N LEU C 605 -31.16 -44.47 33.98
CA LEU C 605 -32.38 -43.99 34.62
C LEU C 605 -33.17 -45.10 35.31
N ASN C 606 -33.02 -46.33 34.83
CA ASN C 606 -33.68 -47.46 35.44
C ASN C 606 -33.16 -47.76 36.85
N GLU C 607 -31.84 -47.78 37.02
CA GLU C 607 -31.25 -48.07 38.32
C GLU C 607 -31.36 -46.88 39.25
N VAL C 608 -31.42 -45.67 38.68
CA VAL C 608 -31.56 -44.46 39.47
C VAL C 608 -32.97 -44.37 40.05
N CYS C 609 -33.97 -44.72 39.24
CA CYS C 609 -35.36 -44.69 39.67
C CYS C 609 -35.76 -46.03 40.31
N GLY C 610 -34.93 -47.05 40.14
CA GLY C 610 -35.17 -48.34 40.74
C GLY C 610 -36.22 -49.16 40.01
N THR C 611 -36.15 -49.19 38.68
CA THR C 611 -37.08 -49.96 37.87
C THR C 611 -36.34 -50.90 36.93
N GLU C 612 -37.08 -51.52 36.02
CA GLU C 612 -36.49 -52.39 35.01
C GLU C 612 -37.36 -52.48 33.77
N GLY C 613 -36.75 -52.30 32.60
CA GLY C 613 -37.45 -52.43 31.34
C GLY C 613 -38.28 -51.20 30.98
N GLU C 614 -38.07 -50.12 31.73
CA GLU C 614 -38.79 -48.88 31.47
C GLU C 614 -38.11 -48.05 30.39
N ALA C 615 -38.90 -47.60 29.42
CA ALA C 615 -38.38 -46.80 28.33
C ALA C 615 -38.49 -45.31 28.63
N PHE C 616 -37.36 -44.69 28.97
CA PHE C 616 -37.32 -43.26 29.21
C PHE C 616 -37.14 -42.49 27.92
N VAL C 617 -36.22 -42.96 27.07
CA VAL C 617 -36.05 -42.38 25.74
C VAL C 617 -37.27 -42.72 24.88
N LEU C 618 -38.09 -41.72 24.61
CA LEU C 618 -39.32 -41.93 23.86
C LEU C 618 -39.14 -41.70 22.37
N TYR C 619 -38.15 -40.89 22.01
CA TYR C 619 -37.94 -40.51 20.62
C TYR C 619 -36.51 -40.06 20.36
N GLY C 620 -36.06 -40.26 19.12
CA GLY C 620 -34.74 -39.83 18.71
C GLY C 620 -34.68 -39.54 17.22
N ASP C 621 -33.86 -38.56 16.85
CA ASP C 621 -33.68 -38.20 15.45
C ASP C 621 -32.25 -37.72 15.21
N THR C 622 -31.49 -38.54 14.50
CA THR C 622 -30.13 -38.20 14.08
C THR C 622 -29.16 -37.94 15.23
N ASP C 623 -29.32 -36.83 15.93
CA ASP C 623 -28.35 -36.40 16.93
C ASP C 623 -28.97 -36.13 18.30
N SER C 624 -30.28 -36.26 18.41
CA SER C 624 -30.98 -35.89 19.64
C SER C 624 -31.82 -37.03 20.22
N ILE C 625 -31.85 -37.13 21.54
CA ILE C 625 -32.73 -38.06 22.21
C ILE C 625 -33.72 -37.30 23.08
N TYR C 626 -34.91 -37.87 23.26
CA TYR C 626 -35.96 -37.23 24.06
C TYR C 626 -36.38 -38.12 25.22
N VAL C 627 -36.21 -37.61 26.43
CA VAL C 627 -36.43 -38.40 27.64
C VAL C 627 -37.75 -38.06 28.32
N SER C 628 -38.52 -39.09 28.66
CA SER C 628 -39.72 -38.93 29.46
C SER C 628 -39.33 -38.83 30.92
N ALA C 629 -39.43 -37.63 31.48
CA ALA C 629 -39.00 -37.38 32.86
C ALA C 629 -40.16 -37.49 33.85
N ASP C 630 -41.19 -38.22 33.47
CA ASP C 630 -42.36 -38.39 34.33
C ASP C 630 -42.02 -39.12 35.62
N LYS C 631 -41.23 -40.18 35.51
CA LYS C 631 -40.87 -41.00 36.66
C LYS C 631 -39.81 -40.32 37.52
N ILE C 632 -39.13 -39.34 36.96
CA ILE C 632 -38.17 -38.55 37.73
C ILE C 632 -38.91 -37.61 38.66
N ILE C 633 -39.99 -37.02 38.15
CA ILE C 633 -40.82 -36.12 38.95
C ILE C 633 -41.68 -36.91 39.93
N ASP C 634 -42.26 -38.01 39.46
CA ASP C 634 -43.16 -38.82 40.30
C ASP C 634 -42.42 -39.57 41.41
N LYS C 635 -41.10 -39.72 41.27
CA LYS C 635 -40.30 -40.33 42.31
C LYS C 635 -40.28 -39.42 43.55
N VAL C 636 -40.03 -38.14 43.32
CA VAL C 636 -40.02 -37.15 44.39
C VAL C 636 -41.45 -36.78 44.79
N GLY C 637 -42.33 -36.74 43.80
CA GLY C 637 -43.71 -36.36 44.02
C GLY C 637 -43.97 -34.93 43.56
N GLU C 638 -45.00 -34.77 42.74
CA GLU C 638 -45.32 -33.47 42.16
C GLU C 638 -45.78 -32.47 43.21
N SER C 639 -46.20 -32.99 44.36
CA SER C 639 -46.67 -32.15 45.46
C SER C 639 -45.52 -31.42 46.14
N LYS C 640 -44.31 -31.94 45.98
CA LYS C 640 -43.12 -31.37 46.61
C LYS C 640 -42.62 -30.11 45.91
N PHE C 641 -43.21 -29.79 44.76
CA PHE C 641 -42.81 -28.59 44.03
C PHE C 641 -43.77 -27.44 44.28
N ARG C 642 -43.21 -26.30 44.69
CA ARG C 642 -44.00 -25.12 45.04
C ARG C 642 -44.51 -24.36 43.81
N ASP C 643 -43.72 -24.35 42.75
CA ASP C 643 -44.11 -23.67 41.51
C ASP C 643 -43.51 -24.36 40.29
N THR C 644 -43.71 -23.75 39.12
CA THR C 644 -43.24 -24.31 37.87
C THR C 644 -41.71 -24.32 37.79
N ASN C 645 -41.10 -23.21 38.19
CA ASN C 645 -39.65 -23.09 38.15
C ASN C 645 -38.92 -24.00 39.13
N HIS C 646 -39.65 -24.55 40.09
CA HIS C 646 -39.04 -25.44 41.08
C HIS C 646 -38.67 -26.79 40.47
N TRP C 647 -39.59 -27.38 39.71
CA TRP C 647 -39.32 -28.66 39.07
C TRP C 647 -38.43 -28.51 37.85
N VAL C 648 -38.46 -27.33 37.25
CA VAL C 648 -37.58 -27.03 36.12
C VAL C 648 -36.12 -26.98 36.58
N ASP C 649 -35.89 -26.29 37.69
CA ASP C 649 -34.56 -26.22 38.27
C ASP C 649 -34.10 -27.60 38.77
N PHE C 650 -35.06 -28.40 39.23
CA PHE C 650 -34.77 -29.76 39.66
C PHE C 650 -34.33 -30.61 38.48
N LEU C 651 -35.11 -30.56 37.40
CA LEU C 651 -34.78 -31.30 36.19
C LEU C 651 -33.51 -30.76 35.53
N ASP C 652 -33.25 -29.47 35.74
CA ASP C 652 -32.03 -28.86 35.22
C ASP C 652 -30.81 -29.39 35.97
N LYS C 653 -30.96 -29.55 37.28
CA LYS C 653 -29.90 -30.11 38.11
C LYS C 653 -29.70 -31.59 37.83
N PHE C 654 -30.82 -32.31 37.73
CA PHE C 654 -30.78 -33.75 37.52
C PHE C 654 -30.13 -34.11 36.18
N ALA C 655 -30.35 -33.26 35.18
CA ALA C 655 -29.80 -33.49 33.86
C ALA C 655 -28.31 -33.15 33.81
N ARG C 656 -27.93 -32.05 34.46
CA ARG C 656 -26.55 -31.58 34.43
C ARG C 656 -25.64 -32.37 35.37
N GLU C 657 -26.09 -32.55 36.61
CA GLU C 657 -25.25 -33.18 37.63
C GLU C 657 -25.27 -34.71 37.58
N ARG C 658 -26.41 -35.28 37.19
CA ARG C 658 -26.56 -36.73 37.22
C ARG C 658 -26.52 -37.39 35.84
N MET C 659 -27.33 -36.89 34.91
CA MET C 659 -27.45 -37.51 33.59
C MET C 659 -26.23 -37.26 32.69
N GLU C 660 -25.84 -35.99 32.57
CA GLU C 660 -24.71 -35.62 31.71
C GLU C 660 -23.39 -36.37 31.96
N PRO C 661 -22.99 -36.52 33.23
CA PRO C 661 -21.77 -37.31 33.47
C PRO C 661 -21.94 -38.77 33.03
N ALA C 662 -23.15 -39.31 33.18
CA ALA C 662 -23.42 -40.68 32.79
C ALA C 662 -23.38 -40.82 31.27
N ILE C 663 -23.81 -39.77 30.58
CA ILE C 663 -23.78 -39.73 29.12
C ILE C 663 -22.33 -39.69 28.62
N ASP C 664 -21.51 -38.89 29.30
CA ASP C 664 -20.11 -38.74 28.93
C ASP C 664 -19.36 -40.06 29.09
N ARG C 665 -19.61 -40.74 30.21
CA ARG C 665 -19.00 -42.04 30.47
C ARG C 665 -19.43 -43.05 29.42
N GLY C 666 -20.70 -42.98 29.02
CA GLY C 666 -21.22 -43.85 27.99
C GLY C 666 -20.52 -43.64 26.66
N PHE C 667 -20.34 -42.38 26.28
CA PHE C 667 -19.71 -42.04 25.01
C PHE C 667 -18.21 -42.28 25.00
N ARG C 668 -17.59 -42.21 26.17
CA ARG C 668 -16.16 -42.47 26.30
C ARG C 668 -15.85 -43.95 26.09
N GLU C 669 -16.77 -44.80 26.52
CA GLU C 669 -16.62 -46.23 26.31
C GLU C 669 -16.73 -46.57 24.83
N MET C 670 -17.61 -45.85 24.13
CA MET C 670 -17.82 -46.08 22.71
C MET C 670 -16.58 -45.67 21.91
N CYS C 671 -15.94 -44.59 22.34
CA CYS C 671 -14.72 -44.11 21.71
C CYS C 671 -13.61 -45.15 21.82
N GLU C 672 -13.52 -45.78 22.99
CA GLU C 672 -12.53 -46.82 23.23
C GLU C 672 -12.94 -48.12 22.54
N TYR C 673 -14.24 -48.33 22.40
CA TYR C 673 -14.77 -49.48 21.70
C TYR C 673 -14.38 -49.44 20.23
N MET C 674 -14.52 -48.26 19.63
CA MET C 674 -14.19 -48.06 18.22
C MET C 674 -12.72 -47.65 18.03
N ASN C 675 -11.99 -47.57 19.14
CA ASN C 675 -10.58 -47.19 19.13
C ASN C 675 -10.35 -45.86 18.42
N ASN C 676 -11.27 -44.92 18.62
CA ASN C 676 -11.23 -43.65 17.91
C ASN C 676 -10.03 -42.76 18.28
N LYS C 677 -9.71 -41.83 17.39
CA LYS C 677 -8.57 -40.94 17.55
C LYS C 677 -8.77 -39.94 18.68
N GLN C 678 -10.00 -39.48 18.85
CA GLN C 678 -10.30 -38.43 19.82
C GLN C 678 -11.78 -38.41 20.19
N HIS C 679 -12.06 -38.45 21.48
CA HIS C 679 -13.44 -38.41 21.98
C HIS C 679 -14.05 -37.02 21.75
N LEU C 680 -15.10 -36.97 20.93
CA LEU C 680 -15.74 -35.70 20.59
C LEU C 680 -17.26 -35.78 20.54
N MET C 681 -17.81 -36.86 21.06
CA MET C 681 -19.27 -37.01 21.14
C MET C 681 -19.80 -36.26 22.36
N PHE C 682 -20.08 -34.98 22.18
CA PHE C 682 -20.55 -34.13 23.28
C PHE C 682 -22.07 -33.92 23.21
N MET C 683 -22.78 -34.52 24.14
CA MET C 683 -24.23 -34.38 24.19
C MET C 683 -24.68 -33.53 25.38
N ASP C 684 -25.01 -32.27 25.11
CA ASP C 684 -25.49 -31.36 26.14
C ASP C 684 -27.01 -31.45 26.31
N ARG C 685 -27.50 -31.00 27.45
CA ARG C 685 -28.93 -30.95 27.69
C ARG C 685 -29.53 -29.82 26.85
N GLU C 686 -30.59 -30.16 26.11
CA GLU C 686 -31.20 -29.20 25.19
C GLU C 686 -32.39 -28.48 25.83
N ALA C 687 -33.53 -29.15 25.87
CA ALA C 687 -34.77 -28.52 26.33
C ALA C 687 -35.35 -29.18 27.56
N ILE C 688 -36.04 -28.38 28.37
CA ILE C 688 -36.83 -28.90 29.48
C ILE C 688 -38.29 -28.56 29.22
N ALA C 689 -39.09 -29.59 28.95
CA ALA C 689 -40.48 -29.38 28.55
C ALA C 689 -41.46 -29.96 29.57
N GLY C 690 -42.54 -29.21 29.81
CA GLY C 690 -43.59 -29.65 30.69
C GLY C 690 -44.70 -28.62 30.80
N PRO C 691 -45.87 -29.02 31.33
CA PRO C 691 -46.98 -28.08 31.52
C PRO C 691 -46.74 -27.24 32.77
N PRO C 692 -47.34 -26.04 32.83
CA PRO C 692 -47.24 -25.23 34.04
C PRO C 692 -47.86 -25.95 35.23
N LEU C 693 -47.18 -25.92 36.37
CA LEU C 693 -47.65 -26.62 37.57
C LEU C 693 -49.02 -26.12 38.02
N GLY C 694 -49.92 -27.06 38.28
CA GLY C 694 -51.25 -26.71 38.75
C GLY C 694 -52.26 -26.55 37.63
N SER C 695 -51.80 -26.68 36.39
CA SER C 695 -52.68 -26.54 35.23
C SER C 695 -53.15 -27.90 34.72
N LYS C 696 -53.87 -27.91 33.61
CA LYS C 696 -54.38 -29.14 33.03
C LYS C 696 -53.76 -29.41 31.67
N GLY C 697 -52.67 -28.70 31.37
CA GLY C 697 -51.95 -28.88 30.13
C GLY C 697 -51.29 -30.25 30.04
N ILE C 698 -50.97 -30.68 28.82
CA ILE C 698 -50.39 -32.00 28.61
C ILE C 698 -48.88 -31.94 28.42
N GLY C 699 -48.34 -30.75 28.21
CA GLY C 699 -46.91 -30.57 28.05
C GLY C 699 -46.41 -30.75 26.63
N GLY C 700 -46.53 -31.96 26.11
CA GLY C 700 -46.08 -32.25 24.76
C GLY C 700 -46.76 -33.46 24.15
N PHE C 701 -46.57 -33.66 22.86
CA PHE C 701 -47.14 -34.83 22.17
C PHE C 701 -46.41 -35.16 20.87
N TRP C 702 -46.34 -36.45 20.55
CA TRP C 702 -45.83 -36.92 19.28
C TRP C 702 -46.94 -37.60 18.50
N THR C 703 -46.98 -37.36 17.19
CA THR C 703 -47.94 -38.05 16.32
C THR C 703 -47.19 -39.09 15.50
N GLY C 704 -45.88 -38.91 15.39
CA GLY C 704 -45.04 -39.82 14.64
C GLY C 704 -43.66 -39.22 14.47
N LYS C 705 -42.88 -39.80 13.56
CA LYS C 705 -41.53 -39.32 13.29
C LYS C 705 -41.53 -37.89 12.75
N LYS C 706 -40.63 -37.07 13.30
CA LYS C 706 -40.45 -35.68 12.85
C LYS C 706 -41.69 -34.81 13.00
N ARG C 707 -42.61 -35.22 13.88
CA ARG C 707 -43.83 -34.45 14.12
C ARG C 707 -44.17 -34.41 15.60
N TYR C 708 -43.92 -33.26 16.23
CA TYR C 708 -44.18 -33.10 17.66
C TYR C 708 -44.23 -31.64 18.09
N ALA C 709 -44.70 -31.42 19.32
CA ALA C 709 -44.76 -30.09 19.91
C ALA C 709 -44.44 -30.16 21.39
N LEU C 710 -43.63 -29.23 21.87
CA LEU C 710 -43.24 -29.20 23.28
C LEU C 710 -43.37 -27.82 23.89
N ASN C 711 -43.83 -27.78 25.14
CA ASN C 711 -43.87 -26.53 25.90
C ASN C 711 -42.57 -26.36 26.67
N VAL C 712 -41.65 -25.59 26.11
CA VAL C 712 -40.29 -25.48 26.64
C VAL C 712 -40.12 -24.33 27.63
N TRP C 713 -39.58 -24.66 28.81
CA TRP C 713 -39.31 -23.66 29.83
C TRP C 713 -37.84 -23.26 29.85
N ALA C 714 -36.98 -24.16 29.38
CA ALA C 714 -35.54 -23.90 29.35
C ALA C 714 -34.90 -24.47 28.10
N MET C 715 -34.01 -23.69 27.48
CA MET C 715 -33.35 -24.11 26.25
C MET C 715 -31.83 -23.91 26.34
N GLU C 716 -31.15 -24.90 26.92
CA GLU C 716 -29.70 -24.92 27.01
C GLU C 716 -29.12 -23.64 27.59
N GLY C 717 -29.21 -23.49 28.91
CA GLY C 717 -28.71 -22.30 29.58
C GLY C 717 -29.70 -21.14 29.54
N THR C 718 -30.33 -20.95 28.39
CA THR C 718 -31.33 -19.90 28.22
C THR C 718 -32.57 -20.18 29.05
N ARG C 719 -32.98 -19.18 29.84
CA ARG C 719 -34.15 -19.31 30.70
C ARG C 719 -35.33 -18.54 30.10
N TYR C 720 -36.53 -19.07 30.30
CA TYR C 720 -37.74 -18.41 29.80
C TYR C 720 -38.66 -18.00 30.93
N ALA C 721 -39.02 -16.73 30.97
CA ALA C 721 -40.01 -16.23 31.92
C ALA C 721 -41.38 -16.72 31.48
N GLU C 722 -41.69 -16.50 30.20
CA GLU C 722 -42.88 -17.06 29.58
C GLU C 722 -42.50 -18.30 28.79
N PRO C 723 -43.35 -19.34 28.87
CA PRO C 723 -43.07 -20.59 28.14
C PRO C 723 -43.08 -20.37 26.64
N LYS C 724 -42.23 -21.11 25.93
CA LYS C 724 -42.13 -20.97 24.49
C LYS C 724 -42.34 -22.31 23.80
N LEU C 725 -43.14 -22.32 22.74
CA LEU C 725 -43.50 -23.55 22.05
C LEU C 725 -42.42 -24.05 21.10
N LYS C 726 -42.12 -25.34 21.18
CA LYS C 726 -41.17 -25.98 20.27
C LYS C 726 -41.95 -26.94 19.36
N ILE C 727 -42.31 -26.46 18.18
CA ILE C 727 -43.12 -27.24 17.25
C ILE C 727 -42.34 -27.61 16.00
N MET C 728 -42.21 -28.92 15.75
CA MET C 728 -41.44 -29.39 14.60
C MET C 728 -42.28 -30.27 13.68
N GLY C 729 -42.24 -29.96 12.38
CA GLY C 729 -42.85 -30.80 11.37
C GLY C 729 -44.36 -30.62 11.19
N LEU C 730 -45.04 -30.18 12.23
CA LEU C 730 -46.48 -30.00 12.19
C LEU C 730 -46.89 -28.93 11.18
N GLU C 731 -48.17 -28.90 10.82
CA GLU C 731 -48.68 -28.00 9.80
C GLU C 731 -48.41 -26.52 10.10
N THR C 732 -48.23 -26.19 11.37
CA THR C 732 -47.89 -24.83 11.75
C THR C 732 -46.52 -24.43 11.21
N GLN C 733 -45.71 -25.42 10.86
CA GLN C 733 -44.37 -25.18 10.35
C GLN C 733 -44.28 -25.43 8.85
N LYS C 734 -45.42 -25.67 8.22
CA LYS C 734 -45.46 -25.94 6.78
C LYS C 734 -46.00 -24.75 6.00
N SER C 735 -45.19 -24.24 5.07
CA SER C 735 -45.57 -23.07 4.28
C SER C 735 -46.75 -23.34 3.36
N SER C 736 -47.11 -24.61 3.21
CA SER C 736 -48.27 -24.98 2.41
C SER C 736 -49.56 -24.71 3.16
N THR C 737 -49.47 -24.66 4.49
CA THR C 737 -50.63 -24.37 5.34
C THR C 737 -50.94 -22.88 5.30
N PRO C 738 -52.23 -22.54 5.10
CA PRO C 738 -52.68 -21.14 5.06
C PRO C 738 -52.27 -20.36 6.30
N LYS C 739 -52.02 -19.06 6.14
CA LYS C 739 -51.48 -18.22 7.21
C LYS C 739 -52.36 -18.20 8.47
N ALA C 740 -53.65 -17.95 8.27
CA ALA C 740 -54.58 -17.88 9.40
C ALA C 740 -54.79 -19.24 10.07
N VAL C 741 -54.52 -20.31 9.31
CA VAL C 741 -54.68 -21.67 9.83
C VAL C 741 -53.47 -22.08 10.67
N GLN C 742 -52.27 -21.66 10.25
CA GLN C 742 -51.06 -21.88 11.03
C GLN C 742 -51.22 -21.27 12.41
N LYS C 743 -51.73 -20.04 12.44
CA LYS C 743 -51.96 -19.33 13.68
C LYS C 743 -52.96 -20.08 14.56
N ALA C 744 -54.09 -20.46 13.97
CA ALA C 744 -55.15 -21.14 14.70
C ALA C 744 -54.70 -22.47 15.28
N LEU C 745 -53.96 -23.25 14.47
CA LEU C 745 -53.44 -24.53 14.92
C LEU C 745 -52.38 -24.35 16.00
N LYS C 746 -51.59 -23.28 15.89
CA LYS C 746 -50.58 -22.96 16.88
C LYS C 746 -51.24 -22.64 18.23
N GLU C 747 -52.32 -21.88 18.19
CA GLU C 747 -53.07 -21.53 19.39
C GLU C 747 -53.73 -22.77 19.99
N CYS C 748 -54.20 -23.66 19.12
CA CYS C 748 -54.77 -24.93 19.57
C CYS C 748 -53.72 -25.74 20.30
N ILE C 749 -52.54 -25.81 19.70
CA ILE C 749 -51.41 -26.52 20.29
C ILE C 749 -51.02 -25.90 21.63
N ARG C 750 -50.99 -24.57 21.69
CA ARG C 750 -50.63 -23.85 22.90
C ARG C 750 -51.57 -24.18 24.05
N ARG C 751 -52.88 -24.14 23.77
CA ARG C 751 -53.90 -24.42 24.77
C ARG C 751 -53.85 -25.88 25.24
N MET C 752 -53.40 -26.76 24.36
CA MET C 752 -53.25 -28.18 24.71
C MET C 752 -52.12 -28.38 25.72
N LEU C 753 -50.96 -27.81 25.41
CA LEU C 753 -49.77 -28.02 26.23
C LEU C 753 -49.78 -27.20 27.52
N GLN C 754 -50.50 -26.08 27.50
CA GLN C 754 -50.45 -25.14 28.63
C GLN C 754 -51.72 -25.12 29.48
N GLU C 755 -52.88 -25.31 28.84
CA GLU C 755 -54.14 -25.13 29.54
C GLU C 755 -54.98 -26.40 29.64
N GLY C 756 -55.05 -27.17 28.57
CA GLY C 756 -55.73 -28.45 28.60
C GLY C 756 -56.83 -28.65 27.57
N GLU C 757 -57.64 -29.68 27.80
CA GLU C 757 -58.68 -30.08 26.86
C GLU C 757 -59.82 -29.06 26.73
N GLU C 758 -60.28 -28.55 27.87
CA GLU C 758 -61.41 -27.63 27.89
C GLU C 758 -61.11 -26.33 27.14
N SER C 759 -59.87 -25.86 27.28
CA SER C 759 -59.43 -24.65 26.59
C SER C 759 -59.35 -24.85 25.09
N LEU C 760 -59.03 -26.08 24.69
CA LEU C 760 -58.96 -26.44 23.28
C LEU C 760 -60.35 -26.37 22.66
N GLN C 761 -61.31 -26.99 23.33
CA GLN C 761 -62.69 -27.07 22.84
C GLN C 761 -63.33 -25.68 22.75
N GLU C 762 -62.97 -24.80 23.67
CA GLU C 762 -63.51 -23.45 23.68
C GLU C 762 -63.03 -22.64 22.48
N TYR C 763 -61.75 -22.76 22.17
CA TYR C 763 -61.17 -22.00 21.06
C TYR C 763 -61.54 -22.59 19.70
N PHE C 764 -61.76 -23.89 19.67
CA PHE C 764 -62.19 -24.55 18.44
C PHE C 764 -63.60 -24.10 18.07
N LYS C 765 -64.48 -24.07 19.06
CA LYS C 765 -65.88 -23.71 18.85
C LYS C 765 -65.97 -22.28 18.31
N GLU C 766 -65.12 -21.40 18.83
CA GLU C 766 -65.15 -20.00 18.43
C GLU C 766 -64.50 -19.78 17.06
N PHE C 767 -63.41 -20.50 16.80
CA PHE C 767 -62.69 -20.33 15.54
C PHE C 767 -63.49 -20.78 14.33
N GLU C 768 -64.10 -21.97 14.40
CA GLU C 768 -64.84 -22.50 13.27
C GLU C 768 -66.18 -21.79 13.09
N LYS C 769 -66.51 -20.94 14.05
CA LYS C 769 -67.74 -20.14 14.00
C LYS C 769 -67.47 -18.81 13.30
N GLU C 770 -66.24 -18.33 13.39
CA GLU C 770 -65.89 -17.01 12.86
C GLU C 770 -64.95 -17.06 11.66
N PHE C 771 -64.44 -18.24 11.34
CA PHE C 771 -63.38 -18.38 10.33
C PHE C 771 -63.79 -17.95 8.92
N ARG C 772 -65.09 -17.87 8.67
CA ARG C 772 -65.57 -17.51 7.34
C ARG C 772 -65.37 -16.02 7.03
N GLN C 773 -64.97 -15.26 8.04
CA GLN C 773 -64.75 -13.83 7.87
C GLN C 773 -63.28 -13.48 7.78
N LEU C 774 -62.42 -14.49 7.80
CA LEU C 774 -60.99 -14.28 7.63
C LEU C 774 -60.70 -13.87 6.20
N ASN C 775 -59.65 -13.08 6.01
CA ASN C 775 -59.26 -12.65 4.68
C ASN C 775 -58.89 -13.85 3.80
N TYR C 776 -59.37 -13.84 2.57
CA TYR C 776 -59.26 -14.99 1.67
C TYR C 776 -57.82 -15.44 1.43
N ILE C 777 -56.89 -14.48 1.45
CA ILE C 777 -55.48 -14.78 1.27
C ILE C 777 -54.93 -15.62 2.43
N SER C 778 -55.35 -15.28 3.64
CA SER C 778 -54.84 -15.94 4.84
C SER C 778 -55.38 -17.36 5.02
N ILE C 779 -56.50 -17.68 4.36
CA ILE C 779 -57.08 -19.01 4.46
C ILE C 779 -56.90 -19.83 3.19
N ALA C 780 -55.97 -19.40 2.33
CA ALA C 780 -55.68 -20.12 1.10
C ALA C 780 -54.41 -20.95 1.24
N SER C 781 -54.43 -22.17 0.70
CA SER C 781 -53.27 -23.04 0.72
C SER C 781 -52.20 -22.53 -0.23
N VAL C 782 -50.97 -23.00 -0.03
CA VAL C 782 -49.86 -22.61 -0.89
C VAL C 782 -49.15 -23.85 -1.44
N SER C 783 -48.71 -23.80 -2.68
CA SER C 783 -48.00 -24.92 -3.29
C SER C 783 -47.14 -24.45 -4.45
N SER C 784 -45.99 -25.10 -4.63
CA SER C 784 -45.13 -24.84 -5.78
C SER C 784 -45.82 -25.31 -7.05
N ALA C 785 -45.54 -24.66 -8.16
CA ALA C 785 -46.20 -24.97 -9.42
C ALA C 785 -45.23 -25.53 -10.47
N ASN C 786 -45.08 -26.85 -10.48
CA ASN C 786 -44.19 -27.49 -11.44
C ASN C 786 -44.95 -28.27 -12.51
N ASN C 787 -44.43 -28.24 -13.73
CA ASN C 787 -44.99 -28.99 -14.85
C ASN C 787 -46.45 -28.71 -15.14
N ILE C 788 -46.80 -27.43 -15.28
CA ILE C 788 -48.17 -27.04 -15.59
C ILE C 788 -48.61 -27.58 -16.95
N ALA C 789 -47.77 -27.40 -17.95
CA ALA C 789 -48.08 -27.82 -19.31
C ALA C 789 -48.24 -29.33 -19.44
N LYS C 790 -47.58 -30.08 -18.55
CA LYS C 790 -47.66 -31.54 -18.55
C LYS C 790 -49.09 -32.00 -18.29
N TYR C 791 -49.79 -31.32 -17.39
CA TYR C 791 -51.14 -31.69 -17.01
C TYR C 791 -52.19 -30.79 -17.64
N ASP C 792 -51.81 -30.09 -18.71
CA ASP C 792 -52.72 -29.20 -19.40
C ASP C 792 -53.15 -29.79 -20.75
N VAL C 793 -54.42 -30.16 -20.84
CA VAL C 793 -54.98 -30.68 -22.09
C VAL C 793 -56.15 -29.83 -22.56
N GLY C 794 -55.86 -28.88 -23.45
CA GLY C 794 -56.88 -28.00 -24.00
C GLY C 794 -57.44 -27.02 -22.99
N GLY C 795 -56.61 -26.62 -22.03
CA GLY C 795 -57.02 -25.67 -21.01
C GLY C 795 -57.79 -26.35 -19.88
N PHE C 796 -57.76 -27.67 -19.87
CA PHE C 796 -58.47 -28.45 -18.85
C PHE C 796 -57.56 -29.47 -18.20
N PRO C 797 -57.88 -29.88 -16.95
CA PRO C 797 -57.10 -30.88 -16.22
C PRO C 797 -56.93 -32.18 -16.99
N GLY C 798 -55.69 -32.54 -17.27
CA GLY C 798 -55.39 -33.80 -17.93
C GLY C 798 -55.34 -34.93 -16.92
N PRO C 799 -54.96 -36.13 -17.38
CA PRO C 799 -54.83 -37.30 -16.50
C PRO C 799 -53.77 -37.09 -15.41
N LYS C 800 -54.10 -37.52 -14.19
CA LYS C 800 -53.21 -37.40 -13.04
C LYS C 800 -52.83 -35.96 -12.68
N CYS C 801 -53.70 -35.02 -13.05
CA CYS C 801 -53.48 -33.61 -12.76
C CYS C 801 -53.59 -33.33 -11.27
N PRO C 802 -52.52 -32.78 -10.68
CA PRO C 802 -52.51 -32.40 -9.25
C PRO C 802 -53.56 -31.34 -8.93
N PHE C 803 -53.96 -31.28 -7.66
CA PHE C 803 -55.02 -30.37 -7.23
C PHE C 803 -54.67 -28.91 -7.48
N HIS C 804 -53.49 -28.49 -7.06
CA HIS C 804 -53.08 -27.09 -7.20
C HIS C 804 -52.86 -26.73 -8.67
N ILE C 805 -52.36 -27.68 -9.46
CA ILE C 805 -52.19 -27.47 -10.89
C ILE C 805 -53.55 -27.33 -11.56
N ARG C 806 -54.52 -28.08 -11.07
CA ARG C 806 -55.90 -27.99 -11.57
C ARG C 806 -56.46 -26.59 -11.34
N GLY C 807 -56.11 -26.00 -10.20
CA GLY C 807 -56.57 -24.66 -9.86
C GLY C 807 -55.98 -23.61 -10.79
N ILE C 808 -54.74 -23.85 -11.22
CA ILE C 808 -54.07 -22.93 -12.13
C ILE C 808 -54.73 -22.94 -13.51
N LEU C 809 -55.12 -24.13 -13.97
CA LEU C 809 -55.81 -24.27 -15.24
C LEU C 809 -57.18 -23.61 -15.18
N THR C 810 -57.79 -23.62 -14.00
CA THR C 810 -59.06 -22.92 -13.78
C THR C 810 -58.85 -21.43 -13.90
N TYR C 811 -57.72 -20.95 -13.38
CA TYR C 811 -57.37 -19.54 -13.42
C TYR C 811 -57.04 -19.08 -14.83
N ASN C 812 -56.41 -19.94 -15.62
CA ASN C 812 -56.02 -19.60 -16.98
C ASN C 812 -57.20 -19.48 -17.94
N ARG C 813 -58.29 -20.15 -17.61
CA ARG C 813 -59.52 -20.03 -18.40
C ARG C 813 -60.26 -18.75 -18.04
N ALA C 814 -60.10 -18.31 -16.79
CA ALA C 814 -60.79 -17.12 -16.30
C ALA C 814 -60.11 -15.84 -16.76
N ILE C 815 -58.82 -15.92 -17.05
CA ILE C 815 -58.06 -14.76 -17.50
C ILE C 815 -57.81 -14.79 -19.01
N LYS C 816 -58.53 -15.68 -19.69
CA LYS C 816 -58.39 -15.83 -21.13
C LYS C 816 -58.90 -14.59 -21.87
N GLY C 817 -57.98 -13.82 -22.43
CA GLY C 817 -58.33 -12.62 -23.17
C GLY C 817 -58.17 -11.36 -22.35
N ASN C 818 -57.37 -11.44 -21.29
CA ASN C 818 -57.12 -10.29 -20.43
C ASN C 818 -55.64 -9.91 -20.42
N ILE C 819 -55.34 -8.74 -20.97
CA ILE C 819 -53.96 -8.30 -21.17
C ILE C 819 -53.24 -8.01 -19.86
N ASP C 820 -53.92 -7.34 -18.93
CA ASP C 820 -53.31 -6.94 -17.66
C ASP C 820 -53.45 -8.00 -16.57
N ALA C 821 -53.80 -9.22 -16.97
CA ALA C 821 -53.98 -10.31 -16.02
C ALA C 821 -52.64 -10.89 -15.58
N PRO C 822 -52.41 -10.95 -14.26
CA PRO C 822 -51.19 -11.54 -13.69
C PRO C 822 -51.05 -13.01 -14.11
N GLN C 823 -49.89 -13.37 -14.63
CA GLN C 823 -49.66 -14.71 -15.15
C GLN C 823 -48.98 -15.64 -14.15
N VAL C 824 -49.53 -16.83 -13.99
CA VAL C 824 -48.93 -17.85 -13.14
C VAL C 824 -47.65 -18.37 -13.79
N VAL C 825 -46.53 -18.16 -13.11
CA VAL C 825 -45.23 -18.53 -13.66
C VAL C 825 -44.80 -19.94 -13.26
N GLU C 826 -44.33 -20.69 -14.25
CA GLU C 826 -43.86 -22.05 -14.04
C GLU C 826 -42.67 -22.08 -13.08
N GLY C 827 -42.71 -22.99 -12.11
CA GLY C 827 -41.62 -23.18 -11.18
C GLY C 827 -41.77 -22.40 -9.89
N GLU C 828 -42.70 -21.45 -9.87
CA GLU C 828 -42.93 -20.65 -8.67
C GLU C 828 -44.12 -21.17 -7.88
N LYS C 829 -44.67 -20.34 -7.00
CA LYS C 829 -45.71 -20.80 -6.06
C LYS C 829 -47.04 -20.08 -6.25
N VAL C 830 -48.12 -20.71 -5.80
CA VAL C 830 -49.47 -20.17 -5.95
C VAL C 830 -50.31 -20.35 -4.70
N TYR C 831 -51.28 -19.45 -4.51
CA TYR C 831 -52.32 -19.63 -3.51
C TYR C 831 -53.39 -20.54 -4.10
N VAL C 832 -54.01 -21.36 -3.27
CA VAL C 832 -55.04 -22.28 -3.76
C VAL C 832 -56.32 -22.19 -2.93
N LEU C 833 -57.45 -21.99 -3.61
CA LEU C 833 -58.76 -21.95 -2.96
C LEU C 833 -59.74 -22.89 -3.62
N PRO C 834 -60.44 -23.70 -2.82
CA PRO C 834 -61.51 -24.58 -3.32
C PRO C 834 -62.79 -23.79 -3.60
N LEU C 835 -63.55 -24.20 -4.61
CA LEU C 835 -64.81 -23.56 -4.93
C LEU C 835 -66.01 -24.48 -4.70
N ARG C 836 -67.14 -23.90 -4.34
CA ARG C 836 -68.35 -24.66 -4.12
C ARG C 836 -68.91 -25.18 -5.44
N GLU C 837 -69.77 -26.20 -5.36
CA GLU C 837 -70.37 -26.79 -6.55
C GLU C 837 -71.31 -25.80 -7.23
N GLY C 838 -71.14 -25.61 -8.52
CA GLY C 838 -72.00 -24.73 -9.29
C GLY C 838 -71.34 -23.40 -9.66
N ASN C 839 -70.07 -23.26 -9.30
CA ASN C 839 -69.33 -22.03 -9.61
C ASN C 839 -69.11 -21.87 -11.12
N PRO C 840 -69.07 -20.61 -11.58
CA PRO C 840 -68.90 -20.32 -13.01
C PRO C 840 -67.47 -20.51 -13.51
N PHE C 841 -66.58 -21.01 -12.66
CA PHE C 841 -65.20 -21.26 -13.05
C PHE C 841 -65.04 -22.64 -13.68
N GLY C 842 -66.00 -23.52 -13.42
CA GLY C 842 -66.04 -24.83 -14.04
C GLY C 842 -65.27 -25.92 -13.34
N ASP C 843 -64.62 -25.59 -12.23
CA ASP C 843 -63.84 -26.59 -11.49
C ASP C 843 -63.91 -26.38 -9.97
N LYS C 844 -63.48 -27.38 -9.23
CA LYS C 844 -63.64 -27.39 -7.78
C LYS C 844 -62.59 -26.57 -7.02
N CYS C 845 -61.67 -25.96 -7.76
CA CYS C 845 -60.66 -25.10 -7.13
C CYS C 845 -60.05 -24.10 -8.12
N ILE C 846 -59.36 -23.11 -7.57
CA ILE C 846 -58.68 -22.11 -8.39
C ILE C 846 -57.37 -21.69 -7.72
N ALA C 847 -56.41 -21.26 -8.53
CA ALA C 847 -55.11 -20.84 -8.01
C ALA C 847 -54.70 -19.48 -8.58
N TRP C 848 -53.73 -18.84 -7.92
CA TRP C 848 -53.21 -17.56 -8.40
C TRP C 848 -51.85 -17.29 -7.72
N PRO C 849 -51.01 -16.46 -8.36
CA PRO C 849 -49.67 -16.14 -7.84
C PRO C 849 -49.62 -15.81 -6.35
N SER C 850 -48.75 -16.49 -5.62
CA SER C 850 -48.59 -16.28 -4.19
C SER C 850 -47.96 -14.92 -3.90
N GLY C 851 -48.39 -14.29 -2.81
CA GLY C 851 -47.87 -13.01 -2.41
C GLY C 851 -48.57 -11.84 -3.07
N THR C 852 -49.57 -12.15 -3.91
CA THR C 852 -50.30 -11.11 -4.63
C THR C 852 -51.81 -11.24 -4.43
N GLU C 853 -52.51 -10.13 -4.63
CA GLU C 853 -53.97 -10.15 -4.68
C GLU C 853 -54.40 -10.76 -6.00
N ILE C 854 -55.48 -11.53 -5.98
CA ILE C 854 -56.04 -12.04 -7.23
C ILE C 854 -56.67 -10.86 -7.97
N THR C 855 -56.64 -10.91 -9.30
CA THR C 855 -57.09 -9.77 -10.11
C THR C 855 -58.56 -9.44 -9.90
N ASP C 856 -58.89 -8.17 -10.07
CA ASP C 856 -60.26 -7.68 -9.87
C ASP C 856 -61.23 -8.24 -10.90
N LEU C 857 -60.69 -8.81 -11.97
CA LEU C 857 -61.51 -9.40 -13.02
C LEU C 857 -62.36 -10.55 -12.49
N ILE C 858 -61.81 -11.28 -11.51
CA ILE C 858 -62.49 -12.47 -10.99
C ILE C 858 -62.56 -12.48 -9.47
N LYS C 859 -61.94 -11.50 -8.82
CA LYS C 859 -61.88 -11.46 -7.35
C LYS C 859 -63.25 -11.53 -6.68
N ASP C 860 -64.21 -10.79 -7.22
CA ASP C 860 -65.56 -10.76 -6.67
C ASP C 860 -66.21 -12.14 -6.66
N ASP C 861 -66.11 -12.84 -7.78
CA ASP C 861 -66.73 -14.16 -7.91
C ASP C 861 -66.01 -15.24 -7.11
N VAL C 862 -64.69 -15.12 -7.01
CA VAL C 862 -63.90 -16.07 -6.23
C VAL C 862 -64.32 -16.05 -4.76
N LEU C 863 -64.47 -14.85 -4.21
CA LEU C 863 -64.89 -14.67 -2.82
C LEU C 863 -66.28 -15.27 -2.58
N HIS C 864 -67.14 -15.15 -3.58
CA HIS C 864 -68.52 -15.61 -3.46
C HIS C 864 -68.64 -17.13 -3.52
N TRP C 865 -67.73 -17.78 -4.24
CA TRP C 865 -67.84 -19.21 -4.50
C TRP C 865 -66.85 -20.09 -3.74
N MET C 866 -65.98 -19.47 -2.95
CA MET C 866 -64.99 -20.24 -2.21
C MET C 866 -65.62 -21.15 -1.16
N ASP C 867 -65.24 -22.42 -1.18
CA ASP C 867 -65.83 -23.42 -0.30
C ASP C 867 -65.23 -23.38 1.10
N TYR C 868 -65.92 -22.70 2.01
CA TYR C 868 -65.45 -22.55 3.39
C TYR C 868 -65.40 -23.87 4.14
N THR C 869 -66.39 -24.72 3.89
CA THR C 869 -66.48 -26.02 4.55
C THR C 869 -65.27 -26.89 4.21
N VAL C 870 -65.01 -27.06 2.92
CA VAL C 870 -63.88 -27.84 2.44
C VAL C 870 -62.57 -27.21 2.90
N LEU C 871 -62.54 -25.88 2.93
CA LEU C 871 -61.38 -25.13 3.38
C LEU C 871 -61.02 -25.50 4.82
N LEU C 872 -62.01 -25.54 5.68
CA LEU C 872 -61.81 -25.83 7.10
C LEU C 872 -61.42 -27.29 7.33
N GLU C 873 -62.13 -28.20 6.67
CA GLU C 873 -61.90 -29.62 6.82
C GLU C 873 -60.50 -30.06 6.39
N LYS C 874 -60.00 -29.46 5.31
CA LYS C 874 -58.73 -29.86 4.73
C LYS C 874 -57.52 -29.29 5.46
N THR C 875 -57.59 -28.03 5.84
CA THR C 875 -56.43 -27.34 6.40
C THR C 875 -56.41 -27.29 7.92
N PHE C 876 -57.59 -27.29 8.54
CA PHE C 876 -57.67 -27.12 9.98
C PHE C 876 -58.14 -28.36 10.73
N ILE C 877 -59.33 -28.85 10.39
CA ILE C 877 -59.94 -29.98 11.08
C ILE C 877 -59.07 -31.23 11.03
N LYS C 878 -58.62 -31.58 9.83
CA LYS C 878 -57.85 -32.80 9.63
C LYS C 878 -56.49 -32.83 10.35
N PRO C 879 -55.71 -31.73 10.26
CA PRO C 879 -54.46 -31.76 11.04
C PRO C 879 -54.69 -31.70 12.54
N LEU C 880 -55.77 -31.05 12.97
CA LEU C 880 -56.07 -30.95 14.39
C LEU C 880 -56.51 -32.29 14.96
N GLU C 881 -57.29 -33.03 14.18
CA GLU C 881 -57.72 -34.37 14.58
C GLU C 881 -56.51 -35.28 14.72
N GLY C 882 -55.48 -35.00 13.94
CA GLY C 882 -54.23 -35.73 14.03
C GLY C 882 -53.49 -35.42 15.32
N PHE C 883 -53.56 -34.17 15.75
CA PHE C 883 -52.92 -33.73 16.99
C PHE C 883 -53.64 -34.34 18.19
N THR C 884 -54.97 -34.28 18.14
CA THR C 884 -55.80 -34.64 19.29
C THR C 884 -55.91 -36.15 19.50
N SER C 885 -56.02 -36.91 18.40
CA SER C 885 -56.08 -38.36 18.48
CA SER C 885 -56.09 -38.36 18.49
C SER C 885 -54.79 -38.92 19.07
N ALA C 886 -53.68 -38.28 18.75
CA ALA C 886 -52.38 -38.68 19.27
C ALA C 886 -52.28 -38.32 20.75
N ALA C 887 -52.78 -37.14 21.10
CA ALA C 887 -52.70 -36.64 22.47
C ALA C 887 -53.88 -37.11 23.32
N LYS C 888 -54.70 -37.99 22.75
CA LYS C 888 -55.88 -38.54 23.43
C LYS C 888 -56.84 -37.44 23.90
N LEU C 889 -56.97 -36.40 23.09
CA LEU C 889 -57.85 -35.29 23.40
C LEU C 889 -58.98 -35.17 22.38
N ASP C 890 -60.03 -34.43 22.74
CA ASP C 890 -61.11 -34.13 21.82
C ASP C 890 -61.22 -32.62 21.64
N TYR C 891 -61.13 -32.17 20.39
CA TYR C 891 -61.15 -30.74 20.11
C TYR C 891 -62.56 -30.14 20.22
N GLU C 892 -63.56 -31.02 20.35
CA GLU C 892 -64.92 -30.57 20.60
C GLU C 892 -65.52 -31.35 21.76
N LYS C 893 -66.31 -30.66 22.59
CA LYS C 893 -66.83 -31.23 23.83
C LYS C 893 -67.74 -32.43 23.60
N LYS C 894 -67.44 -33.52 24.29
CA LYS C 894 -68.29 -34.70 24.29
C LYS C 894 -69.11 -34.70 25.58
N ALA C 895 -70.34 -35.18 25.49
CA ALA C 895 -71.17 -35.33 26.67
C ALA C 895 -70.74 -36.60 27.42
N SER C 896 -70.74 -36.54 28.74
CA SER C 896 -70.21 -37.63 29.54
C SER C 896 -71.29 -38.31 30.38
N LEU C 897 -71.75 -37.61 31.41
CA LEU C 897 -72.75 -38.10 32.36
C LEU C 897 -72.92 -37.04 33.44
N PHE C 898 -71.81 -36.41 33.79
CA PHE C 898 -71.78 -35.43 34.87
C PHE C 898 -71.98 -34.02 34.33
N ASP C 899 -72.77 -33.91 33.26
CA ASP C 899 -72.95 -32.63 32.58
C ASP C 899 -73.89 -31.69 33.33
N MET C 900 -74.71 -32.24 34.20
CA MET C 900 -75.68 -31.43 34.95
C MET C 900 -75.56 -31.67 36.45
N1 XG4 G . 31.90 19.01 -13.74
C2 XG4 G . 31.86 18.70 -15.06
N2 XG4 G . 32.05 17.41 -15.43
N3 XG4 G . 31.64 19.63 -16.02
C4 XG4 G . 31.45 20.93 -15.70
C5 XG4 G . 31.48 21.33 -14.29
C6 XG4 G . 31.72 20.25 -13.30
O6 XG4 G . 31.75 20.53 -12.08
N7 XG4 G . 31.27 22.66 -14.25
C8 XG4 G . 31.12 23.08 -15.53
N9 XG4 G . 31.23 22.05 -16.39
PA XG4 G . 28.20 26.08 -15.84
PB XG4 G . 25.26 26.52 -16.41
PG XG4 G . 24.06 28.53 -14.83
C1' XG4 G . 31.10 22.14 -17.86
O1A XG4 G . 29.29 27.05 -15.58
O1B XG4 G . 25.09 25.05 -16.35
O1G XG4 G . 24.08 28.81 -13.35
C2' XG4 G . 29.80 21.45 -18.21
O2A XG4 G . 27.62 25.54 -14.45
O2B XG4 G . 24.37 27.10 -17.62
O2G XG4 G . 22.68 28.21 -15.38
C3' XG4 G . 28.81 22.59 -18.29
O3' XG4 G . 27.78 22.32 -19.26
N3A XG4 G . 26.93 26.90 -16.73
O3B XG4 G . 24.87 27.16 -14.99
O3G XG4 G . 24.87 29.51 -15.65
C4' XG4 G . 29.65 23.78 -18.69
O4' XG4 G . 30.97 23.51 -18.21
C5' XG4 G . 29.12 25.08 -18.10
O5' XG4 G . 28.77 24.87 -16.74
N1 XG4 H . 16.00 -4.36 -13.25
C2 XG4 H . 14.81 -4.90 -12.95
N2 XG4 H . 13.75 -4.55 -13.72
N3 XG4 H . 14.66 -5.80 -11.92
C4 XG4 H . 15.71 -6.16 -11.13
C5 XG4 H . 17.03 -5.58 -11.43
C6 XG4 H . 17.11 -4.64 -12.56
O6 XG4 H . 18.22 -4.12 -12.83
N7 XG4 H . 17.92 -6.07 -10.56
C8 XG4 H . 17.23 -6.92 -9.76
N9 XG4 H . 15.92 -6.97 -10.09
PA XG4 H . 9.49 -6.89 -10.79
PB XG4 H . 7.43 -8.76 -9.53
PG XG4 H . 8.55 -10.59 -7.66
C1' XG4 H . 14.95 -7.83 -9.39
O1A XG4 H . 9.37 -7.64 -12.06
O1B XG4 H . 7.84 -9.71 -10.57
O1G XG4 H . 9.77 -10.87 -8.51
C2' XG4 H . 14.02 -7.05 -8.47
O2A XG4 H . 9.64 -5.32 -11.09
O2B XG4 H . 5.83 -8.75 -9.40
O2G XG4 H . 7.35 -11.45 -7.98
C3' XG4 H . 12.86 -7.99 -8.33
O3' XG4 H . 13.20 -8.89 -7.27
N3A XG4 H . 8.05 -7.14 -9.82
O3B XG4 H . 8.10 -9.11 -8.11
O3G XG4 H . 8.81 -10.39 -6.19
C4' XG4 H . 12.83 -8.73 -9.64
O4' XG4 H . 14.09 -8.49 -10.30
C5' XG4 H . 11.67 -8.32 -10.53
O5' XG4 H . 10.79 -7.36 -9.96
CA CA I . 24.59 29.29 -18.17
NA NA J . 25.87 25.88 -19.63
N1 XG4 K . -26.82 -30.86 5.27
C2 XG4 K . -26.31 -32.04 5.66
N2 XG4 K . -25.59 -32.77 4.78
N3 XG4 K . -26.48 -32.53 6.92
C4 XG4 K . -27.20 -31.85 7.85
C5 XG4 K . -27.78 -30.56 7.47
C6 XG4 K . -27.55 -30.09 6.09
O6 XG4 K . -28.03 -29.00 5.70
N7 XG4 K . -28.43 -30.10 8.56
C8 XG4 K . -28.27 -31.01 9.55
N9 XG4 K . -27.54 -32.06 9.11
PA XG4 K . -27.74 -29.38 13.15
PB XG4 K . -25.65 -28.58 15.20
PG XG4 K . -26.14 -26.21 16.65
C1' XG4 K . -27.14 -33.24 9.92
O1A XG4 K . -29.20 -29.18 13.18
O1B XG4 K . -24.64 -28.83 14.14
O1G XG4 K . -26.96 -27.15 17.51
C2' XG4 K . -25.64 -33.16 10.15
O2A XG4 K . -27.04 -28.18 12.34
O2B XG4 K . -25.12 -29.16 16.62
O2G XG4 K . -26.88 -24.97 16.22
C3' XG4 K . -25.50 -32.68 11.58
O3' XG4 K . -24.38 -33.32 12.20
N3A XG4 K . -27.13 -29.43 14.79
O3B XG4 K . -25.99 -27.02 15.26
O3G XG4 K . -24.73 -26.00 17.13
C4' XG4 K . -26.81 -33.06 12.25
O4' XG4 K . -27.78 -33.19 11.20
C5' XG4 K . -27.27 -31.99 13.21
O5' XG4 K . -27.39 -30.78 12.45
N1 XG4 L . -0.89 -28.91 -5.26
C2 XG4 L . 0.19 -28.10 -5.28
N2 XG4 L . 1.07 -28.18 -4.25
N3 XG4 L . 0.43 -27.21 -6.28
C4 XG4 L . -0.41 -27.09 -7.33
C5 XG4 L . -1.61 -27.95 -7.36
C6 XG4 L . -1.81 -28.89 -6.23
O6 XG4 L . -2.80 -29.66 -6.20
N7 XG4 L . -2.27 -27.65 -8.48
C8 XG4 L . -1.58 -26.68 -9.12
N9 XG4 L . -0.47 -26.34 -8.44
PA XG4 L . 4.87 -24.27 -5.76
PB XG4 L . 7.55 -22.90 -6.05
PG XG4 L . 9.90 -24.27 -6.81
C1' XG4 L . 0.49 -25.30 -8.93
O1A XG4 L . 4.90 -25.39 -4.80
O1B XG4 L . 7.01 -22.23 -4.84
O1G XG4 L . 10.48 -23.14 -7.62
C2' XG4 L . 0.46 -24.02 -8.11
O2A XG4 L . 4.56 -22.90 -4.99
O2B XG4 L . 7.72 -21.82 -7.23
O2G XG4 L . 8.91 -25.13 -7.57
C3' XG4 L . 1.84 -23.44 -8.38
O3' XG4 L . 1.72 -22.37 -9.33
N3A XG4 L . 6.43 -24.15 -6.56
O3B XG4 L . 8.99 -23.55 -5.70
O3G XG4 L . 10.89 -25.07 -6.00
C4' XG4 L . 2.67 -24.56 -8.99
O4' XG4 L . 1.85 -25.74 -8.97
C5' XG4 L . 3.97 -24.77 -8.21
O5' XG4 L . 3.69 -24.53 -6.83
CA CA M . -26.24 -29.17 18.77
NA NA N . -25.08 -32.49 16.43
#